data_1A58
# 
_entry.id   1A58 
# 
_audit_conform.dict_name       mmcif_pdbx.dic 
_audit_conform.dict_version    5.385 
_audit_conform.dict_location   http://mmcif.pdb.org/dictionaries/ascii/mmcif_pdbx.dic 
# 
loop_
_database_2.database_id 
_database_2.database_code 
_database_2.pdbx_database_accession 
_database_2.pdbx_DOI 
PDB   1A58         pdb_00001a58 10.2210/pdb1a58/pdb 
WWPDB D_1000170407 ?            ?                   
# 
loop_
_pdbx_audit_revision_history.ordinal 
_pdbx_audit_revision_history.data_content_type 
_pdbx_audit_revision_history.major_revision 
_pdbx_audit_revision_history.minor_revision 
_pdbx_audit_revision_history.revision_date 
1 'Structure model' 1 0 1998-05-27 
2 'Structure model' 1 1 2008-03-24 
3 'Structure model' 1 2 2011-07-13 
4 'Structure model' 1 3 2024-02-07 
# 
_pdbx_audit_revision_details.ordinal             1 
_pdbx_audit_revision_details.revision_ordinal    1 
_pdbx_audit_revision_details.data_content_type   'Structure model' 
_pdbx_audit_revision_details.provider            repository 
_pdbx_audit_revision_details.type                'Initial release' 
_pdbx_audit_revision_details.description         ? 
_pdbx_audit_revision_details.details             ? 
# 
loop_
_pdbx_audit_revision_group.ordinal 
_pdbx_audit_revision_group.revision_ordinal 
_pdbx_audit_revision_group.data_content_type 
_pdbx_audit_revision_group.group 
1 2 'Structure model' 'Version format compliance' 
2 3 'Structure model' 'Version format compliance' 
3 4 'Structure model' 'Data collection'           
4 4 'Structure model' 'Database references'       
5 4 'Structure model' Other                       
# 
loop_
_pdbx_audit_revision_category.ordinal 
_pdbx_audit_revision_category.revision_ordinal 
_pdbx_audit_revision_category.data_content_type 
_pdbx_audit_revision_category.category 
1 4 'Structure model' chem_comp_atom       
2 4 'Structure model' chem_comp_bond       
3 4 'Structure model' database_2           
4 4 'Structure model' pdbx_database_status 
# 
loop_
_pdbx_audit_revision_item.ordinal 
_pdbx_audit_revision_item.revision_ordinal 
_pdbx_audit_revision_item.data_content_type 
_pdbx_audit_revision_item.item 
1 4 'Structure model' '_database_2.pdbx_DOI'                
2 4 'Structure model' '_database_2.pdbx_database_accession' 
3 4 'Structure model' '_pdbx_database_status.process_site'  
# 
_pdbx_database_status.status_code                     REL 
_pdbx_database_status.entry_id                        1A58 
_pdbx_database_status.recvd_initial_deposition_date   1998-02-20 
_pdbx_database_status.deposit_site                    ? 
_pdbx_database_status.process_site                    BNL 
_pdbx_database_status.SG_entry                        . 
_pdbx_database_status.pdb_format_compatible           Y 
_pdbx_database_status.status_code_mr                  ? 
_pdbx_database_status.status_code_sf                  ? 
_pdbx_database_status.status_code_cs                  ? 
_pdbx_database_status.status_code_nmr_data            ? 
_pdbx_database_status.methods_development_category    ? 
# 
loop_
_audit_author.name 
_audit_author.pdbx_ordinal 
'Taylor, P.'       1 
'Page, A.P.'       2 
'Kontopidis, G.'   3 
'Husi, H.'         4 
'Walkinshaw, M.D.' 5 
# 
_citation.id                        primary 
_citation.title                     'The X-ray structure of a divergent cyclophilin from the nematode parasite Brugia malayi.' 
_citation.journal_abbrev            'FEBS Lett.' 
_citation.journal_volume            425 
_citation.page_first                361 
_citation.page_last                 366 
_citation.year                      1998 
_citation.journal_id_ASTM           FEBLAL 
_citation.country                   NE 
_citation.journal_id_ISSN           0014-5793 
_citation.journal_id_CSD            0165 
_citation.book_publisher            ? 
_citation.pdbx_database_id_PubMed   9559680 
_citation.pdbx_database_id_DOI      '10.1016/S0014-5793(98)00264-6' 
# 
loop_
_citation_author.citation_id 
_citation_author.name 
_citation_author.ordinal 
_citation_author.identifier_ORCID 
primary 'Taylor, P.'       1 ? 
primary 'Page, A.P.'       2 ? 
primary 'Kontopidis, G.'   3 ? 
primary 'Husi, H.'         4 ? 
primary 'Walkinshaw, M.D.' 5 ? 
# 
loop_
_entity.id 
_entity.type 
_entity.src_method 
_entity.pdbx_description 
_entity.formula_weight 
_entity.pdbx_number_of_molecules 
_entity.pdbx_ec 
_entity.pdbx_mutation 
_entity.pdbx_fragment 
_entity.details 
1 polymer man CYCLOPHILIN 19504.418 1   ? ? 'CYCLOPHILIN DOMAIN' ? 
2 water   nat water       18.015    154 ? ? ?                    ? 
# 
_entity_poly.entity_id                      1 
_entity_poly.type                           'polypeptide(L)' 
_entity_poly.nstd_linkage                   no 
_entity_poly.nstd_monomer                   no 
_entity_poly.pdbx_seq_one_letter_code       
;MSKKDRRRVFLDVTIDGNLAGRIVMELYNDIAPRTCNNFLMLCTGMAGTGKISGKPLHYKGSTFHRVIKNFMIQGGDFTK
GDGTGGESIYGGMFDDEEFVMKHDEPFVVSMANKGPNTNGSQFFITTTPAPHLNNIHVVFGKVVSGQEVVTKIEYLKTNS
KNRPLADVVILNCGELV
;
_entity_poly.pdbx_seq_one_letter_code_can   
;MSKKDRRRVFLDVTIDGNLAGRIVMELYNDIAPRTCNNFLMLCTGMAGTGKISGKPLHYKGSTFHRVIKNFMIQGGDFTK
GDGTGGESIYGGMFDDEEFVMKHDEPFVVSMANKGPNTNGSQFFITTTPAPHLNNIHVVFGKVVSGQEVVTKIEYLKTNS
KNRPLADVVILNCGELV
;
_entity_poly.pdbx_strand_id                 A 
_entity_poly.pdbx_target_identifier         ? 
# 
_pdbx_entity_nonpoly.entity_id   2 
_pdbx_entity_nonpoly.name        water 
_pdbx_entity_nonpoly.comp_id     HOH 
# 
loop_
_entity_poly_seq.entity_id 
_entity_poly_seq.num 
_entity_poly_seq.mon_id 
_entity_poly_seq.hetero 
1 1   MET n 
1 2   SER n 
1 3   LYS n 
1 4   LYS n 
1 5   ASP n 
1 6   ARG n 
1 7   ARG n 
1 8   ARG n 
1 9   VAL n 
1 10  PHE n 
1 11  LEU n 
1 12  ASP n 
1 13  VAL n 
1 14  THR n 
1 15  ILE n 
1 16  ASP n 
1 17  GLY n 
1 18  ASN n 
1 19  LEU n 
1 20  ALA n 
1 21  GLY n 
1 22  ARG n 
1 23  ILE n 
1 24  VAL n 
1 25  MET n 
1 26  GLU n 
1 27  LEU n 
1 28  TYR n 
1 29  ASN n 
1 30  ASP n 
1 31  ILE n 
1 32  ALA n 
1 33  PRO n 
1 34  ARG n 
1 35  THR n 
1 36  CYS n 
1 37  ASN n 
1 38  ASN n 
1 39  PHE n 
1 40  LEU n 
1 41  MET n 
1 42  LEU n 
1 43  CYS n 
1 44  THR n 
1 45  GLY n 
1 46  MET n 
1 47  ALA n 
1 48  GLY n 
1 49  THR n 
1 50  GLY n 
1 51  LYS n 
1 52  ILE n 
1 53  SER n 
1 54  GLY n 
1 55  LYS n 
1 56  PRO n 
1 57  LEU n 
1 58  HIS n 
1 59  TYR n 
1 60  LYS n 
1 61  GLY n 
1 62  SER n 
1 63  THR n 
1 64  PHE n 
1 65  HIS n 
1 66  ARG n 
1 67  VAL n 
1 68  ILE n 
1 69  LYS n 
1 70  ASN n 
1 71  PHE n 
1 72  MET n 
1 73  ILE n 
1 74  GLN n 
1 75  GLY n 
1 76  GLY n 
1 77  ASP n 
1 78  PHE n 
1 79  THR n 
1 80  LYS n 
1 81  GLY n 
1 82  ASP n 
1 83  GLY n 
1 84  THR n 
1 85  GLY n 
1 86  GLY n 
1 87  GLU n 
1 88  SER n 
1 89  ILE n 
1 90  TYR n 
1 91  GLY n 
1 92  GLY n 
1 93  MET n 
1 94  PHE n 
1 95  ASP n 
1 96  ASP n 
1 97  GLU n 
1 98  GLU n 
1 99  PHE n 
1 100 VAL n 
1 101 MET n 
1 102 LYS n 
1 103 HIS n 
1 104 ASP n 
1 105 GLU n 
1 106 PRO n 
1 107 PHE n 
1 108 VAL n 
1 109 VAL n 
1 110 SER n 
1 111 MET n 
1 112 ALA n 
1 113 ASN n 
1 114 LYS n 
1 115 GLY n 
1 116 PRO n 
1 117 ASN n 
1 118 THR n 
1 119 ASN n 
1 120 GLY n 
1 121 SER n 
1 122 GLN n 
1 123 PHE n 
1 124 PHE n 
1 125 ILE n 
1 126 THR n 
1 127 THR n 
1 128 THR n 
1 129 PRO n 
1 130 ALA n 
1 131 PRO n 
1 132 HIS n 
1 133 LEU n 
1 134 ASN n 
1 135 ASN n 
1 136 ILE n 
1 137 HIS n 
1 138 VAL n 
1 139 VAL n 
1 140 PHE n 
1 141 GLY n 
1 142 LYS n 
1 143 VAL n 
1 144 VAL n 
1 145 SER n 
1 146 GLY n 
1 147 GLN n 
1 148 GLU n 
1 149 VAL n 
1 150 VAL n 
1 151 THR n 
1 152 LYS n 
1 153 ILE n 
1 154 GLU n 
1 155 TYR n 
1 156 LEU n 
1 157 LYS n 
1 158 THR n 
1 159 ASN n 
1 160 SER n 
1 161 LYS n 
1 162 ASN n 
1 163 ARG n 
1 164 PRO n 
1 165 LEU n 
1 166 ALA n 
1 167 ASP n 
1 168 VAL n 
1 169 VAL n 
1 170 ILE n 
1 171 LEU n 
1 172 ASN n 
1 173 CYS n 
1 174 GLY n 
1 175 GLU n 
1 176 LEU n 
1 177 VAL n 
# 
_entity_src_gen.entity_id                          1 
_entity_src_gen.pdbx_src_id                        1 
_entity_src_gen.pdbx_alt_source_flag               sample 
_entity_src_gen.pdbx_seq_type                      ? 
_entity_src_gen.pdbx_beg_seq_num                   ? 
_entity_src_gen.pdbx_end_seq_num                   ? 
_entity_src_gen.gene_src_common_name               ? 
_entity_src_gen.gene_src_genus                     Brugia 
_entity_src_gen.pdbx_gene_src_gene                 CYCLOPHILIN 
_entity_src_gen.gene_src_species                   ? 
_entity_src_gen.gene_src_strain                    ? 
_entity_src_gen.gene_src_tissue                    ? 
_entity_src_gen.gene_src_tissue_fraction           ? 
_entity_src_gen.gene_src_details                   ? 
_entity_src_gen.pdbx_gene_src_fragment             ? 
_entity_src_gen.pdbx_gene_src_scientific_name      'Brugia malayi' 
_entity_src_gen.pdbx_gene_src_ncbi_taxonomy_id     6279 
_entity_src_gen.pdbx_gene_src_variant              ? 
_entity_src_gen.pdbx_gene_src_cell_line            ? 
_entity_src_gen.pdbx_gene_src_atcc                 ? 
_entity_src_gen.pdbx_gene_src_organ                ? 
_entity_src_gen.pdbx_gene_src_organelle            ? 
_entity_src_gen.pdbx_gene_src_cell                 ? 
_entity_src_gen.pdbx_gene_src_cellular_location    ? 
_entity_src_gen.host_org_common_name               ? 
_entity_src_gen.pdbx_host_org_scientific_name      'Escherichia coli' 
_entity_src_gen.pdbx_host_org_ncbi_taxonomy_id     562 
_entity_src_gen.host_org_genus                     Escherichia 
_entity_src_gen.pdbx_host_org_gene                 CYCLOPHILIN 
_entity_src_gen.pdbx_host_org_organ                ? 
_entity_src_gen.host_org_species                   ? 
_entity_src_gen.pdbx_host_org_tissue               ? 
_entity_src_gen.pdbx_host_org_tissue_fraction      ? 
_entity_src_gen.pdbx_host_org_strain               'XL-1 BLUE SUPERCOMPETANT' 
_entity_src_gen.pdbx_host_org_variant              ? 
_entity_src_gen.pdbx_host_org_cell_line            ? 
_entity_src_gen.pdbx_host_org_atcc                 ? 
_entity_src_gen.pdbx_host_org_culture_collection   ? 
_entity_src_gen.pdbx_host_org_cell                 ? 
_entity_src_gen.pdbx_host_org_organelle            ? 
_entity_src_gen.pdbx_host_org_cellular_location    ? 
_entity_src_gen.pdbx_host_org_vector_type          ? 
_entity_src_gen.pdbx_host_org_vector               ? 
_entity_src_gen.host_org_details                   ? 
_entity_src_gen.expression_system_id               ? 
_entity_src_gen.plasmid_name                       PMAL-C2 
_entity_src_gen.plasmid_details                    ? 
_entity_src_gen.pdbx_description                   ? 
# 
loop_
_chem_comp.id 
_chem_comp.type 
_chem_comp.mon_nstd_flag 
_chem_comp.name 
_chem_comp.pdbx_synonyms 
_chem_comp.formula 
_chem_comp.formula_weight 
ALA 'L-peptide linking' y ALANINE         ? 'C3 H7 N O2'     89.093  
ARG 'L-peptide linking' y ARGININE        ? 'C6 H15 N4 O2 1' 175.209 
ASN 'L-peptide linking' y ASPARAGINE      ? 'C4 H8 N2 O3'    132.118 
ASP 'L-peptide linking' y 'ASPARTIC ACID' ? 'C4 H7 N O4'     133.103 
CYS 'L-peptide linking' y CYSTEINE        ? 'C3 H7 N O2 S'   121.158 
GLN 'L-peptide linking' y GLUTAMINE       ? 'C5 H10 N2 O3'   146.144 
GLU 'L-peptide linking' y 'GLUTAMIC ACID' ? 'C5 H9 N O4'     147.129 
GLY 'peptide linking'   y GLYCINE         ? 'C2 H5 N O2'     75.067  
HIS 'L-peptide linking' y HISTIDINE       ? 'C6 H10 N3 O2 1' 156.162 
HOH non-polymer         . WATER           ? 'H2 O'           18.015  
ILE 'L-peptide linking' y ISOLEUCINE      ? 'C6 H13 N O2'    131.173 
LEU 'L-peptide linking' y LEUCINE         ? 'C6 H13 N O2'    131.173 
LYS 'L-peptide linking' y LYSINE          ? 'C6 H15 N2 O2 1' 147.195 
MET 'L-peptide linking' y METHIONINE      ? 'C5 H11 N O2 S'  149.211 
PHE 'L-peptide linking' y PHENYLALANINE   ? 'C9 H11 N O2'    165.189 
PRO 'L-peptide linking' y PROLINE         ? 'C5 H9 N O2'     115.130 
SER 'L-peptide linking' y SERINE          ? 'C3 H7 N O3'     105.093 
THR 'L-peptide linking' y THREONINE       ? 'C4 H9 N O3'     119.119 
TYR 'L-peptide linking' y TYROSINE        ? 'C9 H11 N O3'    181.189 
VAL 'L-peptide linking' y VALINE          ? 'C5 H11 N O2'    117.146 
# 
loop_
_pdbx_poly_seq_scheme.asym_id 
_pdbx_poly_seq_scheme.entity_id 
_pdbx_poly_seq_scheme.seq_id 
_pdbx_poly_seq_scheme.mon_id 
_pdbx_poly_seq_scheme.ndb_seq_num 
_pdbx_poly_seq_scheme.pdb_seq_num 
_pdbx_poly_seq_scheme.auth_seq_num 
_pdbx_poly_seq_scheme.pdb_mon_id 
_pdbx_poly_seq_scheme.auth_mon_id 
_pdbx_poly_seq_scheme.pdb_strand_id 
_pdbx_poly_seq_scheme.pdb_ins_code 
_pdbx_poly_seq_scheme.hetero 
A 1 1   MET 1   1   1   MET MET A . n 
A 1 2   SER 2   2   2   SER SER A . n 
A 1 3   LYS 3   3   3   LYS LYS A . n 
A 1 4   LYS 4   4   4   LYS LYS A . n 
A 1 5   ASP 5   5   5   ASP ASP A . n 
A 1 6   ARG 6   6   6   ARG ARG A . n 
A 1 7   ARG 7   7   7   ARG ARG A . n 
A 1 8   ARG 8   8   8   ARG ARG A . n 
A 1 9   VAL 9   9   9   VAL VAL A . n 
A 1 10  PHE 10  10  10  PHE PHE A . n 
A 1 11  LEU 11  11  11  LEU LEU A . n 
A 1 12  ASP 12  12  12  ASP ASP A . n 
A 1 13  VAL 13  13  13  VAL VAL A . n 
A 1 14  THR 14  14  14  THR THR A . n 
A 1 15  ILE 15  15  15  ILE ILE A . n 
A 1 16  ASP 16  16  16  ASP ASP A . n 
A 1 17  GLY 17  17  17  GLY GLY A . n 
A 1 18  ASN 18  18  18  ASN ASN A . n 
A 1 19  LEU 19  19  19  LEU LEU A . n 
A 1 20  ALA 20  20  20  ALA ALA A . n 
A 1 21  GLY 21  21  21  GLY GLY A . n 
A 1 22  ARG 22  22  22  ARG ARG A . n 
A 1 23  ILE 23  23  23  ILE ILE A . n 
A 1 24  VAL 24  24  24  VAL VAL A . n 
A 1 25  MET 25  25  25  MET MET A . n 
A 1 26  GLU 26  26  26  GLU GLU A . n 
A 1 27  LEU 27  27  27  LEU LEU A . n 
A 1 28  TYR 28  28  28  TYR TYR A . n 
A 1 29  ASN 29  29  29  ASN ASN A . n 
A 1 30  ASP 30  30  30  ASP ASP A . n 
A 1 31  ILE 31  31  31  ILE ILE A . n 
A 1 32  ALA 32  32  32  ALA ALA A . n 
A 1 33  PRO 33  33  33  PRO PRO A . n 
A 1 34  ARG 34  34  34  ARG ARG A . n 
A 1 35  THR 35  35  35  THR THR A . n 
A 1 36  CYS 36  36  36  CYS CYS A . n 
A 1 37  ASN 37  37  37  ASN ASN A . n 
A 1 38  ASN 38  38  38  ASN ASN A . n 
A 1 39  PHE 39  39  39  PHE PHE A . n 
A 1 40  LEU 40  40  40  LEU LEU A . n 
A 1 41  MET 41  41  41  MET MET A . n 
A 1 42  LEU 42  42  42  LEU LEU A . n 
A 1 43  CYS 43  43  43  CYS CYS A . n 
A 1 44  THR 44  44  44  THR THR A . n 
A 1 45  GLY 45  45  45  GLY GLY A . n 
A 1 46  MET 46  46  46  MET MET A . n 
A 1 47  ALA 47  47  47  ALA ALA A . n 
A 1 48  GLY 48  48  48  GLY GLY A . n 
A 1 49  THR 49  49  49  THR THR A . n 
A 1 50  GLY 50  50  50  GLY GLY A . n 
A 1 51  LYS 51  51  51  LYS LYS A . n 
A 1 52  ILE 52  52  52  ILE ILE A . n 
A 1 53  SER 53  53  53  SER SER A . n 
A 1 54  GLY 54  54  54  GLY GLY A . n 
A 1 55  LYS 55  55  55  LYS LYS A . n 
A 1 56  PRO 56  56  56  PRO PRO A . n 
A 1 57  LEU 57  57  57  LEU LEU A . n 
A 1 58  HIS 58  58  58  HIS HIS A . n 
A 1 59  TYR 59  59  59  TYR TYR A . n 
A 1 60  LYS 60  60  60  LYS LYS A . n 
A 1 61  GLY 61  61  61  GLY GLY A . n 
A 1 62  SER 62  62  62  SER SER A . n 
A 1 63  THR 63  63  63  THR THR A . n 
A 1 64  PHE 64  64  64  PHE PHE A . n 
A 1 65  HIS 65  65  65  HIS HIS A . n 
A 1 66  ARG 66  66  66  ARG ARG A . n 
A 1 67  VAL 67  67  67  VAL VAL A . n 
A 1 68  ILE 68  68  68  ILE ILE A . n 
A 1 69  LYS 69  69  69  LYS LYS A . n 
A 1 70  ASN 70  70  70  ASN ASN A . n 
A 1 71  PHE 71  71  71  PHE PHE A . n 
A 1 72  MET 72  72  72  MET MET A . n 
A 1 73  ILE 73  73  73  ILE ILE A . n 
A 1 74  GLN 74  74  74  GLN GLN A . n 
A 1 75  GLY 75  75  75  GLY GLY A . n 
A 1 76  GLY 76  76  76  GLY GLY A . n 
A 1 77  ASP 77  77  77  ASP ASP A . n 
A 1 78  PHE 78  78  78  PHE PHE A . n 
A 1 79  THR 79  79  79  THR THR A . n 
A 1 80  LYS 80  80  80  LYS LYS A . n 
A 1 81  GLY 81  81  81  GLY GLY A . n 
A 1 82  ASP 82  82  82  ASP ASP A . n 
A 1 83  GLY 83  83  83  GLY GLY A . n 
A 1 84  THR 84  84  84  THR THR A . n 
A 1 85  GLY 85  85  85  GLY GLY A . n 
A 1 86  GLY 86  86  86  GLY GLY A . n 
A 1 87  GLU 87  87  87  GLU GLU A . n 
A 1 88  SER 88  88  88  SER SER A . n 
A 1 89  ILE 89  89  89  ILE ILE A . n 
A 1 90  TYR 90  90  90  TYR TYR A . n 
A 1 91  GLY 91  91  91  GLY GLY A . n 
A 1 92  GLY 92  92  92  GLY GLY A . n 
A 1 93  MET 93  93  93  MET MET A . n 
A 1 94  PHE 94  94  94  PHE PHE A . n 
A 1 95  ASP 95  95  95  ASP ASP A . n 
A 1 96  ASP 96  96  96  ASP ASP A . n 
A 1 97  GLU 97  97  97  GLU GLU A . n 
A 1 98  GLU 98  98  98  GLU GLU A . n 
A 1 99  PHE 99  99  99  PHE PHE A . n 
A 1 100 VAL 100 100 100 VAL VAL A . n 
A 1 101 MET 101 101 101 MET MET A . n 
A 1 102 LYS 102 102 102 LYS LYS A . n 
A 1 103 HIS 103 103 103 HIS HIS A . n 
A 1 104 ASP 104 104 104 ASP ASP A . n 
A 1 105 GLU 105 105 105 GLU GLU A . n 
A 1 106 PRO 106 106 106 PRO PRO A . n 
A 1 107 PHE 107 107 107 PHE PHE A . n 
A 1 108 VAL 108 108 108 VAL VAL A . n 
A 1 109 VAL 109 109 109 VAL VAL A . n 
A 1 110 SER 110 110 110 SER SER A . n 
A 1 111 MET 111 111 111 MET MET A . n 
A 1 112 ALA 112 112 112 ALA ALA A . n 
A 1 113 ASN 113 113 113 ASN ASN A . n 
A 1 114 LYS 114 114 114 LYS LYS A . n 
A 1 115 GLY 115 115 115 GLY GLY A . n 
A 1 116 PRO 116 116 116 PRO PRO A . n 
A 1 117 ASN 117 117 117 ASN ASN A . n 
A 1 118 THR 118 118 118 THR THR A . n 
A 1 119 ASN 119 119 119 ASN ASN A . n 
A 1 120 GLY 120 120 120 GLY GLY A . n 
A 1 121 SER 121 121 121 SER SER A . n 
A 1 122 GLN 122 122 122 GLN GLN A . n 
A 1 123 PHE 123 123 123 PHE PHE A . n 
A 1 124 PHE 124 124 124 PHE PHE A . n 
A 1 125 ILE 125 125 125 ILE ILE A . n 
A 1 126 THR 126 126 126 THR THR A . n 
A 1 127 THR 127 127 127 THR THR A . n 
A 1 128 THR 128 128 128 THR THR A . n 
A 1 129 PRO 129 129 129 PRO PRO A . n 
A 1 130 ALA 130 130 130 ALA ALA A . n 
A 1 131 PRO 131 131 131 PRO PRO A . n 
A 1 132 HIS 132 132 132 HIS HIS A . n 
A 1 133 LEU 133 133 133 LEU LEU A . n 
A 1 134 ASN 134 134 134 ASN ASN A . n 
A 1 135 ASN 135 135 135 ASN ASN A . n 
A 1 136 ILE 136 136 136 ILE ILE A . n 
A 1 137 HIS 137 137 137 HIS HIS A . n 
A 1 138 VAL 138 138 138 VAL VAL A . n 
A 1 139 VAL 139 139 139 VAL VAL A . n 
A 1 140 PHE 140 140 140 PHE PHE A . n 
A 1 141 GLY 141 141 141 GLY GLY A . n 
A 1 142 LYS 142 142 142 LYS LYS A . n 
A 1 143 VAL 143 143 143 VAL VAL A . n 
A 1 144 VAL 144 144 144 VAL VAL A . n 
A 1 145 SER 145 145 145 SER SER A . n 
A 1 146 GLY 146 146 146 GLY GLY A . n 
A 1 147 GLN 147 147 147 GLN GLN A . n 
A 1 148 GLU 148 148 148 GLU GLU A . n 
A 1 149 VAL 149 149 149 VAL VAL A . n 
A 1 150 VAL 150 150 150 VAL VAL A . n 
A 1 151 THR 151 151 151 THR THR A . n 
A 1 152 LYS 152 152 152 LYS LYS A . n 
A 1 153 ILE 153 153 153 ILE ILE A . n 
A 1 154 GLU 154 154 154 GLU GLU A . n 
A 1 155 TYR 155 155 155 TYR TYR A . n 
A 1 156 LEU 156 156 156 LEU LEU A . n 
A 1 157 LYS 157 157 157 LYS LYS A . n 
A 1 158 THR 158 158 158 THR THR A . n 
A 1 159 ASN 159 159 159 ASN ASN A . n 
A 1 160 SER 160 160 160 SER SER A . n 
A 1 161 LYS 161 161 161 LYS LYS A . n 
A 1 162 ASN 162 162 162 ASN ASN A . n 
A 1 163 ARG 163 163 163 ARG ARG A . n 
A 1 164 PRO 164 164 164 PRO PRO A . n 
A 1 165 LEU 165 165 165 LEU LEU A . n 
A 1 166 ALA 166 166 166 ALA ALA A . n 
A 1 167 ASP 167 167 167 ASP ASP A . n 
A 1 168 VAL 168 168 168 VAL VAL A . n 
A 1 169 VAL 169 169 169 VAL VAL A . n 
A 1 170 ILE 170 170 170 ILE ILE A . n 
A 1 171 LEU 171 171 171 LEU LEU A . n 
A 1 172 ASN 172 172 172 ASN ASN A . n 
A 1 173 CYS 173 173 173 CYS CYS A . n 
A 1 174 GLY 174 174 174 GLY GLY A . n 
A 1 175 GLU 175 175 175 GLU GLU A . n 
A 1 176 LEU 176 176 176 LEU LEU A . n 
A 1 177 VAL 177 177 177 VAL VAL A . n 
# 
loop_
_pdbx_nonpoly_scheme.asym_id 
_pdbx_nonpoly_scheme.entity_id 
_pdbx_nonpoly_scheme.mon_id 
_pdbx_nonpoly_scheme.ndb_seq_num 
_pdbx_nonpoly_scheme.pdb_seq_num 
_pdbx_nonpoly_scheme.auth_seq_num 
_pdbx_nonpoly_scheme.pdb_mon_id 
_pdbx_nonpoly_scheme.auth_mon_id 
_pdbx_nonpoly_scheme.pdb_strand_id 
_pdbx_nonpoly_scheme.pdb_ins_code 
B 2 HOH 1   178 1   HOH HOH A . 
B 2 HOH 2   179 2   HOH HOH A . 
B 2 HOH 3   180 3   HOH HOH A . 
B 2 HOH 4   181 4   HOH HOH A . 
B 2 HOH 5   182 5   HOH HOH A . 
B 2 HOH 6   183 6   HOH HOH A . 
B 2 HOH 7   184 7   HOH HOH A . 
B 2 HOH 8   185 8   HOH HOH A . 
B 2 HOH 9   186 9   HOH HOH A . 
B 2 HOH 10  187 10  HOH HOH A . 
B 2 HOH 11  188 11  HOH HOH A . 
B 2 HOH 12  189 12  HOH HOH A . 
B 2 HOH 13  190 13  HOH HOH A . 
B 2 HOH 14  191 14  HOH HOH A . 
B 2 HOH 15  192 15  HOH HOH A . 
B 2 HOH 16  193 16  HOH HOH A . 
B 2 HOH 17  194 17  HOH HOH A . 
B 2 HOH 18  195 18  HOH HOH A . 
B 2 HOH 19  196 19  HOH HOH A . 
B 2 HOH 20  197 20  HOH HOH A . 
B 2 HOH 21  198 21  HOH HOH A . 
B 2 HOH 22  199 22  HOH HOH A . 
B 2 HOH 23  200 23  HOH HOH A . 
B 2 HOH 24  201 24  HOH HOH A . 
B 2 HOH 25  202 25  HOH HOH A . 
B 2 HOH 26  203 26  HOH HOH A . 
B 2 HOH 27  204 27  HOH HOH A . 
B 2 HOH 28  205 28  HOH HOH A . 
B 2 HOH 29  206 29  HOH HOH A . 
B 2 HOH 30  207 30  HOH HOH A . 
B 2 HOH 31  208 31  HOH HOH A . 
B 2 HOH 32  209 32  HOH HOH A . 
B 2 HOH 33  210 33  HOH HOH A . 
B 2 HOH 34  211 34  HOH HOH A . 
B 2 HOH 35  212 35  HOH HOH A . 
B 2 HOH 36  213 36  HOH HOH A . 
B 2 HOH 37  214 37  HOH HOH A . 
B 2 HOH 38  215 38  HOH HOH A . 
B 2 HOH 39  216 39  HOH HOH A . 
B 2 HOH 40  217 40  HOH HOH A . 
B 2 HOH 41  218 41  HOH HOH A . 
B 2 HOH 42  219 42  HOH HOH A . 
B 2 HOH 43  220 43  HOH HOH A . 
B 2 HOH 44  221 44  HOH HOH A . 
B 2 HOH 45  222 45  HOH HOH A . 
B 2 HOH 46  223 46  HOH HOH A . 
B 2 HOH 47  224 47  HOH HOH A . 
B 2 HOH 48  225 48  HOH HOH A . 
B 2 HOH 49  226 49  HOH HOH A . 
B 2 HOH 50  227 50  HOH HOH A . 
B 2 HOH 51  228 51  HOH HOH A . 
B 2 HOH 52  229 52  HOH HOH A . 
B 2 HOH 53  230 53  HOH HOH A . 
B 2 HOH 54  231 54  HOH HOH A . 
B 2 HOH 55  232 55  HOH HOH A . 
B 2 HOH 56  233 56  HOH HOH A . 
B 2 HOH 57  234 57  HOH HOH A . 
B 2 HOH 58  235 58  HOH HOH A . 
B 2 HOH 59  236 59  HOH HOH A . 
B 2 HOH 60  237 60  HOH HOH A . 
B 2 HOH 61  238 61  HOH HOH A . 
B 2 HOH 62  239 62  HOH HOH A . 
B 2 HOH 63  240 63  HOH HOH A . 
B 2 HOH 64  241 64  HOH HOH A . 
B 2 HOH 65  242 65  HOH HOH A . 
B 2 HOH 66  243 66  HOH HOH A . 
B 2 HOH 67  244 67  HOH HOH A . 
B 2 HOH 68  245 68  HOH HOH A . 
B 2 HOH 69  246 69  HOH HOH A . 
B 2 HOH 70  247 70  HOH HOH A . 
B 2 HOH 71  248 71  HOH HOH A . 
B 2 HOH 72  249 72  HOH HOH A . 
B 2 HOH 73  250 73  HOH HOH A . 
B 2 HOH 74  251 74  HOH HOH A . 
B 2 HOH 75  252 75  HOH HOH A . 
B 2 HOH 76  253 76  HOH HOH A . 
B 2 HOH 77  254 77  HOH HOH A . 
B 2 HOH 78  255 78  HOH HOH A . 
B 2 HOH 79  256 79  HOH HOH A . 
B 2 HOH 80  257 80  HOH HOH A . 
B 2 HOH 81  258 81  HOH HOH A . 
B 2 HOH 82  259 82  HOH HOH A . 
B 2 HOH 83  260 83  HOH HOH A . 
B 2 HOH 84  261 84  HOH HOH A . 
B 2 HOH 85  262 85  HOH HOH A . 
B 2 HOH 86  263 86  HOH HOH A . 
B 2 HOH 87  264 87  HOH HOH A . 
B 2 HOH 88  265 88  HOH HOH A . 
B 2 HOH 89  266 89  HOH HOH A . 
B 2 HOH 90  267 90  HOH HOH A . 
B 2 HOH 91  268 91  HOH HOH A . 
B 2 HOH 92  269 92  HOH HOH A . 
B 2 HOH 93  270 93  HOH HOH A . 
B 2 HOH 94  271 94  HOH HOH A . 
B 2 HOH 95  272 95  HOH HOH A . 
B 2 HOH 96  273 96  HOH HOH A . 
B 2 HOH 97  274 97  HOH HOH A . 
B 2 HOH 98  275 98  HOH HOH A . 
B 2 HOH 99  276 99  HOH HOH A . 
B 2 HOH 100 277 100 HOH HOH A . 
B 2 HOH 101 278 101 HOH HOH A . 
B 2 HOH 102 279 102 HOH HOH A . 
B 2 HOH 103 280 103 HOH HOH A . 
B 2 HOH 104 281 104 HOH HOH A . 
B 2 HOH 105 282 105 HOH HOH A . 
B 2 HOH 106 283 106 HOH HOH A . 
B 2 HOH 107 284 107 HOH HOH A . 
B 2 HOH 108 285 108 HOH HOH A . 
B 2 HOH 109 286 109 HOH HOH A . 
B 2 HOH 110 287 110 HOH HOH A . 
B 2 HOH 111 288 111 HOH HOH A . 
B 2 HOH 112 289 112 HOH HOH A . 
B 2 HOH 113 290 113 HOH HOH A . 
B 2 HOH 114 291 114 HOH HOH A . 
B 2 HOH 115 292 115 HOH HOH A . 
B 2 HOH 116 293 116 HOH HOH A . 
B 2 HOH 117 294 117 HOH HOH A . 
B 2 HOH 118 295 118 HOH HOH A . 
B 2 HOH 119 296 119 HOH HOH A . 
B 2 HOH 120 297 120 HOH HOH A . 
B 2 HOH 121 298 121 HOH HOH A . 
B 2 HOH 122 299 122 HOH HOH A . 
B 2 HOH 123 300 123 HOH HOH A . 
B 2 HOH 124 301 124 HOH HOH A . 
B 2 HOH 125 302 125 HOH HOH A . 
B 2 HOH 126 303 126 HOH HOH A . 
B 2 HOH 127 304 128 HOH HOH A . 
B 2 HOH 128 305 129 HOH HOH A . 
B 2 HOH 129 306 130 HOH HOH A . 
B 2 HOH 130 307 131 HOH HOH A . 
B 2 HOH 131 308 132 HOH HOH A . 
B 2 HOH 132 309 133 HOH HOH A . 
B 2 HOH 133 310 134 HOH HOH A . 
B 2 HOH 134 311 135 HOH HOH A . 
B 2 HOH 135 312 136 HOH HOH A . 
B 2 HOH 136 313 137 HOH HOH A . 
B 2 HOH 137 314 138 HOH HOH A . 
B 2 HOH 138 315 139 HOH HOH A . 
B 2 HOH 139 316 140 HOH HOH A . 
B 2 HOH 140 317 141 HOH HOH A . 
B 2 HOH 141 318 142 HOH HOH A . 
B 2 HOH 142 319 143 HOH HOH A . 
B 2 HOH 143 320 144 HOH HOH A . 
B 2 HOH 144 321 145 HOH HOH A . 
B 2 HOH 145 322 146 HOH HOH A . 
B 2 HOH 146 323 147 HOH HOH A . 
B 2 HOH 147 324 148 HOH HOH A . 
B 2 HOH 148 325 149 HOH HOH A . 
B 2 HOH 149 326 150 HOH HOH A . 
B 2 HOH 150 327 151 HOH HOH A . 
B 2 HOH 151 328 152 HOH HOH A . 
B 2 HOH 152 329 153 HOH HOH A . 
B 2 HOH 153 330 154 HOH HOH A . 
B 2 HOH 154 331 155 HOH HOH A . 
# 
loop_
_software.name 
_software.classification 
_software.version 
_software.citation_id 
_software.pdbx_ordinal 
X-PLOR 'model building' 3.851 ? 1 
X-PLOR refinement       3.851 ? 2 
X-PLOR phasing          3.851 ? 3 
# 
_cell.entry_id           1A58 
_cell.length_a           58.215 
_cell.length_b           58.215 
_cell.length_c           141.944 
_cell.angle_alpha        90.00 
_cell.angle_beta         90.00 
_cell.angle_gamma        90.00 
_cell.Z_PDB              8 
_cell.pdbx_unique_axis   ? 
# 
_symmetry.entry_id                         1A58 
_symmetry.space_group_name_H-M             'P 41 21 2' 
_symmetry.pdbx_full_space_group_name_H-M   ? 
_symmetry.cell_setting                     ? 
_symmetry.Int_Tables_number                92 
# 
_exptl.entry_id          1A58 
_exptl.method            'X-RAY DIFFRACTION' 
_exptl.crystals_number   ? 
# 
_exptl_crystal.id                    1 
_exptl_crystal.density_meas          ? 
_exptl_crystal.density_Matthews      2.99 
_exptl_crystal.density_percent_sol   58.9 
_exptl_crystal.description           ? 
# 
_exptl_crystal_grow.crystal_id      1 
_exptl_crystal_grow.method          ? 
_exptl_crystal_grow.temp            ? 
_exptl_crystal_grow.temp_details    ? 
_exptl_crystal_grow.pH              6.5 
_exptl_crystal_grow.pdbx_pH_range   ? 
_exptl_crystal_grow.pdbx_details    '50MM IMIDAZOLE AT PH6.5, 15% SAT. AMMONIUM SULFATE 0.02% SODIUM AZIDE, 0.56 MM PROTEIN CONC.' 
# 
_diffrn.id                     1 
_diffrn.ambient_temp           ? 
_diffrn.ambient_temp_details   ? 
_diffrn.crystal_id             1 
# 
_diffrn_radiation.diffrn_id                        1 
_diffrn_radiation.wavelength_id                    1 
_diffrn_radiation.pdbx_monochromatic_or_laue_m_l   M 
_diffrn_radiation.monochromator                    ? 
_diffrn_radiation.pdbx_diffrn_protocol             ? 
_diffrn_radiation.pdbx_scattering_type             x-ray 
# 
_diffrn_radiation_wavelength.id           1 
_diffrn_radiation_wavelength.wavelength   . 
_diffrn_radiation_wavelength.wt           1.0 
# 
_reflns.entry_id                     1A58 
_reflns.observed_criterion_sigma_I   ? 
_reflns.observed_criterion_sigma_F   ? 
_reflns.d_resolution_low             ? 
_reflns.d_resolution_high            ? 
_reflns.number_obs                   ? 
_reflns.number_all                   ? 
_reflns.percent_possible_obs         ? 
_reflns.pdbx_Rmerge_I_obs            ? 
_reflns.pdbx_Rsym_value              ? 
_reflns.pdbx_netI_over_sigmaI        ? 
_reflns.B_iso_Wilson_estimate        26.85 
_reflns.pdbx_redundancy              ? 
_reflns.pdbx_diffrn_id               1 
_reflns.pdbx_ordinal                 1 
# 
_refine.entry_id                                 1A58 
_refine.ls_number_reflns_obs                     17458 
_refine.ls_number_reflns_all                     ? 
_refine.pdbx_ls_sigma_I                          ? 
_refine.pdbx_ls_sigma_F                          2.0 
_refine.pdbx_data_cutoff_high_absF               1000000. 
_refine.pdbx_data_cutoff_low_absF                0.001 
_refine.pdbx_data_cutoff_high_rms_absF           ? 
_refine.ls_d_res_low                             24.0 
_refine.ls_d_res_high                            1.95 
_refine.ls_percent_reflns_obs                    93.5 
_refine.ls_R_factor_obs                          0.1990000 
_refine.ls_R_factor_all                          ? 
_refine.ls_R_factor_R_work                       0.1990000 
_refine.ls_R_factor_R_free                       0.2330000 
_refine.ls_R_factor_R_free_error                 ? 
_refine.ls_R_factor_R_free_error_details         ? 
_refine.ls_percent_reflns_R_free                 5. 
_refine.ls_number_reflns_R_free                  881 
_refine.ls_number_parameters                     ? 
_refine.ls_number_restraints                     ? 
_refine.occupancy_min                            ? 
_refine.occupancy_max                            ? 
_refine.B_iso_mean                               27.2 
_refine.aniso_B[1][1]                            ? 
_refine.aniso_B[2][2]                            ? 
_refine.aniso_B[3][3]                            ? 
_refine.aniso_B[1][2]                            ? 
_refine.aniso_B[1][3]                            ? 
_refine.aniso_B[2][3]                            ? 
_refine.solvent_model_details                    ? 
_refine.solvent_model_param_ksol                 ? 
_refine.solvent_model_param_bsol                 ? 
_refine.pdbx_ls_cross_valid_method               THROUGHOUT 
_refine.details                                  'SHELX97 WAS USED INITIALLY WITH SAME CROSS-VALIDATION DATA' 
_refine.pdbx_starting_model                      ? 
_refine.pdbx_method_to_determine_struct          ? 
_refine.pdbx_isotropic_thermal_model             RESTRAINED 
_refine.pdbx_stereochemistry_target_values       ? 
_refine.pdbx_stereochem_target_val_spec_case     ? 
_refine.pdbx_R_Free_selection_details            RANDOM 
_refine.pdbx_overall_ESU_R                       ? 
_refine.pdbx_overall_ESU_R_Free                  ? 
_refine.overall_SU_ML                            ? 
_refine.overall_SU_B                             ? 
_refine.pdbx_refine_id                           'X-RAY DIFFRACTION' 
_refine.pdbx_diffrn_id                           1 
_refine.pdbx_TLS_residual_ADP_flag               ? 
_refine.correlation_coeff_Fo_to_Fc               ? 
_refine.correlation_coeff_Fo_to_Fc_free          ? 
_refine.pdbx_solvent_vdw_probe_radii             ? 
_refine.pdbx_solvent_ion_probe_radii             ? 
_refine.pdbx_solvent_shrinkage_radii             ? 
_refine.pdbx_overall_phase_error                 ? 
_refine.overall_SU_R_Cruickshank_DPI             ? 
_refine.pdbx_overall_SU_R_free_Cruickshank_DPI   ? 
_refine.pdbx_overall_SU_R_Blow_DPI               ? 
_refine.pdbx_overall_SU_R_free_Blow_DPI          ? 
# 
_refine_hist.pdbx_refine_id                   'X-RAY DIFFRACTION' 
_refine_hist.cycle_id                         LAST 
_refine_hist.pdbx_number_atoms_protein        1365 
_refine_hist.pdbx_number_atoms_nucleic_acid   0 
_refine_hist.pdbx_number_atoms_ligand         0 
_refine_hist.number_atoms_solvent             155 
_refine_hist.number_atoms_total               1520 
_refine_hist.d_res_high                       1.95 
_refine_hist.d_res_low                        24.0 
# 
loop_
_refine_ls_restr.type 
_refine_ls_restr.dev_ideal 
_refine_ls_restr.dev_ideal_target 
_refine_ls_restr.weight 
_refine_ls_restr.number 
_refine_ls_restr.pdbx_refine_id 
_refine_ls_restr.pdbx_restraint_function 
x_bond_d                0.008 ?   ? ? 'X-RAY DIFFRACTION' ? 
x_bond_d_na             ?     ?   ? ? 'X-RAY DIFFRACTION' ? 
x_bond_d_prot           ?     ?   ? ? 'X-RAY DIFFRACTION' ? 
x_angle_d               ?     ?   ? ? 'X-RAY DIFFRACTION' ? 
x_angle_d_na            ?     ?   ? ? 'X-RAY DIFFRACTION' ? 
x_angle_d_prot          ?     ?   ? ? 'X-RAY DIFFRACTION' ? 
x_angle_deg             1.426 ?   ? ? 'X-RAY DIFFRACTION' ? 
x_angle_deg_na          ?     ?   ? ? 'X-RAY DIFFRACTION' ? 
x_angle_deg_prot        ?     ?   ? ? 'X-RAY DIFFRACTION' ? 
x_dihedral_angle_d      26.01 ?   ? ? 'X-RAY DIFFRACTION' ? 
x_dihedral_angle_d_na   ?     ?   ? ? 'X-RAY DIFFRACTION' ? 
x_dihedral_angle_d_prot ?     ?   ? ? 'X-RAY DIFFRACTION' ? 
x_improper_angle_d      1.358 ?   ? ? 'X-RAY DIFFRACTION' ? 
x_improper_angle_d_na   ?     ?   ? ? 'X-RAY DIFFRACTION' ? 
x_improper_angle_d_prot ?     ?   ? ? 'X-RAY DIFFRACTION' ? 
x_mcbond_it             2.9   1.5 ? ? 'X-RAY DIFFRACTION' ? 
x_mcangle_it            5.1   2.0 ? ? 'X-RAY DIFFRACTION' ? 
x_scbond_it             3.8   2.0 ? ? 'X-RAY DIFFRACTION' ? 
x_scangle_it            6.6   2.5 ? ? 'X-RAY DIFFRACTION' ? 
# 
_refine_ls_shell.pdbx_total_number_of_bins_used   8 
_refine_ls_shell.d_res_high                       1.95 
_refine_ls_shell.d_res_low                        2.04 
_refine_ls_shell.number_reflns_R_work             1936 
_refine_ls_shell.R_factor_R_work                  0.2880000 
_refine_ls_shell.percent_reflns_obs               89.8 
_refine_ls_shell.R_factor_R_free                  0.3090000 
_refine_ls_shell.R_factor_R_free_error            ? 
_refine_ls_shell.percent_reflns_R_free            5. 
_refine_ls_shell.number_reflns_R_free             97 
_refine_ls_shell.pdbx_refine_id                   'X-RAY DIFFRACTION' 
_refine_ls_shell.number_reflns_all                ? 
_refine_ls_shell.R_factor_all                     ? 
# 
loop_
_pdbx_xplor_file.serial_no 
_pdbx_xplor_file.param_file 
_pdbx_xplor_file.topol_file 
_pdbx_xplor_file.pdbx_refine_id 
1 PARHCSDX.PRO ? 'X-RAY DIFFRACTION' 
2 PARAM19.SOL  ? 'X-RAY DIFFRACTION' 
# 
_struct.entry_id                  1A58 
_struct.title                     'CYCLOPHILIN FROM BRUGIA MALAYI' 
_struct.pdbx_model_details        ? 
_struct.pdbx_CASP_flag            ? 
_struct.pdbx_model_type_details   ? 
# 
_struct_keywords.entry_id        1A58 
_struct_keywords.pdbx_keywords   ISOMERASE 
_struct_keywords.text            'ISOMERASE, PPIASE' 
# 
loop_
_struct_asym.id 
_struct_asym.pdbx_blank_PDB_chainid_flag 
_struct_asym.pdbx_modified 
_struct_asym.entity_id 
_struct_asym.details 
A N N 1 ? 
B N N 2 ? 
# 
_struct_ref.id                         1 
_struct_ref.db_name                    UNP 
_struct_ref.db_code                    CYP1_BRUMA 
_struct_ref.entity_id                  1 
_struct_ref.pdbx_db_accession          Q27450 
_struct_ref.pdbx_align_begin           1 
_struct_ref.pdbx_seq_one_letter_code   
;MSKKDRRRVFLDVTIDGNLAGRIVMELYNDIAPRTCNNFLMLCTGMAGTGKISGKPLHYKGSTFHRVIKNFMIQGGDFTK
GDGTGGESIYGGMFDDEEFVMKHDEPFVVSMANKGPNTNGSQFFITTTPAPHLNNIHVVFGKVVSGQEVVTKIEYLKTNS
KNRPLADVVILNCGELVRRKKRQHSSRSNESVSSSTSTEKSHKKTKKTKMKEKKRKESDEVEQLEIGTVVPEAELQLSSV
KAEDLPDEPDHQNKYLMRRSKTPENSRKGKKEKQRQSPHRFSRRDIGHRLNRMRRTRTGHKIKGRGALRFRTPEGSSDHD
GSRTPPHWRREQNRVITLDELHRLQEKRKAYELEELENPKNDVVDKAKTGILLNTSEKIEDKEERYRGKSEKKENRHERS
RHTTRRSPEHVTRHFVKEKNRHKVDEVGNSEDMKQTKRDRRGRADEKEKVEVNGEKAAAMDELNLDEPTVEVTLDSAEDI
RDSDDEAIRIHLLKAKKMAEEKTKQEAKMLEKTGDKEGRDQKTISEAKQKDSAEKDRQHREHKNDELEKRAIEKQDKDQI
VERDTGSKQRRKSDSKEHRGKTDRKHRSKSIEEDGRRSTSREKLDDLKRKETSGQKSQADSEQTVEAKTNVVDSNSDNSK
MSVNGKLKEVSSTNKENEVSEQKDLKAESTKSEEIKQQVNEVSRKQKGGEKPKEHKRNERSRSRRRRSRSNGRRRRSSSR
RSRSRDRRHKSRSRSRGYVRRFEGWSRSRRPTRRELYDERMRRERERRRSFDRYSDRRRTRSRSARRDSDRHSRRSRKRS
PSSSSSSSESSSSDSRSTASSSASSKRSSSSDSSRSSRSRSSN
;
_struct_ref.pdbx_db_isoform            ? 
# 
_struct_ref_seq.align_id                      1 
_struct_ref_seq.ref_id                        1 
_struct_ref_seq.pdbx_PDB_id_code              1A58 
_struct_ref_seq.pdbx_strand_id                A 
_struct_ref_seq.seq_align_beg                 1 
_struct_ref_seq.pdbx_seq_align_beg_ins_code   ? 
_struct_ref_seq.seq_align_end                 177 
_struct_ref_seq.pdbx_seq_align_end_ins_code   ? 
_struct_ref_seq.pdbx_db_accession             Q27450 
_struct_ref_seq.db_align_beg                  1 
_struct_ref_seq.pdbx_db_align_beg_ins_code    ? 
_struct_ref_seq.db_align_end                  177 
_struct_ref_seq.pdbx_db_align_end_ins_code    ? 
_struct_ref_seq.pdbx_auth_seq_align_beg       1 
_struct_ref_seq.pdbx_auth_seq_align_end       177 
# 
_pdbx_struct_assembly.id                   1 
_pdbx_struct_assembly.details              author_defined_assembly 
_pdbx_struct_assembly.method_details       ? 
_pdbx_struct_assembly.oligomeric_details   monomeric 
_pdbx_struct_assembly.oligomeric_count     1 
# 
_pdbx_struct_assembly_gen.assembly_id       1 
_pdbx_struct_assembly_gen.oper_expression   1 
_pdbx_struct_assembly_gen.asym_id_list      A,B 
# 
_pdbx_struct_oper_list.id                   1 
_pdbx_struct_oper_list.type                 'identity operation' 
_pdbx_struct_oper_list.name                 1_555 
_pdbx_struct_oper_list.symmetry_operation   x,y,z 
_pdbx_struct_oper_list.matrix[1][1]         1.0000000000 
_pdbx_struct_oper_list.matrix[1][2]         0.0000000000 
_pdbx_struct_oper_list.matrix[1][3]         0.0000000000 
_pdbx_struct_oper_list.vector[1]            0.0000000000 
_pdbx_struct_oper_list.matrix[2][1]         0.0000000000 
_pdbx_struct_oper_list.matrix[2][2]         1.0000000000 
_pdbx_struct_oper_list.matrix[2][3]         0.0000000000 
_pdbx_struct_oper_list.vector[2]            0.0000000000 
_pdbx_struct_oper_list.matrix[3][1]         0.0000000000 
_pdbx_struct_oper_list.matrix[3][2]         0.0000000000 
_pdbx_struct_oper_list.matrix[3][3]         1.0000000000 
_pdbx_struct_oper_list.vector[3]            0.0000000000 
# 
_struct_biol.id   1 
# 
loop_
_struct_conf.conf_type_id 
_struct_conf.id 
_struct_conf.pdbx_PDB_helix_id 
_struct_conf.beg_label_comp_id 
_struct_conf.beg_label_asym_id 
_struct_conf.beg_label_seq_id 
_struct_conf.pdbx_beg_PDB_ins_code 
_struct_conf.end_label_comp_id 
_struct_conf.end_label_asym_id 
_struct_conf.end_label_seq_id 
_struct_conf.pdbx_end_PDB_ins_code 
_struct_conf.beg_auth_comp_id 
_struct_conf.beg_auth_asym_id 
_struct_conf.beg_auth_seq_id 
_struct_conf.end_auth_comp_id 
_struct_conf.end_auth_asym_id 
_struct_conf.end_auth_seq_id 
_struct_conf.pdbx_PDB_helix_class 
_struct_conf.details 
_struct_conf.pdbx_PDB_helix_length 
HELX_P HELX_P1 1 LYS A 3   ? ASP A 5   ? LYS A 3   ASP A 5   5 ? 3  
HELX_P HELX_P2 2 PRO A 33  ? THR A 44  ? PRO A 33  THR A 44  1 ? 12 
HELX_P HELX_P3 3 PRO A 131 ? LEU A 133 ? PRO A 131 LEU A 133 5 ? 3  
HELX_P HELX_P4 4 GLN A 147 ? GLU A 154 ? GLN A 147 GLU A 154 1 ? 8  
# 
_struct_conf_type.id          HELX_P 
_struct_conf_type.criteria    ? 
_struct_conf_type.reference   ? 
# 
_struct_sheet.id               A 
_struct_sheet.type             ? 
_struct_sheet.number_strands   8 
_struct_sheet.details          ? 
# 
loop_
_struct_sheet_order.sheet_id 
_struct_sheet_order.range_id_1 
_struct_sheet_order.range_id_2 
_struct_sheet_order.offset 
_struct_sheet_order.sense 
A 1 2 ? anti-parallel 
A 2 3 ? anti-parallel 
A 3 4 ? anti-parallel 
A 4 5 ? anti-parallel 
A 5 6 ? anti-parallel 
A 6 7 ? anti-parallel 
A 7 8 ? anti-parallel 
# 
loop_
_struct_sheet_range.sheet_id 
_struct_sheet_range.id 
_struct_sheet_range.beg_label_comp_id 
_struct_sheet_range.beg_label_asym_id 
_struct_sheet_range.beg_label_seq_id 
_struct_sheet_range.pdbx_beg_PDB_ins_code 
_struct_sheet_range.end_label_comp_id 
_struct_sheet_range.end_label_asym_id 
_struct_sheet_range.end_label_seq_id 
_struct_sheet_range.pdbx_end_PDB_ins_code 
_struct_sheet_range.beg_auth_comp_id 
_struct_sheet_range.beg_auth_asym_id 
_struct_sheet_range.beg_auth_seq_id 
_struct_sheet_range.end_auth_comp_id 
_struct_sheet_range.end_auth_asym_id 
_struct_sheet_range.end_auth_seq_id 
A 1 VAL A 168 ? LEU A 176 ? VAL A 168 LEU A 176 
A 2 ARG A 7   ? ILE A 15  ? ARG A 7   ILE A 15  
A 3 ASN A 18  ? LEU A 27  ? ASN A 18  LEU A 27  
A 4 VAL A 139 ? SER A 145 ? VAL A 139 SER A 145 
A 5 VAL A 108 ? MET A 111 ? VAL A 108 MET A 111 
A 6 PHE A 123 ? THR A 126 ? PHE A 123 THR A 126 
A 7 MET A 72  ? GLY A 75  ? MET A 72  GLY A 75  
A 8 PHE A 64  ? ILE A 68  ? PHE A 64  ILE A 68  
# 
loop_
_pdbx_struct_sheet_hbond.sheet_id 
_pdbx_struct_sheet_hbond.range_id_1 
_pdbx_struct_sheet_hbond.range_id_2 
_pdbx_struct_sheet_hbond.range_1_label_atom_id 
_pdbx_struct_sheet_hbond.range_1_label_comp_id 
_pdbx_struct_sheet_hbond.range_1_label_asym_id 
_pdbx_struct_sheet_hbond.range_1_label_seq_id 
_pdbx_struct_sheet_hbond.range_1_PDB_ins_code 
_pdbx_struct_sheet_hbond.range_1_auth_atom_id 
_pdbx_struct_sheet_hbond.range_1_auth_comp_id 
_pdbx_struct_sheet_hbond.range_1_auth_asym_id 
_pdbx_struct_sheet_hbond.range_1_auth_seq_id 
_pdbx_struct_sheet_hbond.range_2_label_atom_id 
_pdbx_struct_sheet_hbond.range_2_label_comp_id 
_pdbx_struct_sheet_hbond.range_2_label_asym_id 
_pdbx_struct_sheet_hbond.range_2_label_seq_id 
_pdbx_struct_sheet_hbond.range_2_PDB_ins_code 
_pdbx_struct_sheet_hbond.range_2_auth_atom_id 
_pdbx_struct_sheet_hbond.range_2_auth_comp_id 
_pdbx_struct_sheet_hbond.range_2_auth_asym_id 
_pdbx_struct_sheet_hbond.range_2_auth_seq_id 
A 1 2 O VAL A 169 ? O VAL A 169 N THR A 14  ? N THR A 14  
A 2 3 O ARG A 7   ? O ARG A 7   N LEU A 27  ? N LEU A 27  
A 3 4 O VAL A 24  ? O VAL A 24  N SER A 145 ? N SER A 145 
A 4 5 O PHE A 140 ? O PHE A 140 N VAL A 109 ? N VAL A 109 
A 5 6 O SER A 110 ? O SER A 110 N PHE A 124 ? N PHE A 124 
A 6 7 O PHE A 123 ? O PHE A 123 N GLY A 75  ? N GLY A 75  
A 7 8 O MET A 72  ? O MET A 72  N ILE A 68  ? N ILE A 68  
# 
loop_
_pdbx_validate_close_contact.id 
_pdbx_validate_close_contact.PDB_model_num 
_pdbx_validate_close_contact.auth_atom_id_1 
_pdbx_validate_close_contact.auth_asym_id_1 
_pdbx_validate_close_contact.auth_comp_id_1 
_pdbx_validate_close_contact.auth_seq_id_1 
_pdbx_validate_close_contact.PDB_ins_code_1 
_pdbx_validate_close_contact.label_alt_id_1 
_pdbx_validate_close_contact.auth_atom_id_2 
_pdbx_validate_close_contact.auth_asym_id_2 
_pdbx_validate_close_contact.auth_comp_id_2 
_pdbx_validate_close_contact.auth_seq_id_2 
_pdbx_validate_close_contact.PDB_ins_code_2 
_pdbx_validate_close_contact.label_alt_id_2 
_pdbx_validate_close_contact.dist 
1 1 H1 A HOH 202 ? ? H2 A HOH 244 ? ? 1.23 
2 1 H2 A HOH 179 ? ? H1 A HOH 235 ? ? 1.29 
# 
_pdbx_validate_symm_contact.id                1 
_pdbx_validate_symm_contact.PDB_model_num     1 
_pdbx_validate_symm_contact.auth_atom_id_1    H2 
_pdbx_validate_symm_contact.auth_asym_id_1    A 
_pdbx_validate_symm_contact.auth_comp_id_1    HOH 
_pdbx_validate_symm_contact.auth_seq_id_1     254 
_pdbx_validate_symm_contact.PDB_ins_code_1    ? 
_pdbx_validate_symm_contact.label_alt_id_1    ? 
_pdbx_validate_symm_contact.site_symmetry_1   1_555 
_pdbx_validate_symm_contact.auth_atom_id_2    H2 
_pdbx_validate_symm_contact.auth_asym_id_2    A 
_pdbx_validate_symm_contact.auth_comp_id_2    HOH 
_pdbx_validate_symm_contact.auth_seq_id_2     254 
_pdbx_validate_symm_contact.PDB_ins_code_2    ? 
_pdbx_validate_symm_contact.label_alt_id_2    ? 
_pdbx_validate_symm_contact.site_symmetry_2   7_555 
_pdbx_validate_symm_contact.dist              1.11 
# 
loop_
_pdbx_validate_torsion.id 
_pdbx_validate_torsion.PDB_model_num 
_pdbx_validate_torsion.auth_comp_id 
_pdbx_validate_torsion.auth_asym_id 
_pdbx_validate_torsion.auth_seq_id 
_pdbx_validate_torsion.PDB_ins_code 
_pdbx_validate_torsion.label_alt_id 
_pdbx_validate_torsion.phi 
_pdbx_validate_torsion.psi 
1 1 HIS A 58 ? ? -171.29 135.84 
2 1 PHE A 71 ? ? -133.34 -58.07 
# 
loop_
_chem_comp_atom.comp_id 
_chem_comp_atom.atom_id 
_chem_comp_atom.type_symbol 
_chem_comp_atom.pdbx_aromatic_flag 
_chem_comp_atom.pdbx_stereo_config 
_chem_comp_atom.pdbx_ordinal 
ALA N    N N N 1   
ALA CA   C N S 2   
ALA C    C N N 3   
ALA O    O N N 4   
ALA CB   C N N 5   
ALA OXT  O N N 6   
ALA H    H N N 7   
ALA H2   H N N 8   
ALA HA   H N N 9   
ALA HB1  H N N 10  
ALA HB2  H N N 11  
ALA HB3  H N N 12  
ALA HXT  H N N 13  
ARG N    N N N 14  
ARG CA   C N S 15  
ARG C    C N N 16  
ARG O    O N N 17  
ARG CB   C N N 18  
ARG CG   C N N 19  
ARG CD   C N N 20  
ARG NE   N N N 21  
ARG CZ   C N N 22  
ARG NH1  N N N 23  
ARG NH2  N N N 24  
ARG OXT  O N N 25  
ARG H    H N N 26  
ARG H2   H N N 27  
ARG HA   H N N 28  
ARG HB2  H N N 29  
ARG HB3  H N N 30  
ARG HG2  H N N 31  
ARG HG3  H N N 32  
ARG HD2  H N N 33  
ARG HD3  H N N 34  
ARG HE   H N N 35  
ARG HH11 H N N 36  
ARG HH12 H N N 37  
ARG HH21 H N N 38  
ARG HH22 H N N 39  
ARG HXT  H N N 40  
ASN N    N N N 41  
ASN CA   C N S 42  
ASN C    C N N 43  
ASN O    O N N 44  
ASN CB   C N N 45  
ASN CG   C N N 46  
ASN OD1  O N N 47  
ASN ND2  N N N 48  
ASN OXT  O N N 49  
ASN H    H N N 50  
ASN H2   H N N 51  
ASN HA   H N N 52  
ASN HB2  H N N 53  
ASN HB3  H N N 54  
ASN HD21 H N N 55  
ASN HD22 H N N 56  
ASN HXT  H N N 57  
ASP N    N N N 58  
ASP CA   C N S 59  
ASP C    C N N 60  
ASP O    O N N 61  
ASP CB   C N N 62  
ASP CG   C N N 63  
ASP OD1  O N N 64  
ASP OD2  O N N 65  
ASP OXT  O N N 66  
ASP H    H N N 67  
ASP H2   H N N 68  
ASP HA   H N N 69  
ASP HB2  H N N 70  
ASP HB3  H N N 71  
ASP HD2  H N N 72  
ASP HXT  H N N 73  
CYS N    N N N 74  
CYS CA   C N R 75  
CYS C    C N N 76  
CYS O    O N N 77  
CYS CB   C N N 78  
CYS SG   S N N 79  
CYS OXT  O N N 80  
CYS H    H N N 81  
CYS H2   H N N 82  
CYS HA   H N N 83  
CYS HB2  H N N 84  
CYS HB3  H N N 85  
CYS HG   H N N 86  
CYS HXT  H N N 87  
GLN N    N N N 88  
GLN CA   C N S 89  
GLN C    C N N 90  
GLN O    O N N 91  
GLN CB   C N N 92  
GLN CG   C N N 93  
GLN CD   C N N 94  
GLN OE1  O N N 95  
GLN NE2  N N N 96  
GLN OXT  O N N 97  
GLN H    H N N 98  
GLN H2   H N N 99  
GLN HA   H N N 100 
GLN HB2  H N N 101 
GLN HB3  H N N 102 
GLN HG2  H N N 103 
GLN HG3  H N N 104 
GLN HE21 H N N 105 
GLN HE22 H N N 106 
GLN HXT  H N N 107 
GLU N    N N N 108 
GLU CA   C N S 109 
GLU C    C N N 110 
GLU O    O N N 111 
GLU CB   C N N 112 
GLU CG   C N N 113 
GLU CD   C N N 114 
GLU OE1  O N N 115 
GLU OE2  O N N 116 
GLU OXT  O N N 117 
GLU H    H N N 118 
GLU H2   H N N 119 
GLU HA   H N N 120 
GLU HB2  H N N 121 
GLU HB3  H N N 122 
GLU HG2  H N N 123 
GLU HG3  H N N 124 
GLU HE2  H N N 125 
GLU HXT  H N N 126 
GLY N    N N N 127 
GLY CA   C N N 128 
GLY C    C N N 129 
GLY O    O N N 130 
GLY OXT  O N N 131 
GLY H    H N N 132 
GLY H2   H N N 133 
GLY HA2  H N N 134 
GLY HA3  H N N 135 
GLY HXT  H N N 136 
HIS N    N N N 137 
HIS CA   C N S 138 
HIS C    C N N 139 
HIS O    O N N 140 
HIS CB   C N N 141 
HIS CG   C Y N 142 
HIS ND1  N Y N 143 
HIS CD2  C Y N 144 
HIS CE1  C Y N 145 
HIS NE2  N Y N 146 
HIS OXT  O N N 147 
HIS H    H N N 148 
HIS H2   H N N 149 
HIS HA   H N N 150 
HIS HB2  H N N 151 
HIS HB3  H N N 152 
HIS HD1  H N N 153 
HIS HD2  H N N 154 
HIS HE1  H N N 155 
HIS HE2  H N N 156 
HIS HXT  H N N 157 
HOH O    O N N 158 
HOH H1   H N N 159 
HOH H2   H N N 160 
ILE N    N N N 161 
ILE CA   C N S 162 
ILE C    C N N 163 
ILE O    O N N 164 
ILE CB   C N S 165 
ILE CG1  C N N 166 
ILE CG2  C N N 167 
ILE CD1  C N N 168 
ILE OXT  O N N 169 
ILE H    H N N 170 
ILE H2   H N N 171 
ILE HA   H N N 172 
ILE HB   H N N 173 
ILE HG12 H N N 174 
ILE HG13 H N N 175 
ILE HG21 H N N 176 
ILE HG22 H N N 177 
ILE HG23 H N N 178 
ILE HD11 H N N 179 
ILE HD12 H N N 180 
ILE HD13 H N N 181 
ILE HXT  H N N 182 
LEU N    N N N 183 
LEU CA   C N S 184 
LEU C    C N N 185 
LEU O    O N N 186 
LEU CB   C N N 187 
LEU CG   C N N 188 
LEU CD1  C N N 189 
LEU CD2  C N N 190 
LEU OXT  O N N 191 
LEU H    H N N 192 
LEU H2   H N N 193 
LEU HA   H N N 194 
LEU HB2  H N N 195 
LEU HB3  H N N 196 
LEU HG   H N N 197 
LEU HD11 H N N 198 
LEU HD12 H N N 199 
LEU HD13 H N N 200 
LEU HD21 H N N 201 
LEU HD22 H N N 202 
LEU HD23 H N N 203 
LEU HXT  H N N 204 
LYS N    N N N 205 
LYS CA   C N S 206 
LYS C    C N N 207 
LYS O    O N N 208 
LYS CB   C N N 209 
LYS CG   C N N 210 
LYS CD   C N N 211 
LYS CE   C N N 212 
LYS NZ   N N N 213 
LYS OXT  O N N 214 
LYS H    H N N 215 
LYS H2   H N N 216 
LYS HA   H N N 217 
LYS HB2  H N N 218 
LYS HB3  H N N 219 
LYS HG2  H N N 220 
LYS HG3  H N N 221 
LYS HD2  H N N 222 
LYS HD3  H N N 223 
LYS HE2  H N N 224 
LYS HE3  H N N 225 
LYS HZ1  H N N 226 
LYS HZ2  H N N 227 
LYS HZ3  H N N 228 
LYS HXT  H N N 229 
MET N    N N N 230 
MET CA   C N S 231 
MET C    C N N 232 
MET O    O N N 233 
MET CB   C N N 234 
MET CG   C N N 235 
MET SD   S N N 236 
MET CE   C N N 237 
MET OXT  O N N 238 
MET H    H N N 239 
MET H2   H N N 240 
MET HA   H N N 241 
MET HB2  H N N 242 
MET HB3  H N N 243 
MET HG2  H N N 244 
MET HG3  H N N 245 
MET HE1  H N N 246 
MET HE2  H N N 247 
MET HE3  H N N 248 
MET HXT  H N N 249 
PHE N    N N N 250 
PHE CA   C N S 251 
PHE C    C N N 252 
PHE O    O N N 253 
PHE CB   C N N 254 
PHE CG   C Y N 255 
PHE CD1  C Y N 256 
PHE CD2  C Y N 257 
PHE CE1  C Y N 258 
PHE CE2  C Y N 259 
PHE CZ   C Y N 260 
PHE OXT  O N N 261 
PHE H    H N N 262 
PHE H2   H N N 263 
PHE HA   H N N 264 
PHE HB2  H N N 265 
PHE HB3  H N N 266 
PHE HD1  H N N 267 
PHE HD2  H N N 268 
PHE HE1  H N N 269 
PHE HE2  H N N 270 
PHE HZ   H N N 271 
PHE HXT  H N N 272 
PRO N    N N N 273 
PRO CA   C N S 274 
PRO C    C N N 275 
PRO O    O N N 276 
PRO CB   C N N 277 
PRO CG   C N N 278 
PRO CD   C N N 279 
PRO OXT  O N N 280 
PRO H    H N N 281 
PRO HA   H N N 282 
PRO HB2  H N N 283 
PRO HB3  H N N 284 
PRO HG2  H N N 285 
PRO HG3  H N N 286 
PRO HD2  H N N 287 
PRO HD3  H N N 288 
PRO HXT  H N N 289 
SER N    N N N 290 
SER CA   C N S 291 
SER C    C N N 292 
SER O    O N N 293 
SER CB   C N N 294 
SER OG   O N N 295 
SER OXT  O N N 296 
SER H    H N N 297 
SER H2   H N N 298 
SER HA   H N N 299 
SER HB2  H N N 300 
SER HB3  H N N 301 
SER HG   H N N 302 
SER HXT  H N N 303 
THR N    N N N 304 
THR CA   C N S 305 
THR C    C N N 306 
THR O    O N N 307 
THR CB   C N R 308 
THR OG1  O N N 309 
THR CG2  C N N 310 
THR OXT  O N N 311 
THR H    H N N 312 
THR H2   H N N 313 
THR HA   H N N 314 
THR HB   H N N 315 
THR HG1  H N N 316 
THR HG21 H N N 317 
THR HG22 H N N 318 
THR HG23 H N N 319 
THR HXT  H N N 320 
TYR N    N N N 321 
TYR CA   C N S 322 
TYR C    C N N 323 
TYR O    O N N 324 
TYR CB   C N N 325 
TYR CG   C Y N 326 
TYR CD1  C Y N 327 
TYR CD2  C Y N 328 
TYR CE1  C Y N 329 
TYR CE2  C Y N 330 
TYR CZ   C Y N 331 
TYR OH   O N N 332 
TYR OXT  O N N 333 
TYR H    H N N 334 
TYR H2   H N N 335 
TYR HA   H N N 336 
TYR HB2  H N N 337 
TYR HB3  H N N 338 
TYR HD1  H N N 339 
TYR HD2  H N N 340 
TYR HE1  H N N 341 
TYR HE2  H N N 342 
TYR HH   H N N 343 
TYR HXT  H N N 344 
VAL N    N N N 345 
VAL CA   C N S 346 
VAL C    C N N 347 
VAL O    O N N 348 
VAL CB   C N N 349 
VAL CG1  C N N 350 
VAL CG2  C N N 351 
VAL OXT  O N N 352 
VAL H    H N N 353 
VAL H2   H N N 354 
VAL HA   H N N 355 
VAL HB   H N N 356 
VAL HG11 H N N 357 
VAL HG12 H N N 358 
VAL HG13 H N N 359 
VAL HG21 H N N 360 
VAL HG22 H N N 361 
VAL HG23 H N N 362 
VAL HXT  H N N 363 
# 
loop_
_chem_comp_bond.comp_id 
_chem_comp_bond.atom_id_1 
_chem_comp_bond.atom_id_2 
_chem_comp_bond.value_order 
_chem_comp_bond.pdbx_aromatic_flag 
_chem_comp_bond.pdbx_stereo_config 
_chem_comp_bond.pdbx_ordinal 
ALA N   CA   sing N N 1   
ALA N   H    sing N N 2   
ALA N   H2   sing N N 3   
ALA CA  C    sing N N 4   
ALA CA  CB   sing N N 5   
ALA CA  HA   sing N N 6   
ALA C   O    doub N N 7   
ALA C   OXT  sing N N 8   
ALA CB  HB1  sing N N 9   
ALA CB  HB2  sing N N 10  
ALA CB  HB3  sing N N 11  
ALA OXT HXT  sing N N 12  
ARG N   CA   sing N N 13  
ARG N   H    sing N N 14  
ARG N   H2   sing N N 15  
ARG CA  C    sing N N 16  
ARG CA  CB   sing N N 17  
ARG CA  HA   sing N N 18  
ARG C   O    doub N N 19  
ARG C   OXT  sing N N 20  
ARG CB  CG   sing N N 21  
ARG CB  HB2  sing N N 22  
ARG CB  HB3  sing N N 23  
ARG CG  CD   sing N N 24  
ARG CG  HG2  sing N N 25  
ARG CG  HG3  sing N N 26  
ARG CD  NE   sing N N 27  
ARG CD  HD2  sing N N 28  
ARG CD  HD3  sing N N 29  
ARG NE  CZ   sing N N 30  
ARG NE  HE   sing N N 31  
ARG CZ  NH1  sing N N 32  
ARG CZ  NH2  doub N N 33  
ARG NH1 HH11 sing N N 34  
ARG NH1 HH12 sing N N 35  
ARG NH2 HH21 sing N N 36  
ARG NH2 HH22 sing N N 37  
ARG OXT HXT  sing N N 38  
ASN N   CA   sing N N 39  
ASN N   H    sing N N 40  
ASN N   H2   sing N N 41  
ASN CA  C    sing N N 42  
ASN CA  CB   sing N N 43  
ASN CA  HA   sing N N 44  
ASN C   O    doub N N 45  
ASN C   OXT  sing N N 46  
ASN CB  CG   sing N N 47  
ASN CB  HB2  sing N N 48  
ASN CB  HB3  sing N N 49  
ASN CG  OD1  doub N N 50  
ASN CG  ND2  sing N N 51  
ASN ND2 HD21 sing N N 52  
ASN ND2 HD22 sing N N 53  
ASN OXT HXT  sing N N 54  
ASP N   CA   sing N N 55  
ASP N   H    sing N N 56  
ASP N   H2   sing N N 57  
ASP CA  C    sing N N 58  
ASP CA  CB   sing N N 59  
ASP CA  HA   sing N N 60  
ASP C   O    doub N N 61  
ASP C   OXT  sing N N 62  
ASP CB  CG   sing N N 63  
ASP CB  HB2  sing N N 64  
ASP CB  HB3  sing N N 65  
ASP CG  OD1  doub N N 66  
ASP CG  OD2  sing N N 67  
ASP OD2 HD2  sing N N 68  
ASP OXT HXT  sing N N 69  
CYS N   CA   sing N N 70  
CYS N   H    sing N N 71  
CYS N   H2   sing N N 72  
CYS CA  C    sing N N 73  
CYS CA  CB   sing N N 74  
CYS CA  HA   sing N N 75  
CYS C   O    doub N N 76  
CYS C   OXT  sing N N 77  
CYS CB  SG   sing N N 78  
CYS CB  HB2  sing N N 79  
CYS CB  HB3  sing N N 80  
CYS SG  HG   sing N N 81  
CYS OXT HXT  sing N N 82  
GLN N   CA   sing N N 83  
GLN N   H    sing N N 84  
GLN N   H2   sing N N 85  
GLN CA  C    sing N N 86  
GLN CA  CB   sing N N 87  
GLN CA  HA   sing N N 88  
GLN C   O    doub N N 89  
GLN C   OXT  sing N N 90  
GLN CB  CG   sing N N 91  
GLN CB  HB2  sing N N 92  
GLN CB  HB3  sing N N 93  
GLN CG  CD   sing N N 94  
GLN CG  HG2  sing N N 95  
GLN CG  HG3  sing N N 96  
GLN CD  OE1  doub N N 97  
GLN CD  NE2  sing N N 98  
GLN NE2 HE21 sing N N 99  
GLN NE2 HE22 sing N N 100 
GLN OXT HXT  sing N N 101 
GLU N   CA   sing N N 102 
GLU N   H    sing N N 103 
GLU N   H2   sing N N 104 
GLU CA  C    sing N N 105 
GLU CA  CB   sing N N 106 
GLU CA  HA   sing N N 107 
GLU C   O    doub N N 108 
GLU C   OXT  sing N N 109 
GLU CB  CG   sing N N 110 
GLU CB  HB2  sing N N 111 
GLU CB  HB3  sing N N 112 
GLU CG  CD   sing N N 113 
GLU CG  HG2  sing N N 114 
GLU CG  HG3  sing N N 115 
GLU CD  OE1  doub N N 116 
GLU CD  OE2  sing N N 117 
GLU OE2 HE2  sing N N 118 
GLU OXT HXT  sing N N 119 
GLY N   CA   sing N N 120 
GLY N   H    sing N N 121 
GLY N   H2   sing N N 122 
GLY CA  C    sing N N 123 
GLY CA  HA2  sing N N 124 
GLY CA  HA3  sing N N 125 
GLY C   O    doub N N 126 
GLY C   OXT  sing N N 127 
GLY OXT HXT  sing N N 128 
HIS N   CA   sing N N 129 
HIS N   H    sing N N 130 
HIS N   H2   sing N N 131 
HIS CA  C    sing N N 132 
HIS CA  CB   sing N N 133 
HIS CA  HA   sing N N 134 
HIS C   O    doub N N 135 
HIS C   OXT  sing N N 136 
HIS CB  CG   sing N N 137 
HIS CB  HB2  sing N N 138 
HIS CB  HB3  sing N N 139 
HIS CG  ND1  sing Y N 140 
HIS CG  CD2  doub Y N 141 
HIS ND1 CE1  doub Y N 142 
HIS ND1 HD1  sing N N 143 
HIS CD2 NE2  sing Y N 144 
HIS CD2 HD2  sing N N 145 
HIS CE1 NE2  sing Y N 146 
HIS CE1 HE1  sing N N 147 
HIS NE2 HE2  sing N N 148 
HIS OXT HXT  sing N N 149 
HOH O   H1   sing N N 150 
HOH O   H2   sing N N 151 
ILE N   CA   sing N N 152 
ILE N   H    sing N N 153 
ILE N   H2   sing N N 154 
ILE CA  C    sing N N 155 
ILE CA  CB   sing N N 156 
ILE CA  HA   sing N N 157 
ILE C   O    doub N N 158 
ILE C   OXT  sing N N 159 
ILE CB  CG1  sing N N 160 
ILE CB  CG2  sing N N 161 
ILE CB  HB   sing N N 162 
ILE CG1 CD1  sing N N 163 
ILE CG1 HG12 sing N N 164 
ILE CG1 HG13 sing N N 165 
ILE CG2 HG21 sing N N 166 
ILE CG2 HG22 sing N N 167 
ILE CG2 HG23 sing N N 168 
ILE CD1 HD11 sing N N 169 
ILE CD1 HD12 sing N N 170 
ILE CD1 HD13 sing N N 171 
ILE OXT HXT  sing N N 172 
LEU N   CA   sing N N 173 
LEU N   H    sing N N 174 
LEU N   H2   sing N N 175 
LEU CA  C    sing N N 176 
LEU CA  CB   sing N N 177 
LEU CA  HA   sing N N 178 
LEU C   O    doub N N 179 
LEU C   OXT  sing N N 180 
LEU CB  CG   sing N N 181 
LEU CB  HB2  sing N N 182 
LEU CB  HB3  sing N N 183 
LEU CG  CD1  sing N N 184 
LEU CG  CD2  sing N N 185 
LEU CG  HG   sing N N 186 
LEU CD1 HD11 sing N N 187 
LEU CD1 HD12 sing N N 188 
LEU CD1 HD13 sing N N 189 
LEU CD2 HD21 sing N N 190 
LEU CD2 HD22 sing N N 191 
LEU CD2 HD23 sing N N 192 
LEU OXT HXT  sing N N 193 
LYS N   CA   sing N N 194 
LYS N   H    sing N N 195 
LYS N   H2   sing N N 196 
LYS CA  C    sing N N 197 
LYS CA  CB   sing N N 198 
LYS CA  HA   sing N N 199 
LYS C   O    doub N N 200 
LYS C   OXT  sing N N 201 
LYS CB  CG   sing N N 202 
LYS CB  HB2  sing N N 203 
LYS CB  HB3  sing N N 204 
LYS CG  CD   sing N N 205 
LYS CG  HG2  sing N N 206 
LYS CG  HG3  sing N N 207 
LYS CD  CE   sing N N 208 
LYS CD  HD2  sing N N 209 
LYS CD  HD3  sing N N 210 
LYS CE  NZ   sing N N 211 
LYS CE  HE2  sing N N 212 
LYS CE  HE3  sing N N 213 
LYS NZ  HZ1  sing N N 214 
LYS NZ  HZ2  sing N N 215 
LYS NZ  HZ3  sing N N 216 
LYS OXT HXT  sing N N 217 
MET N   CA   sing N N 218 
MET N   H    sing N N 219 
MET N   H2   sing N N 220 
MET CA  C    sing N N 221 
MET CA  CB   sing N N 222 
MET CA  HA   sing N N 223 
MET C   O    doub N N 224 
MET C   OXT  sing N N 225 
MET CB  CG   sing N N 226 
MET CB  HB2  sing N N 227 
MET CB  HB3  sing N N 228 
MET CG  SD   sing N N 229 
MET CG  HG2  sing N N 230 
MET CG  HG3  sing N N 231 
MET SD  CE   sing N N 232 
MET CE  HE1  sing N N 233 
MET CE  HE2  sing N N 234 
MET CE  HE3  sing N N 235 
MET OXT HXT  sing N N 236 
PHE N   CA   sing N N 237 
PHE N   H    sing N N 238 
PHE N   H2   sing N N 239 
PHE CA  C    sing N N 240 
PHE CA  CB   sing N N 241 
PHE CA  HA   sing N N 242 
PHE C   O    doub N N 243 
PHE C   OXT  sing N N 244 
PHE CB  CG   sing N N 245 
PHE CB  HB2  sing N N 246 
PHE CB  HB3  sing N N 247 
PHE CG  CD1  doub Y N 248 
PHE CG  CD2  sing Y N 249 
PHE CD1 CE1  sing Y N 250 
PHE CD1 HD1  sing N N 251 
PHE CD2 CE2  doub Y N 252 
PHE CD2 HD2  sing N N 253 
PHE CE1 CZ   doub Y N 254 
PHE CE1 HE1  sing N N 255 
PHE CE2 CZ   sing Y N 256 
PHE CE2 HE2  sing N N 257 
PHE CZ  HZ   sing N N 258 
PHE OXT HXT  sing N N 259 
PRO N   CA   sing N N 260 
PRO N   CD   sing N N 261 
PRO N   H    sing N N 262 
PRO CA  C    sing N N 263 
PRO CA  CB   sing N N 264 
PRO CA  HA   sing N N 265 
PRO C   O    doub N N 266 
PRO C   OXT  sing N N 267 
PRO CB  CG   sing N N 268 
PRO CB  HB2  sing N N 269 
PRO CB  HB3  sing N N 270 
PRO CG  CD   sing N N 271 
PRO CG  HG2  sing N N 272 
PRO CG  HG3  sing N N 273 
PRO CD  HD2  sing N N 274 
PRO CD  HD3  sing N N 275 
PRO OXT HXT  sing N N 276 
SER N   CA   sing N N 277 
SER N   H    sing N N 278 
SER N   H2   sing N N 279 
SER CA  C    sing N N 280 
SER CA  CB   sing N N 281 
SER CA  HA   sing N N 282 
SER C   O    doub N N 283 
SER C   OXT  sing N N 284 
SER CB  OG   sing N N 285 
SER CB  HB2  sing N N 286 
SER CB  HB3  sing N N 287 
SER OG  HG   sing N N 288 
SER OXT HXT  sing N N 289 
THR N   CA   sing N N 290 
THR N   H    sing N N 291 
THR N   H2   sing N N 292 
THR CA  C    sing N N 293 
THR CA  CB   sing N N 294 
THR CA  HA   sing N N 295 
THR C   O    doub N N 296 
THR C   OXT  sing N N 297 
THR CB  OG1  sing N N 298 
THR CB  CG2  sing N N 299 
THR CB  HB   sing N N 300 
THR OG1 HG1  sing N N 301 
THR CG2 HG21 sing N N 302 
THR CG2 HG22 sing N N 303 
THR CG2 HG23 sing N N 304 
THR OXT HXT  sing N N 305 
TYR N   CA   sing N N 306 
TYR N   H    sing N N 307 
TYR N   H2   sing N N 308 
TYR CA  C    sing N N 309 
TYR CA  CB   sing N N 310 
TYR CA  HA   sing N N 311 
TYR C   O    doub N N 312 
TYR C   OXT  sing N N 313 
TYR CB  CG   sing N N 314 
TYR CB  HB2  sing N N 315 
TYR CB  HB3  sing N N 316 
TYR CG  CD1  doub Y N 317 
TYR CG  CD2  sing Y N 318 
TYR CD1 CE1  sing Y N 319 
TYR CD1 HD1  sing N N 320 
TYR CD2 CE2  doub Y N 321 
TYR CD2 HD2  sing N N 322 
TYR CE1 CZ   doub Y N 323 
TYR CE1 HE1  sing N N 324 
TYR CE2 CZ   sing Y N 325 
TYR CE2 HE2  sing N N 326 
TYR CZ  OH   sing N N 327 
TYR OH  HH   sing N N 328 
TYR OXT HXT  sing N N 329 
VAL N   CA   sing N N 330 
VAL N   H    sing N N 331 
VAL N   H2   sing N N 332 
VAL CA  C    sing N N 333 
VAL CA  CB   sing N N 334 
VAL CA  HA   sing N N 335 
VAL C   O    doub N N 336 
VAL C   OXT  sing N N 337 
VAL CB  CG1  sing N N 338 
VAL CB  CG2  sing N N 339 
VAL CB  HB   sing N N 340 
VAL CG1 HG11 sing N N 341 
VAL CG1 HG12 sing N N 342 
VAL CG1 HG13 sing N N 343 
VAL CG2 HG21 sing N N 344 
VAL CG2 HG22 sing N N 345 
VAL CG2 HG23 sing N N 346 
VAL OXT HXT  sing N N 347 
# 
_atom_sites.entry_id                    1A58 
_atom_sites.fract_transf_matrix[1][1]   -0.00205201 
_atom_sites.fract_transf_matrix[1][2]   -0.01512294 
_atom_sites.fract_transf_matrix[1][3]   0.00788478 
_atom_sites.fract_transf_matrix[2][1]   -0.01585552 
_atom_sites.fract_transf_matrix[2][2]   -0.00123407 
_atom_sites.fract_transf_matrix[2][3]   -0.00649333 
_atom_sites.fract_transf_matrix[3][1]   0.00257675 
_atom_sites.fract_transf_matrix[3][2]   -0.00330285 
_atom_sites.fract_transf_matrix[3][3]   -0.00566424 
_atom_sites.fract_transf_vector[1]      0.734374 
_atom_sites.fract_transf_vector[2]      0.537643 
_atom_sites.fract_transf_vector[3]      0.105266 
# 
loop_
_atom_type.symbol 
C 
H 
N 
O 
S 
# 
loop_
_atom_site.group_PDB 
_atom_site.id 
_atom_site.type_symbol 
_atom_site.label_atom_id 
_atom_site.label_alt_id 
_atom_site.label_comp_id 
_atom_site.label_asym_id 
_atom_site.label_entity_id 
_atom_site.label_seq_id 
_atom_site.pdbx_PDB_ins_code 
_atom_site.Cartn_x 
_atom_site.Cartn_y 
_atom_site.Cartn_z 
_atom_site.occupancy 
_atom_site.B_iso_or_equiv 
_atom_site.pdbx_formal_charge 
_atom_site.auth_seq_id 
_atom_site.auth_comp_id 
_atom_site.auth_asym_id 
_atom_site.auth_atom_id 
_atom_site.pdbx_PDB_model_num 
ATOM   1    N N   . MET A 1 1   ? 6.081   -13.217 15.633  1.00 82.98  ? 1   MET A N   1 
ATOM   2    C CA  . MET A 1 1   ? 5.287   -14.058 16.565  1.00 84.54  ? 1   MET A CA  1 
ATOM   3    C C   . MET A 1 1   ? 4.598   -13.244 17.653  1.00 84.05  ? 1   MET A C   1 
ATOM   4    O O   . MET A 1 1   ? 3.406   -13.434 17.903  1.00 85.78  ? 1   MET A O   1 
ATOM   5    C CB  . MET A 1 1   ? 6.147   -15.154 17.173  1.00 86.83  ? 1   MET A CB  1 
ATOM   6    C CG  . MET A 1 1   ? 6.348   -16.329 16.243  1.00 91.25  ? 1   MET A CG  1 
ATOM   7    S SD  . MET A 1 1   ? 7.350   -17.578 17.018  1.00 100.00 ? 1   MET A SD  1 
ATOM   8    C CE  . MET A 1 1   ? 8.909   -17.219 16.268  1.00 98.96  ? 1   MET A CE  1 
ATOM   9    N N   . SER A 1 2   ? 5.334   -12.332 18.286  1.00 81.94  ? 2   SER A N   1 
ATOM   10   C CA  . SER A 1 2   ? 4.761   -11.487 19.340  1.00 79.66  ? 2   SER A CA  1 
ATOM   11   C C   . SER A 1 2   ? 4.273   -10.144 18.769  1.00 77.38  ? 2   SER A C   1 
ATOM   12   O O   . SER A 1 2   ? 4.553   -9.818  17.617  1.00 76.23  ? 2   SER A O   1 
ATOM   13   C CB  . SER A 1 2   ? 5.795   -11.262 20.461  1.00 79.99  ? 2   SER A CB  1 
ATOM   14   O OG  . SER A 1 2   ? 5.241   -10.531 21.544  1.00 77.07  ? 2   SER A OG  1 
ATOM   15   N N   . LYS A 1 3   ? 3.508   -9.399  19.565  1.00 74.80  ? 3   LYS A N   1 
ATOM   16   C CA  . LYS A 1 3   ? 2.993   -8.094  19.157  1.00 72.61  ? 3   LYS A CA  1 
ATOM   17   C C   . LYS A 1 3   ? 4.144   -7.092  19.101  1.00 70.79  ? 3   LYS A C   1 
ATOM   18   O O   . LYS A 1 3   ? 4.057   -6.063  18.428  1.00 70.61  ? 3   LYS A O   1 
ATOM   19   C CB  . LYS A 1 3   ? 1.921   -7.633  20.144  1.00 76.18  ? 3   LYS A CB  1 
ATOM   20   C CG  . LYS A 1 3   ? 1.416   -6.220  19.942  1.00 81.96  ? 3   LYS A CG  1 
ATOM   21   C CD  . LYS A 1 3   ? 0.393   -5.864  20.999  1.00 87.57  ? 3   LYS A CD  1 
ATOM   22   C CE  . LYS A 1 3   ? 0.031   -4.396  20.918  1.00 91.74  ? 3   LYS A CE  1 
ATOM   23   N NZ  . LYS A 1 3   ? -0.908  -4.046  22.008  1.00 95.37  ? 3   LYS A NZ  1 
ATOM   24   N N   . LYS A 1 4   ? 5.233   -7.419  19.791  1.00 69.49  ? 4   LYS A N   1 
ATOM   25   C CA  . LYS A 1 4   ? 6.420   -6.573  19.820  1.00 68.12  ? 4   LYS A CA  1 
ATOM   26   C C   . LYS A 1 4   ? 7.265   -6.793  18.562  1.00 65.80  ? 4   LYS A C   1 
ATOM   27   O O   . LYS A 1 4   ? 8.284   -6.132  18.369  1.00 65.71  ? 4   LYS A O   1 
ATOM   28   C CB  . LYS A 1 4   ? 7.246   -6.856  21.081  1.00 71.24  ? 4   LYS A CB  1 
ATOM   29   C CG  . LYS A 1 4   ? 7.736   -8.288  21.208  1.00 73.74  ? 4   LYS A CG  1 
ATOM   30   C CD  . LYS A 1 4   ? 8.264   -8.575  22.603  1.00 80.14  ? 4   LYS A CD  1 
ATOM   31   C CE  . LYS A 1 4   ? 8.644   -10.041 22.761  1.00 82.38  ? 4   LYS A CE  1 
ATOM   32   N NZ  . LYS A 1 4   ? 9.035   -10.371 24.162  1.00 84.78  ? 4   LYS A NZ  1 
ATOM   33   N N   . ASP A 1 5   ? 6.826   -7.717  17.709  1.00 65.17  ? 5   ASP A N   1 
ATOM   34   C CA  . ASP A 1 5   ? 7.505   -8.044  16.448  1.00 65.82  ? 5   ASP A CA  1 
ATOM   35   C C   . ASP A 1 5   ? 7.099   -7.105  15.308  1.00 62.21  ? 5   ASP A C   1 
ATOM   36   O O   . ASP A 1 5   ? 7.713   -7.113  14.236  1.00 61.56  ? 5   ASP A O   1 
ATOM   37   C CB  . ASP A 1 5   ? 7.169   -9.483  16.027  1.00 72.71  ? 5   ASP A CB  1 
ATOM   38   C CG  . ASP A 1 5   ? 8.331   -10.439 16.208  1.00 77.98  ? 5   ASP A CG  1 
ATOM   39   O OD1 . ASP A 1 5   ? 8.775   -10.625 17.359  1.00 78.05  ? 5   ASP A OD1 1 
ATOM   40   O OD2 . ASP A 1 5   ? 8.788   -11.011 15.192  1.00 82.25  ? 5   ASP A OD2 1 
ATOM   41   N N   . ARG A 1 6   ? 6.049   -6.321  15.548  1.00 56.14  ? 6   ARG A N   1 
ATOM   42   C CA  . ARG A 1 6   ? 5.510   -5.390  14.562  1.00 49.15  ? 6   ARG A CA  1 
ATOM   43   C C   . ARG A 1 6   ? 6.449   -4.256  14.178  1.00 48.14  ? 6   ARG A C   1 
ATOM   44   O O   . ARG A 1 6   ? 6.913   -3.485  15.023  1.00 47.73  ? 6   ARG A O   1 
ATOM   45   C CB  . ARG A 1 6   ? 4.154   -4.859  15.027  1.00 44.26  ? 6   ARG A CB  1 
ATOM   46   C CG  . ARG A 1 6   ? 3.106   -5.958  15.078  1.00 43.54  ? 6   ARG A CG  1 
ATOM   47   C CD  . ARG A 1 6   ? 1.842   -5.560  15.821  1.00 41.49  ? 6   ARG A CD  1 
ATOM   48   N NE  . ARG A 1 6   ? 0.973   -6.723  15.995  1.00 38.84  ? 6   ARG A NE  1 
ATOM   49   C CZ  . ARG A 1 6   ? -0.173  -6.722  16.668  1.00 43.04  ? 6   ARG A CZ  1 
ATOM   50   N NH1 . ARG A 1 6   ? -0.613  -5.613  17.250  1.00 45.76  ? 6   ARG A NH1 1 
ATOM   51   N NH2 . ARG A 1 6   ? -0.892  -7.835  16.746  1.00 45.67  ? 6   ARG A NH2 1 
ATOM   52   N N   . ARG A 1 7   ? 6.723   -4.177  12.878  1.00 44.22  ? 7   ARG A N   1 
ATOM   53   C CA  . ARG A 1 7   ? 7.615   -3.175  12.312  1.00 40.48  ? 7   ARG A CA  1 
ATOM   54   C C   . ARG A 1 7   ? 6.863   -1.922  11.869  1.00 37.68  ? 7   ARG A C   1 
ATOM   55   O O   . ARG A 1 7   ? 5.640   -1.941  11.715  1.00 34.35  ? 7   ARG A O   1 
ATOM   56   C CB  . ARG A 1 7   ? 8.362   -3.789  11.123  1.00 43.08  ? 7   ARG A CB  1 
ATOM   57   C CG  . ARG A 1 7   ? 8.976   -5.151  11.430  1.00 52.45  ? 7   ARG A CG  1 
ATOM   58   C CD  . ARG A 1 7   ? 10.496  -5.133  11.377  1.00 60.95  ? 7   ARG A CD  1 
ATOM   59   N NE  . ARG A 1 7   ? 10.996  -5.901  10.236  1.00 70.00  ? 7   ARG A NE  1 
ATOM   60   C CZ  . ARG A 1 7   ? 12.278  -6.015  9.898   1.00 71.17  ? 7   ARG A CZ  1 
ATOM   61   N NH1 . ARG A 1 7   ? 13.214  -5.404  10.611  1.00 72.98  ? 7   ARG A NH1 1 
ATOM   62   N NH2 . ARG A 1 7   ? 12.626  -6.742  8.841   1.00 70.38  ? 7   ARG A NH2 1 
ATOM   63   N N   . ARG A 1 8   ? 7.597   -0.821  11.721  1.00 35.44  ? 8   ARG A N   1 
ATOM   64   C CA  . ARG A 1 8   ? 7.019   0.444   11.271  1.00 33.49  ? 8   ARG A CA  1 
ATOM   65   C C   . ARG A 1 8   ? 7.680   0.897   9.981   1.00 30.87  ? 8   ARG A C   1 
ATOM   66   O O   . ARG A 1 8   ? 8.898   0.804   9.821   1.00 29.93  ? 8   ARG A O   1 
ATOM   67   C CB  . ARG A 1 8   ? 7.120   1.523   12.349  1.00 35.87  ? 8   ARG A CB  1 
ATOM   68   C CG  . ARG A 1 8   ? 6.112   1.313   13.465  1.00 42.68  ? 8   ARG A CG  1 
ATOM   69   C CD  . ARG A 1 8   ? 6.137   2.419   14.496  1.00 49.81  ? 8   ARG A CD  1 
ATOM   70   N NE  . ARG A 1 8   ? 5.087   2.214   15.493  1.00 60.39  ? 8   ARG A NE  1 
ATOM   71   C CZ  . ARG A 1 8   ? 4.312   3.179   15.983  1.00 64.91  ? 8   ARG A CZ  1 
ATOM   72   N NH1 . ARG A 1 8   ? 4.464   4.437   15.575  1.00 65.44  ? 8   ARG A NH1 1 
ATOM   73   N NH2 . ARG A 1 8   ? 3.368   2.884   16.870  1.00 65.79  ? 8   ARG A NH2 1 
ATOM   74   N N   . VAL A 1 9   ? 6.866   1.413   9.070   1.00 27.99  ? 9   VAL A N   1 
ATOM   75   C CA  . VAL A 1 9   ? 7.346   1.840   7.769   1.00 23.99  ? 9   VAL A CA  1 
ATOM   76   C C   . VAL A 1 9   ? 6.808   3.245   7.420   1.00 22.62  ? 9   VAL A C   1 
ATOM   77   O O   . VAL A 1 9   ? 5.770   3.661   7.933   1.00 20.34  ? 9   VAL A O   1 
ATOM   78   C CB  . VAL A 1 9   ? 6.939   0.755   6.730   1.00 24.51  ? 9   VAL A CB  1 
ATOM   79   C CG1 . VAL A 1 9   ? 5.511   0.961   6.234   1.00 21.14  ? 9   VAL A CG1 1 
ATOM   80   C CG2 . VAL A 1 9   ? 7.936   0.669   5.630   1.00 31.19  ? 9   VAL A CG2 1 
ATOM   81   N N   . PHE A 1 10  ? 7.527   3.988   6.584   1.00 20.02  ? 10  PHE A N   1 
ATOM   82   C CA  . PHE A 1 10  ? 7.081   5.332   6.231   1.00 19.84  ? 10  PHE A CA  1 
ATOM   83   C C   . PHE A 1 10  ? 6.997   5.644   4.747   1.00 21.58  ? 10  PHE A C   1 
ATOM   84   O O   . PHE A 1 10  ? 7.689   5.042   3.925   1.00 23.36  ? 10  PHE A O   1 
ATOM   85   C CB  . PHE A 1 10  ? 7.969   6.385   6.907   1.00 20.38  ? 10  PHE A CB  1 
ATOM   86   C CG  . PHE A 1 10  ? 9.354   6.502   6.315   1.00 21.51  ? 10  PHE A CG  1 
ATOM   87   C CD1 . PHE A 1 10  ? 10.408  5.732   6.812   1.00 20.36  ? 10  PHE A CD1 1 
ATOM   88   C CD2 . PHE A 1 10  ? 9.611   7.407   5.282   1.00 19.10  ? 10  PHE A CD2 1 
ATOM   89   C CE1 . PHE A 1 10  ? 11.700  5.864   6.292   1.00 19.24  ? 10  PHE A CE1 1 
ATOM   90   C CE2 . PHE A 1 10  ? 10.894  7.548   4.752   1.00 20.47  ? 10  PHE A CE2 1 
ATOM   91   C CZ  . PHE A 1 10  ? 11.944  6.772   5.262   1.00 21.90  ? 10  PHE A CZ  1 
ATOM   92   N N   . LEU A 1 11  ? 6.146   6.615   4.420   1.00 21.21  ? 11  LEU A N   1 
ATOM   93   C CA  . LEU A 1 11  ? 5.982   7.084   3.051   1.00 21.15  ? 11  LEU A CA  1 
ATOM   94   C C   . LEU A 1 11  ? 5.896   8.606   3.078   1.00 20.20  ? 11  LEU A C   1 
ATOM   95   O O   . LEU A 1 11  ? 5.010   9.155   3.723   1.00 20.61  ? 11  LEU A O   1 
ATOM   96   C CB  . LEU A 1 11  ? 4.693   6.547   2.414   1.00 20.81  ? 11  LEU A CB  1 
ATOM   97   C CG  . LEU A 1 11  ? 4.382   5.054   2.294   1.00 19.65  ? 11  LEU A CG  1 
ATOM   98   C CD1 . LEU A 1 11  ? 3.086   4.886   1.497   1.00 20.01  ? 11  LEU A CD1 1 
ATOM   99   C CD2 . LEU A 1 11  ? 5.519   4.313   1.616   1.00 16.80  ? 11  LEU A CD2 1 
ATOM   100  N N   . ASP A 1 12  ? 6.860   9.278   2.453   1.00 22.86  ? 12  ASP A N   1 
ATOM   101  C CA  . ASP A 1 12  ? 6.849   10.739  2.356   1.00 21.13  ? 12  ASP A CA  1 
ATOM   102  C C   . ASP A 1 12  ? 6.202   11.010  1.006   1.00 21.73  ? 12  ASP A C   1 
ATOM   103  O O   . ASP A 1 12  ? 6.717   10.594  -0.034  1.00 18.55  ? 12  ASP A O   1 
ATOM   104  C CB  . ASP A 1 12  ? 8.268   11.315  2.387   1.00 22.65  ? 12  ASP A CB  1 
ATOM   105  C CG  . ASP A 1 12  ? 8.892   11.236  3.761   1.00 21.17  ? 12  ASP A CG  1 
ATOM   106  O OD1 . ASP A 1 12  ? 8.144   11.286  4.757   1.00 20.95  ? 12  ASP A OD1 1 
ATOM   107  O OD2 . ASP A 1 12  ? 10.133  11.135  3.849   1.00 21.98  ? 12  ASP A OD2 1 
ATOM   108  N N   . VAL A 1 13  ? 5.067   11.700  1.025   1.00 21.05  ? 13  VAL A N   1 
ATOM   109  C CA  . VAL A 1 13  ? 4.321   11.952  -0.202  1.00 22.45  ? 13  VAL A CA  1 
ATOM   110  C C   . VAL A 1 13  ? 4.286   13.403  -0.657  1.00 22.42  ? 13  VAL A C   1 
ATOM   111  O O   . VAL A 1 13  ? 4.192   14.315  0.160   1.00 20.66  ? 13  VAL A O   1 
ATOM   112  C CB  . VAL A 1 13  ? 2.849   11.437  -0.056  1.00 22.55  ? 13  VAL A CB  1 
ATOM   113  C CG1 . VAL A 1 13  ? 2.118   11.474  -1.400  1.00 21.09  ? 13  VAL A CG1 1 
ATOM   114  C CG2 . VAL A 1 13  ? 2.834   10.022  0.527   1.00 21.09  ? 13  VAL A CG2 1 
ATOM   115  N N   . THR A 1 14  ? 4.394   13.604  -1.968  1.00 22.43  ? 14  THR A N   1 
ATOM   116  C CA  . THR A 1 14  ? 4.314   14.938  -2.553  1.00 22.06  ? 14  THR A CA  1 
ATOM   117  C C   . THR A 1 14  ? 3.121   14.995  -3.525  1.00 24.07  ? 14  THR A C   1 
ATOM   118  O O   . THR A 1 14  ? 2.754   13.988  -4.139  1.00 23.37  ? 14  THR A O   1 
ATOM   119  C CB  . THR A 1 14  ? 5.617   15.341  -3.316  1.00 21.24  ? 14  THR A CB  1 
ATOM   120  O OG1 . THR A 1 14  ? 5.859   14.429  -4.390  1.00 20.86  ? 14  THR A OG1 1 
ATOM   121  C CG2 . THR A 1 14  ? 6.815   15.360  -2.384  1.00 17.52  ? 14  THR A CG2 1 
ATOM   122  N N   . ILE A 1 15  ? 2.471   16.154  -3.598  1.00 22.97  ? 15  ILE A N   1 
ATOM   123  C CA  . ILE A 1 15  ? 1.349   16.358  -4.508  1.00 24.22  ? 15  ILE A CA  1 
ATOM   124  C C   . ILE A 1 15  ? 1.806   17.484  -5.432  1.00 25.20  ? 15  ILE A C   1 
ATOM   125  O O   . ILE A 1 15  ? 1.942   18.632  -5.005  1.00 25.19  ? 15  ILE A O   1 
ATOM   126  C CB  . ILE A 1 15  ? 0.061   16.760  -3.755  1.00 26.31  ? 15  ILE A CB  1 
ATOM   127  C CG1 . ILE A 1 15  ? -0.324  15.655  -2.759  1.00 24.76  ? 15  ILE A CG1 1 
ATOM   128  C CG2 . ILE A 1 15  ? -1.075  16.995  -4.752  1.00 24.61  ? 15  ILE A CG2 1 
ATOM   129  C CD1 . ILE A 1 15  ? -1.440  16.031  -1.800  1.00 20.81  ? 15  ILE A CD1 1 
ATOM   130  N N   . ASP A 1 16  ? 2.085   17.137  -6.687  1.00 26.49  ? 16  ASP A N   1 
ATOM   131  C CA  . ASP A 1 16  ? 2.590   18.096  -7.672  1.00 30.29  ? 16  ASP A CA  1 
ATOM   132  C C   . ASP A 1 16  ? 3.878   18.739  -7.153  1.00 33.19  ? 16  ASP A C   1 
ATOM   133  O O   . ASP A 1 16  ? 4.042   19.960  -7.204  1.00 36.37  ? 16  ASP A O   1 
ATOM   134  C CB  . ASP A 1 16  ? 1.548   19.178  -8.012  1.00 28.22  ? 16  ASP A CB  1 
ATOM   135  C CG  . ASP A 1 16  ? 0.552   18.728  -9.070  1.00 30.07  ? 16  ASP A CG  1 
ATOM   136  O OD1 . ASP A 1 16  ? 0.851   17.794  -9.852  1.00 32.25  ? 16  ASP A OD1 1 
ATOM   137  O OD2 . ASP A 1 16  ? -0.543  19.324  -9.127  1.00 33.98  ? 16  ASP A OD2 1 
ATOM   138  N N   . GLY A 1 17  ? 4.761   17.909  -6.603  1.00 32.26  ? 17  GLY A N   1 
ATOM   139  C CA  . GLY A 1 17  ? 6.032   18.392  -6.087  1.00 31.08  ? 17  GLY A CA  1 
ATOM   140  C C   . GLY A 1 17  ? 6.022   18.980  -4.690  1.00 30.73  ? 17  GLY A C   1 
ATOM   141  O O   . GLY A 1 17  ? 7.075   19.094  -4.065  1.00 32.19  ? 17  GLY A O   1 
ATOM   142  N N   . ASN A 1 18  ? 4.849   19.360  -4.195  1.00 30.79  ? 18  ASN A N   1 
ATOM   143  C CA  . ASN A 1 18  ? 4.748   19.943  -2.860  1.00 32.66  ? 18  ASN A CA  1 
ATOM   144  C C   . ASN A 1 18  ? 4.522   18.864  -1.806  1.00 32.37  ? 18  ASN A C   1 
ATOM   145  O O   . ASN A 1 18  ? 3.574   18.082  -1.906  1.00 29.84  ? 18  ASN A O   1 
ATOM   146  C CB  . ASN A 1 18  ? 3.625   20.982  -2.816  1.00 34.35  ? 18  ASN A CB  1 
ATOM   147  C CG  . ASN A 1 18  ? 3.787   22.059  -3.880  1.00 40.28  ? 18  ASN A CG  1 
ATOM   148  O OD1 . ASN A 1 18  ? 2.818   22.457  -4.524  1.00 43.53  ? 18  ASN A OD1 1 
ATOM   149  N ND2 . ASN A 1 18  ? 5.017   22.526  -4.072  1.00 38.50  ? 18  ASN A ND2 1 
ATOM   150  N N   . LEU A 1 19  ? 5.399   18.828  -0.803  1.00 32.04  ? 19  LEU A N   1 
ATOM   151  C CA  . LEU A 1 19  ? 5.324   17.844  0.277   1.00 32.73  ? 19  LEU A CA  1 
ATOM   152  C C   . LEU A 1 19  ? 4.023   17.912  1.076   1.00 30.61  ? 19  LEU A C   1 
ATOM   153  O O   . LEU A 1 19  ? 3.716   18.928  1.698   1.00 31.49  ? 19  LEU A O   1 
ATOM   154  C CB  . LEU A 1 19  ? 6.521   17.996  1.227   1.00 31.82  ? 19  LEU A CB  1 
ATOM   155  C CG  . LEU A 1 19  ? 6.587   17.058  2.439   1.00 32.52  ? 19  LEU A CG  1 
ATOM   156  C CD1 . LEU A 1 19  ? 6.882   15.628  2.001   1.00 32.70  ? 19  LEU A CD1 1 
ATOM   157  C CD2 . LEU A 1 19  ? 7.659   17.538  3.397   1.00 30.03  ? 19  LEU A CD2 1 
ATOM   158  N N   . ALA A 1 20  ? 3.263   16.819  1.035   1.00 28.56  ? 20  ALA A N   1 
ATOM   159  C CA  . ALA A 1 20  ? 1.999   16.706  1.754   1.00 26.13  ? 20  ALA A CA  1 
ATOM   160  C C   . ALA A 1 20  ? 2.258   16.206  3.175   1.00 26.05  ? 20  ALA A C   1 
ATOM   161  O O   . ALA A 1 20  ? 1.510   16.519  4.100   1.00 25.50  ? 20  ALA A O   1 
ATOM   162  C CB  . ALA A 1 20  ? 1.058   15.755  1.015   1.00 22.46  ? 20  ALA A CB  1 
ATOM   163  N N   . GLY A 1 21  ? 3.324   15.427  3.342   1.00 23.98  ? 21  GLY A N   1 
ATOM   164  C CA  . GLY A 1 21  ? 3.661   14.915  4.655   1.00 21.29  ? 21  GLY A CA  1 
ATOM   165  C C   . GLY A 1 21  ? 4.058   13.456  4.651   1.00 21.47  ? 21  GLY A C   1 
ATOM   166  O O   . GLY A 1 21  ? 4.228   12.854  3.590   1.00 26.36  ? 21  GLY A O   1 
ATOM   167  N N   . ARG A 1 22  ? 4.165   12.887  5.852   1.00 22.10  ? 22  ARG A N   1 
ATOM   168  C CA  . ARG A 1 22  ? 4.553   11.493  6.050   1.00 19.83  ? 22  ARG A CA  1 
ATOM   169  C C   . ARG A 1 22  ? 3.448   10.580  6.589   1.00 19.49  ? 22  ARG A C   1 
ATOM   170  O O   . ARG A 1 22  ? 2.758   10.914  7.552   1.00 20.04  ? 22  ARG A O   1 
ATOM   171  C CB  . ARG A 1 22  ? 5.767   11.424  6.992   1.00 18.66  ? 22  ARG A CB  1 
ATOM   172  C CG  . ARG A 1 22  ? 6.182   10.009  7.403   1.00 16.22  ? 22  ARG A CG  1 
ATOM   173  C CD  . ARG A 1 22  ? 7.499   10.002  8.167   1.00 19.79  ? 22  ARG A CD  1 
ATOM   174  N NE  . ARG A 1 22  ? 8.627   10.337  7.299   1.00 23.30  ? 22  ARG A NE  1 
ATOM   175  C CZ  . ARG A 1 22  ? 9.905   10.158  7.610   1.00 20.08  ? 22  ARG A CZ  1 
ATOM   176  N NH1 . ARG A 1 22  ? 10.240  9.645   8.788   1.00 17.29  ? 22  ARG A NH1 1 
ATOM   177  N NH2 . ARG A 1 22  ? 10.850  10.463  6.727   1.00 16.25  ? 22  ARG A NH2 1 
ATOM   178  N N   . ILE A 1 23  ? 3.293   9.424   5.950   1.00 17.75  ? 23  ILE A N   1 
ATOM   179  C CA  . ILE A 1 23  ? 2.321   8.425   6.380   1.00 17.60  ? 23  ILE A CA  1 
ATOM   180  C C   . ILE A 1 23  ? 3.127   7.308   7.055   1.00 16.41  ? 23  ILE A C   1 
ATOM   181  O O   . ILE A 1 23  ? 4.021   6.725   6.443   1.00 18.51  ? 23  ILE A O   1 
ATOM   182  C CB  . ILE A 1 23  ? 1.541   7.811   5.183   1.00 17.46  ? 23  ILE A CB  1 
ATOM   183  C CG1 . ILE A 1 23  ? 0.807   8.896   4.388   1.00 17.63  ? 23  ILE A CG1 1 
ATOM   184  C CG2 . ILE A 1 23  ? 0.543   6.767   5.680   1.00 14.81  ? 23  ILE A CG2 1 
ATOM   185  C CD1 . ILE A 1 23  ? 0.139   8.373   3.111   1.00 14.43  ? 23  ILE A CD1 1 
ATOM   186  N N   . VAL A 1 24  ? 2.866   7.065   8.334   1.00 17.76  ? 24  VAL A N   1 
ATOM   187  C CA  . VAL A 1 24  ? 3.559   6.000   9.051   1.00 18.04  ? 24  VAL A CA  1 
ATOM   188  C C   . VAL A 1 24  ? 2.567   4.865   9.292   1.00 18.89  ? 24  VAL A C   1 
ATOM   189  O O   . VAL A 1 24  ? 1.443   5.095   9.764   1.00 17.48  ? 24  VAL A O   1 
ATOM   190  C CB  . VAL A 1 24  ? 4.153   6.478   10.406  1.00 18.18  ? 24  VAL A CB  1 
ATOM   191  C CG1 . VAL A 1 24  ? 4.895   5.326   11.095  1.00 16.33  ? 24  VAL A CG1 1 
ATOM   192  C CG2 . VAL A 1 24  ? 5.101   7.651   10.177  1.00 14.63  ? 24  VAL A CG2 1 
ATOM   193  N N   . MET A 1 25  ? 2.985   3.649   8.950   1.00 16.58  ? 25  MET A N   1 
ATOM   194  C CA  . MET A 1 25  ? 2.152   2.464   9.112   1.00 17.53  ? 25  MET A CA  1 
ATOM   195  C C   . MET A 1 25  ? 2.833   1.406   9.968   1.00 19.02  ? 25  MET A C   1 
ATOM   196  O O   . MET A 1 25  ? 4.045   1.213   9.889   1.00 18.95  ? 25  MET A O   1 
ATOM   197  C CB  . MET A 1 25  ? 1.826   1.858   7.740   1.00 23.22  ? 25  MET A CB  1 
ATOM   198  C CG  . MET A 1 25  ? 1.042   2.769   6.803   1.00 22.96  ? 25  MET A CG  1 
ATOM   199  S SD  . MET A 1 25  ? 1.140   2.187   5.104   1.00 28.94  ? 25  MET A SD  1 
ATOM   200  C CE  . MET A 1 25  ? 2.484   3.171   4.509   1.00 29.40  ? 25  MET A CE  1 
ATOM   201  N N   . GLU A 1 26  ? 2.039   0.736   10.797  1.00 19.44  ? 26  GLU A N   1 
ATOM   202  C CA  . GLU A 1 26  ? 2.531   -0.332  11.657  1.00 20.87  ? 26  GLU A CA  1 
ATOM   203  C C   . GLU A 1 26  ? 2.124   -1.640  10.976  1.00 21.51  ? 26  GLU A C   1 
ATOM   204  O O   . GLU A 1 26  ? 0.948   -1.842  10.669  1.00 22.69  ? 26  GLU A O   1 
ATOM   205  C CB  . GLU A 1 26  ? 1.885   -0.229  13.040  1.00 24.25  ? 26  GLU A CB  1 
ATOM   206  C CG  . GLU A 1 26  ? 2.520   -1.106  14.107  1.00 35.34  ? 26  GLU A CG  1 
ATOM   207  C CD  . GLU A 1 26  ? 1.747   -1.092  15.422  1.00 40.62  ? 26  GLU A CD  1 
ATOM   208  O OE1 . GLU A 1 26  ? 1.439   0.009   15.929  1.00 45.11  ? 26  GLU A OE1 1 
ATOM   209  O OE2 . GLU A 1 26  ? 1.440   -2.184  15.946  1.00 45.39  ? 26  GLU A OE2 1 
ATOM   210  N N   . LEU A 1 27  ? 3.108   -2.492  10.690  1.00 18.58  ? 27  LEU A N   1 
ATOM   211  C CA  . LEU A 1 27  ? 2.884   -3.781  10.030  1.00 21.78  ? 27  LEU A CA  1 
ATOM   212  C C   . LEU A 1 27  ? 2.703   -4.928  11.038  1.00 23.51  ? 27  LEU A C   1 
ATOM   213  O O   . LEU A 1 27  ? 3.523   -5.117  11.938  1.00 25.32  ? 27  LEU A O   1 
ATOM   214  C CB  . LEU A 1 27  ? 4.057   -4.092  9.084   1.00 20.42  ? 27  LEU A CB  1 
ATOM   215  C CG  . LEU A 1 27  ? 4.127   -3.501  7.664   1.00 23.93  ? 27  LEU A CG  1 
ATOM   216  C CD1 . LEU A 1 27  ? 3.225   -2.296  7.460   1.00 21.11  ? 27  LEU A CD1 1 
ATOM   217  C CD2 . LEU A 1 27  ? 5.549   -3.154  7.354   1.00 19.49  ? 27  LEU A CD2 1 
ATOM   218  N N   . TYR A 1 28  ? 1.633   -5.700  10.871  1.00 24.27  ? 28  TYR A N   1 
ATOM   219  C CA  . TYR A 1 28  ? 1.346   -6.827  11.761  1.00 27.47  ? 28  TYR A CA  1 
ATOM   220  C C   . TYR A 1 28  ? 2.048   -8.117  11.310  1.00 28.12  ? 28  TYR A C   1 
ATOM   221  O O   . TYR A 1 28  ? 1.401   -9.075  10.883  1.00 27.73  ? 28  TYR A O   1 
ATOM   222  C CB  . TYR A 1 28  ? -0.173  -7.021  11.887  1.00 31.09  ? 28  TYR A CB  1 
ATOM   223  C CG  . TYR A 1 28  ? -0.863  -5.893  12.634  1.00 35.50  ? 28  TYR A CG  1 
ATOM   224  C CD1 . TYR A 1 28  ? -0.593  -4.560  12.326  1.00 41.14  ? 28  TYR A CD1 1 
ATOM   225  C CD2 . TYR A 1 28  ? -1.743  -6.152  13.679  1.00 39.05  ? 28  TYR A CD2 1 
ATOM   226  C CE1 . TYR A 1 28  ? -1.177  -3.512  13.038  1.00 41.44  ? 28  TYR A CE1 1 
ATOM   227  C CE2 . TYR A 1 28  ? -2.340  -5.112  14.400  1.00 42.91  ? 28  TYR A CE2 1 
ATOM   228  C CZ  . TYR A 1 28  ? -2.048  -3.791  14.072  1.00 44.69  ? 28  TYR A CZ  1 
ATOM   229  O OH  . TYR A 1 28  ? -2.626  -2.748  14.768  1.00 45.66  ? 28  TYR A OH  1 
ATOM   230  N N   . ASN A 1 29  ? 3.378   -8.115  11.437  1.00 29.97  ? 29  ASN A N   1 
ATOM   231  C CA  . ASN A 1 29  ? 4.259   -9.226  11.053  1.00 32.61  ? 29  ASN A CA  1 
ATOM   232  C C   . ASN A 1 29  ? 3.917   -10.541 11.734  1.00 32.56  ? 29  ASN A C   1 
ATOM   233  O O   . ASN A 1 29  ? 4.228   -11.613 11.220  1.00 32.91  ? 29  ASN A O   1 
ATOM   234  C CB  . ASN A 1 29  ? 5.716   -8.895  11.393  1.00 36.89  ? 29  ASN A CB  1 
ATOM   235  C CG  . ASN A 1 29  ? 6.203   -7.635  10.718  1.00 41.40  ? 29  ASN A CG  1 
ATOM   236  O OD1 . ASN A 1 29  ? 5.981   -6.531  11.211  1.00 47.01  ? 29  ASN A OD1 1 
ATOM   237  N ND2 . ASN A 1 29  ? 6.885   -7.792  9.587   1.00 45.84  ? 29  ASN A ND2 1 
ATOM   238  N N   . ASP A 1 30  ? 3.327   -10.446 12.917  1.00 29.27  ? 30  ASP A N   1 
ATOM   239  C CA  . ASP A 1 30  ? 2.951   -11.620 13.694  1.00 32.25  ? 30  ASP A CA  1 
ATOM   240  C C   . ASP A 1 30  ? 1.659   -12.283 13.203  1.00 33.17  ? 30  ASP A C   1 
ATOM   241  O O   . ASP A 1 30  ? 1.389   -13.437 13.527  1.00 36.20  ? 30  ASP A O   1 
ATOM   242  C CB  . ASP A 1 30  ? 2.810   -11.234 15.169  1.00 32.53  ? 30  ASP A CB  1 
ATOM   243  C CG  . ASP A 1 30  ? 1.781   -10.133 15.393  1.00 35.81  ? 30  ASP A CG  1 
ATOM   244  O OD1 . ASP A 1 30  ? 1.803   -9.118  14.659  1.00 34.87  ? 30  ASP A OD1 1 
ATOM   245  O OD2 . ASP A 1 30  ? 0.942   -10.287 16.301  1.00 37.01  ? 30  ASP A OD2 1 
ATOM   246  N N   . ILE A 1 31  ? 0.877   -11.557 12.411  1.00 29.42  ? 31  ILE A N   1 
ATOM   247  C CA  . ILE A 1 31  ? -0.386  -12.064 11.898  1.00 26.99  ? 31  ILE A CA  1 
ATOM   248  C C   . ILE A 1 31  ? -0.342  -12.375 10.400  1.00 27.04  ? 31  ILE A C   1 
ATOM   249  O O   . ILE A 1 31  ? -0.942  -13.348 9.938   1.00 26.84  ? 31  ILE A O   1 
ATOM   250  C CB  . ILE A 1 31  ? -1.509  -11.068 12.225  1.00 27.66  ? 31  ILE A CB  1 
ATOM   251  C CG1 . ILE A 1 31  ? -1.719  -11.037 13.737  1.00 29.30  ? 31  ILE A CG1 1 
ATOM   252  C CG2 . ILE A 1 31  ? -2.799  -11.451 11.523  1.00 28.80  ? 31  ILE A CG2 1 
ATOM   253  C CD1 . ILE A 1 31  ? -2.497  -9.849  14.225  1.00 33.37  ? 31  ILE A CD1 1 
ATOM   254  N N   . ALA A 1 32  ? 0.379   -11.553 9.645   1.00 24.24  ? 32  ALA A N   1 
ATOM   255  C CA  . ALA A 1 32  ? 0.513   -11.743 8.208   1.00 21.75  ? 32  ALA A CA  1 
ATOM   256  C C   . ALA A 1 32  ? 1.984   -11.541 7.835   1.00 22.42  ? 32  ALA A C   1 
ATOM   257  O O   . ALA A 1 32  ? 2.342   -10.555 7.193   1.00 24.78  ? 32  ALA A O   1 
ATOM   258  C CB  . ALA A 1 32  ? -0.373  -10.744 7.471   1.00 22.89  ? 32  ALA A CB  1 
ATOM   259  N N   . PRO A 1 33  ? 2.852   -12.503 8.200   1.00 21.54  ? 33  PRO A N   1 
ATOM   260  C CA  . PRO A 1 33  ? 4.293   -12.436 7.920   1.00 22.64  ? 33  PRO A CA  1 
ATOM   261  C C   . PRO A 1 33  ? 4.738   -12.222 6.471   1.00 22.55  ? 33  PRO A C   1 
ATOM   262  O O   . PRO A 1 33  ? 5.578   -11.356 6.214   1.00 22.13  ? 33  PRO A O   1 
ATOM   263  C CB  . PRO A 1 33  ? 4.824   -13.752 8.508   1.00 23.63  ? 33  PRO A CB  1 
ATOM   264  C CG  . PRO A 1 33  ? 3.628   -14.678 8.449   1.00 20.53  ? 33  PRO A CG  1 
ATOM   265  C CD  . PRO A 1 33  ? 2.505   -13.770 8.875   1.00 23.17  ? 33  PRO A CD  1 
ATOM   266  N N   . ARG A 1 34  ? 4.184   -12.992 5.533   1.00 23.60  ? 34  ARG A N   1 
ATOM   267  C CA  . ARG A 1 34  ? 4.559   -12.866 4.122   1.00 22.62  ? 34  ARG A CA  1 
ATOM   268  C C   . ARG A 1 34  ? 4.129   -11.537 3.507   1.00 22.11  ? 34  ARG A C   1 
ATOM   269  O O   . ARG A 1 34  ? 4.900   -10.900 2.786   1.00 26.40  ? 34  ARG A O   1 
ATOM   270  C CB  . ARG A 1 34  ? 3.983   -14.014 3.288   1.00 24.16  ? 34  ARG A CB  1 
ATOM   271  C CG  . ARG A 1 34  ? 4.335   -15.399 3.775   1.00 26.07  ? 34  ARG A CG  1 
ATOM   272  C CD  . ARG A 1 34  ? 4.081   -16.418 2.679   1.00 26.46  ? 34  ARG A CD  1 
ATOM   273  N NE  . ARG A 1 34  ? 5.135   -16.387 1.670   1.00 34.42  ? 34  ARG A NE  1 
ATOM   274  C CZ  . ARG A 1 34  ? 4.942   -16.571 0.366   1.00 38.24  ? 34  ARG A CZ  1 
ATOM   275  N NH1 . ARG A 1 34  ? 3.724   -16.795 -0.111  1.00 42.06  ? 34  ARG A NH1 1 
ATOM   276  N NH2 . ARG A 1 34  ? 5.979   -16.575 -0.462  1.00 38.08  ? 34  ARG A NH2 1 
ATOM   277  N N   . THR A 1 35  ? 2.893   -11.129 3.782   1.00 20.92  ? 35  THR A N   1 
ATOM   278  C CA  . THR A 1 35  ? 2.357   -9.882  3.250   1.00 19.11  ? 35  THR A CA  1 
ATOM   279  C C   . THR A 1 35  ? 3.098   -8.665  3.818   1.00 19.71  ? 35  THR A C   1 
ATOM   280  O O   . THR A 1 35  ? 3.427   -7.739  3.078   1.00 22.08  ? 35  THR A O   1 
ATOM   281  C CB  . THR A 1 35  ? 0.839   -9.775  3.517   1.00 19.52  ? 35  THR A CB  1 
ATOM   282  O OG1 . THR A 1 35  ? 0.201   -10.983 3.083   1.00 19.58  ? 35  THR A OG1 1 
ATOM   283  C CG2 . THR A 1 35  ? 0.246   -8.621  2.743   1.00 16.91  ? 35  THR A CG2 1 
ATOM   284  N N   . CYS A 1 36  ? 3.397   -8.691  5.114   1.00 18.31  ? 36  CYS A N   1 
ATOM   285  C CA  . CYS A 1 36  ? 4.121   -7.598  5.770   1.00 18.43  ? 36  CYS A CA  1 
ATOM   286  C C   . CYS A 1 36  ? 5.575   -7.530  5.303   1.00 18.42  ? 36  CYS A C   1 
ATOM   287  O O   . CYS A 1 36  ? 6.141   -6.445  5.149   1.00 18.89  ? 36  CYS A O   1 
ATOM   288  C CB  . CYS A 1 36  ? 4.091   -7.763  7.293   1.00 19.57  ? 36  CYS A CB  1 
ATOM   289  S SG  . CYS A 1 36  ? 2.486   -7.500  8.047   1.00 21.82  ? 36  CYS A SG  1 
ATOM   290  N N   . ASN A 1 37  ? 6.183   -8.696  5.098   1.00 19.72  ? 37  ASN A N   1 
ATOM   291  C CA  . ASN A 1 37  ? 7.560   -8.762  4.644   1.00 18.75  ? 37  ASN A CA  1 
ATOM   292  C C   . ASN A 1 37  ? 7.648   -8.208  3.226   1.00 20.01  ? 37  ASN A C   1 
ATOM   293  O O   . ASN A 1 37  ? 8.555   -7.431  2.909   1.00 19.81  ? 37  ASN A O   1 
ATOM   294  C CB  . ASN A 1 37  ? 8.069   -10.204 4.687   1.00 19.44  ? 37  ASN A CB  1 
ATOM   295  C CG  . ASN A 1 37  ? 9.522   -10.317 4.277   1.00 26.48  ? 37  ASN A CG  1 
ATOM   296  O OD1 . ASN A 1 37  ? 10.382  -9.600  4.793   1.00 29.01  ? 37  ASN A OD1 1 
ATOM   297  N ND2 . ASN A 1 37  ? 9.802   -11.200 3.326   1.00 25.80  ? 37  ASN A ND2 1 
ATOM   298  N N   . ASN A 1 38  ? 6.694   -8.597  2.382   1.00 17.88  ? 38  ASN A N   1 
ATOM   299  C CA  . ASN A 1 38  ? 6.661   -8.123  1.007   1.00 17.07  ? 38  ASN A CA  1 
ATOM   300  C C   . ASN A 1 38  ? 6.573   -6.603  1.005   1.00 17.98  ? 38  ASN A C   1 
ATOM   301  O O   . ASN A 1 38  ? 7.376   -5.932  0.355   1.00 20.21  ? 38  ASN A O   1 
ATOM   302  C CB  . ASN A 1 38  ? 5.464   -8.716  0.251   1.00 17.06  ? 38  ASN A CB  1 
ATOM   303  C CG  . ASN A 1 38  ? 5.367   -8.208  -1.185  1.00 18.49  ? 38  ASN A CG  1 
ATOM   304  O OD1 . ASN A 1 38  ? 6.271   -8.427  -1.994  1.00 18.52  ? 38  ASN A OD1 1 
ATOM   305  N ND2 . ASN A 1 38  ? 4.277   -7.510  -1.500  1.00 19.70  ? 38  ASN A ND2 1 
ATOM   306  N N   . PHE A 1 39  ? 5.634   -6.066  1.786   1.00 16.22  ? 39  PHE A N   1 
ATOM   307  C CA  . PHE A 1 39  ? 5.429   -4.624  1.865   1.00 17.04  ? 39  PHE A CA  1 
ATOM   308  C C   . PHE A 1 39  ? 6.655   -3.877  2.389   1.00 18.79  ? 39  PHE A C   1 
ATOM   309  O O   . PHE A 1 39  ? 7.076   -2.882  1.797   1.00 19.07  ? 39  PHE A O   1 
ATOM   310  C CB  . PHE A 1 39  ? 4.204   -4.295  2.723   1.00 15.28  ? 39  PHE A CB  1 
ATOM   311  C CG  . PHE A 1 39  ? 3.744   -2.869  2.598   1.00 15.89  ? 39  PHE A CG  1 
ATOM   312  C CD1 . PHE A 1 39  ? 2.885   -2.493  1.567   1.00 15.46  ? 39  PHE A CD1 1 
ATOM   313  C CD2 . PHE A 1 39  ? 4.161   -1.903  3.509   1.00 15.98  ? 39  PHE A CD2 1 
ATOM   314  C CE1 . PHE A 1 39  ? 2.448   -1.180  1.446   1.00 13.26  ? 39  PHE A CE1 1 
ATOM   315  C CE2 . PHE A 1 39  ? 3.731   -0.587  3.396   1.00 16.38  ? 39  PHE A CE2 1 
ATOM   316  C CZ  . PHE A 1 39  ? 2.871   -0.225  2.362   1.00 17.45  ? 39  PHE A CZ  1 
ATOM   317  N N   . LEU A 1 40  ? 7.223   -4.368  3.490   1.00 20.56  ? 40  LEU A N   1 
ATOM   318  C CA  . LEU A 1 40  ? 8.404   -3.762  4.111   1.00 23.77  ? 40  LEU A CA  1 
ATOM   319  C C   . LEU A 1 40  ? 9.579   -3.734  3.129   1.00 22.35  ? 40  LEU A C   1 
ATOM   320  O O   . LEU A 1 40  ? 10.269  -2.721  3.013   1.00 18.53  ? 40  LEU A O   1 
ATOM   321  C CB  . LEU A 1 40  ? 8.782   -4.526  5.395   1.00 25.95  ? 40  LEU A CB  1 
ATOM   322  C CG  . LEU A 1 40  ? 9.924   -4.105  6.344   1.00 33.02  ? 40  LEU A CG  1 
ATOM   323  C CD1 . LEU A 1 40  ? 11.283  -4.470  5.783   1.00 28.62  ? 40  LEU A CD1 1 
ATOM   324  C CD2 . LEU A 1 40  ? 9.853   -2.628  6.690   1.00 28.05  ? 40  LEU A CD2 1 
ATOM   325  N N   . MET A 1 41  ? 9.791   -4.840  2.414   1.00 22.25  ? 41  MET A N   1 
ATOM   326  C CA  . MET A 1 41  ? 10.876  -4.921  1.435   1.00 20.95  ? 41  MET A CA  1 
ATOM   327  C C   . MET A 1 41  ? 10.645  -3.955  0.265   1.00 18.96  ? 41  MET A C   1 
ATOM   328  O O   . MET A 1 41  ? 11.598  -3.410  -0.294  1.00 17.02  ? 41  MET A O   1 
ATOM   329  C CB  . MET A 1 41  ? 11.045  -6.363  0.919   1.00 23.98  ? 41  MET A CB  1 
ATOM   330  C CG  . MET A 1 41  ? 11.472  -7.381  1.975   1.00 25.76  ? 41  MET A CG  1 
ATOM   331  S SD  . MET A 1 41  ? 12.992  -6.924  2.842   1.00 33.45  ? 41  MET A SD  1 
ATOM   332  C CE  . MET A 1 41  ? 14.139  -7.165  1.614   1.00 21.60  ? 41  MET A CE  1 
ATOM   333  N N   . LEU A 1 42  ? 9.382   -3.738  -0.100  1.00 18.04  ? 42  LEU A N   1 
ATOM   334  C CA  . LEU A 1 42  ? 9.061   -2.818  -1.192  1.00 19.46  ? 42  LEU A CA  1 
ATOM   335  C C   . LEU A 1 42  ? 9.315   -1.357  -0.797  1.00 18.91  ? 42  LEU A C   1 
ATOM   336  O O   . LEU A 1 42  ? 9.649   -0.530  -1.645  1.00 19.17  ? 42  LEU A O   1 
ATOM   337  C CB  . LEU A 1 42  ? 7.623   -3.029  -1.674  1.00 19.60  ? 42  LEU A CB  1 
ATOM   338  C CG  . LEU A 1 42  ? 7.402   -4.335  -2.453  1.00 21.76  ? 42  LEU A CG  1 
ATOM   339  C CD1 . LEU A 1 42  ? 5.922   -4.621  -2.636  1.00 20.03  ? 42  LEU A CD1 1 
ATOM   340  C CD2 . LEU A 1 42  ? 8.096   -4.258  -3.800  1.00 24.78  ? 42  LEU A CD2 1 
ATOM   341  N N   . CYS A 1 43  ? 9.190   -1.046  0.493   1.00 18.74  ? 43  CYS A N   1 
ATOM   342  C CA  . CYS A 1 43  ? 9.448   0.310   0.979   1.00 18.31  ? 43  CYS A CA  1 
ATOM   343  C C   . CYS A 1 43  ? 10.958  0.596   1.040   1.00 20.77  ? 43  CYS A C   1 
ATOM   344  O O   . CYS A 1 43  ? 11.401  1.705   0.738   1.00 22.84  ? 43  CYS A O   1 
ATOM   345  C CB  . CYS A 1 43  ? 8.858   0.512   2.379   1.00 17.75  ? 43  CYS A CB  1 
ATOM   346  S SG  . CYS A 1 43  ? 7.065   0.647   2.489   1.00 18.91  ? 43  CYS A SG  1 
ATOM   347  N N   . THR A 1 44  ? 11.743  -0.410  1.425   1.00 19.77  ? 44  THR A N   1 
ATOM   348  C CA  . THR A 1 44  ? 13.187  -0.240  1.547   1.00 19.90  ? 44  THR A CA  1 
ATOM   349  C C   . THR A 1 44  ? 13.986  -0.541  0.276   1.00 19.97  ? 44  THR A C   1 
ATOM   350  O O   . THR A 1 44  ? 15.091  -0.025  0.101   1.00 21.51  ? 44  THR A O   1 
ATOM   351  C CB  . THR A 1 44  ? 13.747  -1.089  2.705   1.00 17.62  ? 44  THR A CB  1 
ATOM   352  O OG1 . THR A 1 44  ? 13.740  -2.472  2.334   1.00 18.15  ? 44  THR A OG1 1 
ATOM   353  C CG2 . THR A 1 44  ? 12.896  -0.902  3.960   1.00 14.80  ? 44  THR A CG2 1 
ATOM   354  N N   . GLY A 1 45  ? 13.427  -1.367  -0.605  1.00 19.28  ? 45  GLY A N   1 
ATOM   355  C CA  . GLY A 1 45  ? 14.115  -1.721  -1.837  1.00 18.60  ? 45  GLY A CA  1 
ATOM   356  C C   . GLY A 1 45  ? 15.223  -2.742  -1.649  1.00 21.30  ? 45  GLY A C   1 
ATOM   357  O O   . GLY A 1 45  ? 15.969  -3.041  -2.584  1.00 22.57  ? 45  GLY A O   1 
ATOM   358  N N   . MET A 1 46  ? 15.278  -3.330  -0.459  1.00 20.78  ? 46  MET A N   1 
ATOM   359  C CA  . MET A 1 46  ? 16.305  -4.306  -0.103  1.00 20.74  ? 46  MET A CA  1 
ATOM   360  C C   . MET A 1 46  ? 16.103  -5.753  -0.565  1.00 21.97  ? 46  MET A C   1 
ATOM   361  O O   . MET A 1 46  ? 16.658  -6.684  0.035   1.00 19.81  ? 46  MET A O   1 
ATOM   362  C CB  . MET A 1 46  ? 16.539  -4.261  1.409   1.00 21.29  ? 46  MET A CB  1 
ATOM   363  C CG  . MET A 1 46  ? 17.015  -2.903  1.921   1.00 20.42  ? 46  MET A CG  1 
ATOM   364  S SD  . MET A 1 46  ? 18.663  -2.460  1.333   1.00 20.29  ? 46  MET A SD  1 
ATOM   365  C CE  . MET A 1 46  ? 18.625  -0.704  1.468   1.00 19.89  ? 46  MET A CE  1 
ATOM   366  N N   . ALA A 1 47  ? 15.321  -5.945  -1.628  1.00 22.68  ? 47  ALA A N   1 
ATOM   367  C CA  . ALA A 1 47  ? 15.085  -7.286  -2.165  1.00 23.17  ? 47  ALA A CA  1 
ATOM   368  C C   . ALA A 1 47  ? 15.492  -7.423  -3.638  1.00 22.72  ? 47  ALA A C   1 
ATOM   369  O O   . ALA A 1 47  ? 15.348  -8.494  -4.224  1.00 26.12  ? 47  ALA A O   1 
ATOM   370  C CB  . ALA A 1 47  ? 13.633  -7.704  -1.967  1.00 21.90  ? 47  ALA A CB  1 
ATOM   371  N N   . GLY A 1 48  ? 15.986  -6.336  -4.233  1.00 20.90  ? 48  GLY A N   1 
ATOM   372  C CA  . GLY A 1 48  ? 16.427  -6.382  -5.619  1.00 23.40  ? 48  GLY A CA  1 
ATOM   373  C C   . GLY A 1 48  ? 15.413  -6.079  -6.711  1.00 24.04  ? 48  GLY A C   1 
ATOM   374  O O   . GLY A 1 48  ? 14.532  -5.235  -6.541  1.00 24.17  ? 48  GLY A O   1 
ATOM   375  N N   . THR A 1 49  ? 15.556  -6.767  -7.846  1.00 24.41  ? 49  THR A N   1 
ATOM   376  C CA  . THR A 1 49  ? 14.669  -6.583  -8.998  1.00 25.16  ? 49  THR A CA  1 
ATOM   377  C C   . THR A 1 49  ? 13.615  -7.678  -9.145  1.00 25.84  ? 49  THR A C   1 
ATOM   378  O O   . THR A 1 49  ? 13.817  -8.810  -8.695  1.00 24.48  ? 49  THR A O   1 
ATOM   379  C CB  . THR A 1 49  ? 15.465  -6.499  -10.314 1.00 25.59  ? 49  THR A CB  1 
ATOM   380  O OG1 . THR A 1 49  ? 16.210  -7.707  -10.502 1.00 33.44  ? 49  THR A OG1 1 
ATOM   381  C CG2 . THR A 1 49  ? 16.410  -5.316  -10.293 1.00 24.42  ? 49  THR A CG2 1 
ATOM   382  N N   . GLY A 1 50  ? 12.509  -7.338  -9.807  1.00 24.07  ? 50  GLY A N   1 
ATOM   383  C CA  . GLY A 1 50  ? 11.431  -8.289  -10.014 1.00 23.38  ? 50  GLY A CA  1 
ATOM   384  C C   . GLY A 1 50  ? 11.799  -9.487  -10.872 1.00 25.47  ? 50  GLY A C   1 
ATOM   385  O O   . GLY A 1 50  ? 12.415  -9.348  -11.923 1.00 26.38  ? 50  GLY A O   1 
ATOM   386  N N   . LYS A 1 51  ? 11.412  -10.668 -10.405 1.00 28.10  ? 51  LYS A N   1 
ATOM   387  C CA  . LYS A 1 51  ? 11.669  -11.935 -11.084 1.00 29.99  ? 51  LYS A CA  1 
ATOM   388  C C   . LYS A 1 51  ? 11.124  -11.916 -12.515 1.00 30.76  ? 51  LYS A C   1 
ATOM   389  O O   . LYS A 1 51  ? 11.850  -12.155 -13.473 1.00 32.52  ? 51  LYS A O   1 
ATOM   390  C CB  . LYS A 1 51  ? 10.983  -13.051 -10.301 1.00 35.43  ? 51  LYS A CB  1 
ATOM   391  C CG  . LYS A 1 51  ? 11.471  -14.441 -10.603 1.00 47.33  ? 51  LYS A CG  1 
ATOM   392  C CD  . LYS A 1 51  ? 12.720  -14.752 -9.805  1.00 57.19  ? 51  LYS A CD  1 
ATOM   393  C CE  . LYS A 1 51  ? 12.425  -14.871 -8.323  1.00 58.54  ? 51  LYS A CE  1 
ATOM   394  N NZ  . LYS A 1 51  ? 13.667  -15.211 -7.581  1.00 63.65  ? 51  LYS A NZ  1 
ATOM   395  N N   . ILE A 1 52  ? 9.840   -11.604 -12.645 1.00 28.96  ? 52  ILE A N   1 
ATOM   396  C CA  . ILE A 1 52  ? 9.172   -11.562 -13.937 1.00 27.35  ? 52  ILE A CA  1 
ATOM   397  C C   . ILE A 1 52  ? 9.318   -10.234 -14.692 1.00 28.24  ? 52  ILE A C   1 
ATOM   398  O O   . ILE A 1 52  ? 9.537   -10.229 -15.908 1.00 29.03  ? 52  ILE A O   1 
ATOM   399  C CB  . ILE A 1 52  ? 7.685   -11.948 -13.772 1.00 26.27  ? 52  ILE A CB  1 
ATOM   400  C CG1 . ILE A 1 52  ? 7.592   -13.399 -13.294 1.00 24.46  ? 52  ILE A CG1 1 
ATOM   401  C CG2 . ILE A 1 52  ? 6.923   -11.768 -15.076 1.00 24.83  ? 52  ILE A CG2 1 
ATOM   402  C CD1 . ILE A 1 52  ? 6.187   -13.873 -13.039 1.00 30.28  ? 52  ILE A CD1 1 
ATOM   403  N N   . SER A 1 53  ? 9.237   -9.117  -13.972 1.00 27.49  ? 53  SER A N   1 
ATOM   404  C CA  . SER A 1 53  ? 9.349   -7.792  -14.583 1.00 27.70  ? 53  SER A CA  1 
ATOM   405  C C   . SER A 1 53  ? 10.781  -7.272  -14.760 1.00 30.59  ? 53  SER A C   1 
ATOM   406  O O   . SER A 1 53  ? 11.025  -6.372  -15.572 1.00 30.93  ? 53  SER A O   1 
ATOM   407  C CB  . SER A 1 53  ? 8.541   -6.766  -13.780 1.00 29.21  ? 53  SER A CB  1 
ATOM   408  O OG  . SER A 1 53  ? 9.163   -6.463  -12.539 1.00 25.30  ? 53  SER A OG  1 
ATOM   409  N N   . GLY A 1 54  ? 11.717  -7.810  -13.981 1.00 29.56  ? 54  GLY A N   1 
ATOM   410  C CA  . GLY A 1 54  ? 13.096  -7.361  -14.065 1.00 31.68  ? 54  GLY A CA  1 
ATOM   411  C C   . GLY A 1 54  ? 13.269  -5.901  -13.670 1.00 34.20  ? 54  GLY A C   1 
ATOM   412  O O   . GLY A 1 54  ? 14.290  -5.288  -13.998 1.00 36.57  ? 54  GLY A O   1 
ATOM   413  N N   . LYS A 1 55  ? 12.264  -5.338  -12.992 1.00 33.72  ? 55  LYS A N   1 
ATOM   414  C CA  . LYS A 1 55  ? 12.302  -3.942  -12.544 1.00 31.82  ? 55  LYS A CA  1 
ATOM   415  C C   . LYS A 1 55  ? 12.509  -3.895  -11.026 1.00 30.30  ? 55  LYS A C   1 
ATOM   416  O O   . LYS A 1 55  ? 12.181  -4.856  -10.326 1.00 27.11  ? 55  LYS A O   1 
ATOM   417  C CB  . LYS A 1 55  ? 11.002  -3.220  -12.920 1.00 34.10  ? 55  LYS A CB  1 
ATOM   418  C CG  . LYS A 1 55  ? 10.509  -3.534  -14.320 1.00 44.88  ? 55  LYS A CG  1 
ATOM   419  C CD  . LYS A 1 55  ? 9.897   -2.333  -15.009 1.00 52.03  ? 55  LYS A CD  1 
ATOM   420  C CE  . LYS A 1 55  ? 10.978  -1.376  -15.475 1.00 59.19  ? 55  LYS A CE  1 
ATOM   421  N NZ  . LYS A 1 55  ? 10.403  -0.256  -16.264 1.00 63.36  ? 55  LYS A NZ  1 
ATOM   422  N N   . PRO A 1 56  ? 13.065  -2.783  -10.498 1.00 28.40  ? 56  PRO A N   1 
ATOM   423  C CA  . PRO A 1 56  ? 13.321  -2.612  -9.064  1.00 26.59  ? 56  PRO A CA  1 
ATOM   424  C C   . PRO A 1 56  ? 12.087  -2.836  -8.208  1.00 25.99  ? 56  PRO A C   1 
ATOM   425  O O   . PRO A 1 56  ? 11.029  -2.267  -8.475  1.00 26.80  ? 56  PRO A O   1 
ATOM   426  C CB  . PRO A 1 56  ? 13.780  -1.160  -8.967  1.00 23.56  ? 56  PRO A CB  1 
ATOM   427  C CG  . PRO A 1 56  ? 14.469  -0.945  -10.260 1.00 28.32  ? 56  PRO A CG  1 
ATOM   428  C CD  . PRO A 1 56  ? 13.517  -1.591  -11.242 1.00 30.15  ? 56  PRO A CD  1 
ATOM   429  N N   . LEU A 1 57  ? 12.228  -3.696  -7.203  1.00 23.53  ? 57  LEU A N   1 
ATOM   430  C CA  . LEU A 1 57  ? 11.142  -3.996  -6.281  1.00 24.24  ? 57  LEU A CA  1 
ATOM   431  C C   . LEU A 1 57  ? 11.098  -2.939  -5.183  1.00 26.17  ? 57  LEU A C   1 
ATOM   432  O O   . LEU A 1 57  ? 11.593  -3.173  -4.075  1.00 22.84  ? 57  LEU A O   1 
ATOM   433  C CB  . LEU A 1 57  ? 11.358  -5.366  -5.640  1.00 21.87  ? 57  LEU A CB  1 
ATOM   434  C CG  . LEU A 1 57  ? 11.171  -6.599  -6.510  1.00 18.70  ? 57  LEU A CG  1 
ATOM   435  C CD1 . LEU A 1 57  ? 11.895  -7.760  -5.866  1.00 18.98  ? 57  LEU A CD1 1 
ATOM   436  C CD2 . LEU A 1 57  ? 9.697   -6.902  -6.681  1.00 18.70  ? 57  LEU A CD2 1 
ATOM   437  N N   . HIS A 1 58  ? 10.548  -1.767  -5.496  1.00 25.43  ? 58  HIS A N   1 
ATOM   438  C CA  . HIS A 1 58  ? 10.456  -0.718  -4.498  1.00 27.91  ? 58  HIS A CA  1 
ATOM   439  C C   . HIS A 1 58  ? 9.635   0.520   -4.860  1.00 27.13  ? 58  HIS A C   1 
ATOM   440  O O   . HIS A 1 58  ? 9.580   0.943   -6.015  1.00 27.27  ? 58  HIS A O   1 
ATOM   441  C CB  . HIS A 1 58  ? 11.832  -0.522  -3.813  1.00 34.10  ? 58  HIS A CB  1 
ATOM   442  C CG  . HIS A 1 58  ? 12.434  0.844   -3.872  1.00 28.67  ? 58  HIS A CG  1 
ATOM   443  N ND1 . HIS A 1 58  ? 12.770  1.533   -2.724  1.00 23.44  ? 58  HIS A ND1 1 
ATOM   444  C CD2 . HIS A 1 58  ? 12.993  1.531   -4.895  1.00 28.02  ? 58  HIS A CD2 1 
ATOM   445  C CE1 . HIS A 1 58  ? 13.524  2.569   -3.034  1.00 19.73  ? 58  HIS A CE1 1 
ATOM   446  N NE2 . HIS A 1 58  ? 13.674  2.592   -4.347  1.00 31.45  ? 58  HIS A NE2 1 
ATOM   447  N N   . TYR A 1 59  ? 8.833   0.930   -3.880  1.00 22.96  ? 59  TYR A N   1 
ATOM   448  C CA  . TYR A 1 59  ? 7.891   2.035   -3.982  1.00 20.84  ? 59  TYR A CA  1 
ATOM   449  C C   . TYR A 1 59  ? 8.407   3.426   -4.295  1.00 21.07  ? 59  TYR A C   1 
ATOM   450  O O   . TYR A 1 59  ? 7.632   4.272   -4.741  1.00 20.75  ? 59  TYR A O   1 
ATOM   451  C CB  . TYR A 1 59  ? 7.038   2.101   -2.707  1.00 20.99  ? 59  TYR A CB  1 
ATOM   452  C CG  . TYR A 1 59  ? 6.144   0.898   -2.475  1.00 18.63  ? 59  TYR A CG  1 
ATOM   453  C CD1 . TYR A 1 59  ? 5.478   0.279   -3.533  1.00 19.21  ? 59  TYR A CD1 1 
ATOM   454  C CD2 . TYR A 1 59  ? 5.952   0.390   -1.189  1.00 16.32  ? 59  TYR A CD2 1 
ATOM   455  C CE1 . TYR A 1 59  ? 4.635   -0.812  -3.317  1.00 17.71  ? 59  TYR A CE1 1 
ATOM   456  C CE2 . TYR A 1 59  ? 5.112   -0.703  -0.960  1.00 18.55  ? 59  TYR A CE2 1 
ATOM   457  C CZ  . TYR A 1 59  ? 4.458   -1.299  -2.030  1.00 17.39  ? 59  TYR A CZ  1 
ATOM   458  O OH  . TYR A 1 59  ? 3.617   -2.367  -1.819  1.00 14.53  ? 59  TYR A OH  1 
ATOM   459  N N   . LYS A 1 60  ? 9.692   3.678   -4.057  1.00 19.54  ? 60  LYS A N   1 
ATOM   460  C CA  . LYS A 1 60  ? 10.261  5.003   -4.312  1.00 21.30  ? 60  LYS A CA  1 
ATOM   461  C C   . LYS A 1 60  ? 9.959   5.485   -5.719  1.00 21.29  ? 60  LYS A C   1 
ATOM   462  O O   . LYS A 1 60  ? 10.319  4.830   -6.697  1.00 23.96  ? 60  LYS A O   1 
ATOM   463  C CB  . LYS A 1 60  ? 11.767  4.974   -4.107  1.00 24.65  ? 60  LYS A CB  1 
ATOM   464  C CG  . LYS A 1 60  ? 12.366  6.215   -3.467  1.00 29.09  ? 60  LYS A CG  1 
ATOM   465  C CD  . LYS A 1 60  ? 12.603  7.337   -4.449  1.00 31.18  ? 60  LYS A CD  1 
ATOM   466  C CE  . LYS A 1 60  ? 13.845  8.143   -4.050  1.00 38.35  ? 60  LYS A CE  1 
ATOM   467  N NZ  . LYS A 1 60  ? 13.908  8.513   -2.590  1.00 38.64  ? 60  LYS A NZ  1 
ATOM   468  N N   . GLY A 1 61  ? 9.279   6.623   -5.815  1.00 22.72  ? 61  GLY A N   1 
ATOM   469  C CA  . GLY A 1 61  ? 8.950   7.173   -7.116  1.00 22.58  ? 61  GLY A CA  1 
ATOM   470  C C   . GLY A 1 61  ? 7.608   6.755   -7.680  1.00 24.93  ? 61  GLY A C   1 
ATOM   471  O O   . GLY A 1 61  ? 7.138   7.364   -8.644  1.00 26.15  ? 61  GLY A O   1 
ATOM   472  N N   . SER A 1 62  ? 6.995   5.712   -7.120  1.00 24.30  ? 62  SER A N   1 
ATOM   473  C CA  . SER A 1 62  ? 5.688   5.277   -7.605  1.00 22.16  ? 62  SER A CA  1 
ATOM   474  C C   . SER A 1 62  ? 4.616   6.263   -7.130  1.00 23.19  ? 62  SER A C   1 
ATOM   475  O O   . SER A 1 62  ? 4.894   7.166   -6.336  1.00 22.16  ? 62  SER A O   1 
ATOM   476  C CB  . SER A 1 62  ? 5.364   3.827   -7.203  1.00 21.16  ? 62  SER A CB  1 
ATOM   477  O OG  . SER A 1 62  ? 5.193   3.674   -5.810  1.00 20.73  ? 62  SER A OG  1 
ATOM   478  N N   . THR A 1 63  ? 3.387   6.069   -7.591  1.00 24.55  ? 63  THR A N   1 
ATOM   479  C CA  . THR A 1 63  ? 2.303   6.989   -7.270  1.00 23.61  ? 63  THR A CA  1 
ATOM   480  C C   . THR A 1 63  ? 1.041   6.359   -6.675  1.00 24.08  ? 63  THR A C   1 
ATOM   481  O O   . THR A 1 63  ? 0.931   5.139   -6.519  1.00 24.41  ? 63  THR A O   1 
ATOM   482  C CB  . THR A 1 63  ? 1.844   7.698   -8.576  1.00 22.53  ? 63  THR A CB  1 
ATOM   483  O OG1 . THR A 1 63  ? 1.252   6.726   -9.448  1.00 21.27  ? 63  THR A OG1 1 
ATOM   484  C CG2 . THR A 1 63  ? 3.025   8.337   -9.301  1.00 15.23  ? 63  THR A CG2 1 
ATOM   485  N N   . PHE A 1 64  ? 0.109   7.230   -6.298  1.00 22.64  ? 64  PHE A N   1 
ATOM   486  C CA  . PHE A 1 64  ? -1.204  6.808   -5.827  1.00 21.11  ? 64  PHE A CA  1 
ATOM   487  C C   . PHE A 1 64  ? -1.999  7.176   -7.072  1.00 21.99  ? 64  PHE A C   1 
ATOM   488  O O   . PHE A 1 64  ? -2.244  8.352   -7.346  1.00 24.66  ? 64  PHE A O   1 
ATOM   489  C CB  . PHE A 1 64  ? -1.655  7.609   -4.604  1.00 20.17  ? 64  PHE A CB  1 
ATOM   490  C CG  . PHE A 1 64  ? -1.064  7.111   -3.308  1.00 23.17  ? 64  PHE A CG  1 
ATOM   491  C CD1 . PHE A 1 64  ? -1.641  6.035   -2.633  1.00 22.86  ? 64  PHE A CD1 1 
ATOM   492  C CD2 . PHE A 1 64  ? 0.081   7.700   -2.778  1.00 21.05  ? 64  PHE A CD2 1 
ATOM   493  C CE1 . PHE A 1 64  ? -1.089  5.550   -1.452  1.00 20.01  ? 64  PHE A CE1 1 
ATOM   494  C CE2 . PHE A 1 64  ? 0.643   7.224   -1.597  1.00 20.08  ? 64  PHE A CE2 1 
ATOM   495  C CZ  . PHE A 1 64  ? 0.055   6.145   -0.931  1.00 21.77  ? 64  PHE A CZ  1 
ATOM   496  N N   . HIS A 1 65  ? -2.256  6.163   -7.894  1.00 21.29  ? 65  HIS A N   1 
ATOM   497  C CA  . HIS A 1 65  ? -2.953  6.324   -9.169  1.00 24.03  ? 65  HIS A CA  1 
ATOM   498  C C   . HIS A 1 65  ? -4.480  6.283   -9.106  1.00 25.66  ? 65  HIS A C   1 
ATOM   499  O O   . HIS A 1 65  ? -5.145  6.536   -10.108 1.00 27.78  ? 65  HIS A O   1 
ATOM   500  C CB  . HIS A 1 65  ? -2.461  5.250   -10.151 1.00 21.58  ? 65  HIS A CB  1 
ATOM   501  C CG  . HIS A 1 65  ? -2.858  3.856   -9.765  1.00 22.08  ? 65  HIS A CG  1 
ATOM   502  N ND1 . HIS A 1 65  ? -2.153  3.102   -8.852  1.00 20.92  ? 65  HIS A ND1 1 
ATOM   503  C CD2 . HIS A 1 65  ? -3.908  3.090   -10.152 1.00 20.50  ? 65  HIS A CD2 1 
ATOM   504  C CE1 . HIS A 1 65  ? -2.749  1.935   -8.690  1.00 21.87  ? 65  HIS A CE1 1 
ATOM   505  N NE2 . HIS A 1 65  ? -3.818  1.902   -9.465  1.00 21.92  ? 65  HIS A NE2 1 
ATOM   506  N N   . ARG A 1 66  ? -5.030  5.946   -7.943  1.00 25.15  ? 66  ARG A N   1 
ATOM   507  C CA  . ARG A 1 66  ? -6.476  5.857   -7.779  1.00 25.15  ? 66  ARG A CA  1 
ATOM   508  C C   . ARG A 1 66  ? -6.905  6.323   -6.390  1.00 22.92  ? 66  ARG A C   1 
ATOM   509  O O   . ARG A 1 66  ? -6.336  5.893   -5.389  1.00 21.62  ? 66  ARG A O   1 
ATOM   510  C CB  . ARG A 1 66  ? -6.929  4.403   -7.988  1.00 30.22  ? 66  ARG A CB  1 
ATOM   511  C CG  . ARG A 1 66  ? -8.432  4.193   -7.941  1.00 41.85  ? 66  ARG A CG  1 
ATOM   512  C CD  . ARG A 1 66  ? -8.809  2.755   -7.554  1.00 50.72  ? 66  ARG A CD  1 
ATOM   513  N NE  . ARG A 1 66  ? -8.718  1.792   -8.651  1.00 52.62  ? 66  ARG A NE  1 
ATOM   514  C CZ  . ARG A 1 66  ? -9.726  1.481   -9.467  1.00 55.07  ? 66  ARG A CZ  1 
ATOM   515  N NH1 . ARG A 1 66  ? -10.916 2.058   -9.325  1.00 53.80  ? 66  ARG A NH1 1 
ATOM   516  N NH2 . ARG A 1 66  ? -9.543  0.589   -10.431 1.00 53.01  ? 66  ARG A NH2 1 
ATOM   517  N N   . VAL A 1 67  ? -7.864  7.248   -6.336  1.00 23.89  ? 67  VAL A N   1 
ATOM   518  C CA  . VAL A 1 67  ? -8.391  7.736   -5.060  1.00 21.58  ? 67  VAL A CA  1 
ATOM   519  C C   . VAL A 1 67  ? -9.910  7.789   -5.138  1.00 21.65  ? 67  VAL A C   1 
ATOM   520  O O   . VAL A 1 67  ? -10.483 8.269   -6.119  1.00 24.98  ? 67  VAL A O   1 
ATOM   521  C CB  . VAL A 1 67  ? -7.824  9.137   -4.630  1.00 21.66  ? 67  VAL A CB  1 
ATOM   522  C CG1 . VAL A 1 67  ? -6.304  9.135   -4.631  1.00 19.45  ? 67  VAL A CG1 1 
ATOM   523  C CG2 . VAL A 1 67  ? -8.366  10.246  -5.499  1.00 21.68  ? 67  VAL A CG2 1 
ATOM   524  N N   . ILE A 1 68  ? -10.559 7.215   -4.136  1.00 22.38  ? 68  ILE A N   1 
ATOM   525  C CA  . ILE A 1 68  ? -12.012 7.206   -4.084  1.00 20.68  ? 68  ILE A CA  1 
ATOM   526  C C   . ILE A 1 68  ? -12.465 8.020   -2.879  1.00 21.41  ? 68  ILE A C   1 
ATOM   527  O O   . ILE A 1 68  ? -12.222 7.646   -1.722  1.00 20.56  ? 68  ILE A O   1 
ATOM   528  C CB  . ILE A 1 68  ? -12.583 5.773   -3.969  1.00 17.13  ? 68  ILE A CB  1 
ATOM   529  C CG1 . ILE A 1 68  ? -11.989 4.867   -5.049  1.00 15.95  ? 68  ILE A CG1 1 
ATOM   530  C CG2 . ILE A 1 68  ? -14.108 5.808   -4.067  1.00 17.96  ? 68  ILE A CG2 1 
ATOM   531  C CD1 . ILE A 1 68  ? -12.248 5.332   -6.460  1.00 17.26  ? 68  ILE A CD1 1 
ATOM   532  N N   . LYS A 1 69  ? -13.102 9.150   -3.165  1.00 20.05  ? 69  LYS A N   1 
ATOM   533  C CA  . LYS A 1 69  ? -13.619 10.048  -2.141  1.00 24.41  ? 69  LYS A CA  1 
ATOM   534  C C   . LYS A 1 69  ? -14.536 9.273   -1.183  1.00 24.49  ? 69  LYS A C   1 
ATOM   535  O O   . LYS A 1 69  ? -15.394 8.503   -1.614  1.00 24.27  ? 69  LYS A O   1 
ATOM   536  C CB  . LYS A 1 69  ? -14.370 11.195  -2.826  1.00 27.12  ? 69  LYS A CB  1 
ATOM   537  C CG  . LYS A 1 69  ? -14.996 12.216  -1.904  1.00 37.96  ? 69  LYS A CG  1 
ATOM   538  C CD  . LYS A 1 69  ? -15.636 13.368  -2.684  1.00 44.35  ? 69  LYS A CD  1 
ATOM   539  C CE  . LYS A 1 69  ? -14.615 14.433  -3.112  1.00 52.07  ? 69  LYS A CE  1 
ATOM   540  N NZ  . LYS A 1 69  ? -13.611 13.977  -4.116  1.00 51.19  ? 69  LYS A NZ  1 
ATOM   541  N N   . ASN A 1 70  ? -14.294 9.439   0.116   1.00 23.88  ? 70  ASN A N   1 
ATOM   542  C CA  . ASN A 1 70  ? -15.055 8.778   1.187   1.00 24.39  ? 70  ASN A CA  1 
ATOM   543  C C   . ASN A 1 70  ? -14.695 7.298   1.422   1.00 23.43  ? 70  ASN A C   1 
ATOM   544  O O   . ASN A 1 70  ? -15.276 6.665   2.305   1.00 25.29  ? 70  ASN A O   1 
ATOM   545  C CB  . ASN A 1 70  ? -16.582 8.903   0.979   1.00 25.46  ? 70  ASN A CB  1 
ATOM   546  C CG  . ASN A 1 70  ? -17.075 10.350  0.931   1.00 26.33  ? 70  ASN A CG  1 
ATOM   547  O OD1 . ASN A 1 70  ? -16.443 11.269  1.457   1.00 26.59  ? 70  ASN A OD1 1 
ATOM   548  N ND2 . ASN A 1 70  ? -18.223 10.549  0.300   1.00 28.59  ? 70  ASN A ND2 1 
ATOM   549  N N   . PHE A 1 71  ? -13.740 6.743   0.667   1.00 22.53  ? 71  PHE A N   1 
ATOM   550  C CA  . PHE A 1 71  ? -13.381 5.330   0.862   1.00 21.46  ? 71  PHE A CA  1 
ATOM   551  C C   . PHE A 1 71  ? -11.898 4.931   0.951   1.00 21.06  ? 71  PHE A C   1 
ATOM   552  O O   . PHE A 1 71  ? -11.485 4.338   1.948   1.00 19.82  ? 71  PHE A O   1 
ATOM   553  C CB  . PHE A 1 71  ? -14.095 4.424   -0.160  1.00 16.39  ? 71  PHE A CB  1 
ATOM   554  C CG  . PHE A 1 71  ? -14.065 2.954   0.208   1.00 16.19  ? 71  PHE A CG  1 
ATOM   555  C CD1 . PHE A 1 71  ? -14.940 2.445   1.168   1.00 18.27  ? 71  PHE A CD1 1 
ATOM   556  C CD2 . PHE A 1 71  ? -13.142 2.088   -0.370  1.00 16.15  ? 71  PHE A CD2 1 
ATOM   557  C CE1 . PHE A 1 71  ? -14.894 1.100   1.550   1.00 14.44  ? 71  PHE A CE1 1 
ATOM   558  C CE2 . PHE A 1 71  ? -13.089 0.738   0.005   1.00 18.52  ? 71  PHE A CE2 1 
ATOM   559  C CZ  . PHE A 1 71  ? -13.964 0.246   0.964   1.00 20.06  ? 71  PHE A CZ  1 
ATOM   560  N N   . MET A 1 72  ? -11.099 5.228   -0.072  1.00 20.68  ? 72  MET A N   1 
ATOM   561  C CA  . MET A 1 72  ? -9.695  4.818   -0.031  1.00 18.71  ? 72  MET A CA  1 
ATOM   562  C C   . MET A 1 72  ? -8.796  5.497   -1.035  1.00 17.44  ? 72  MET A C   1 
ATOM   563  O O   . MET A 1 72  ? -9.244  6.295   -1.856  1.00 18.53  ? 72  MET A O   1 
ATOM   564  C CB  . MET A 1 72  ? -9.596  3.299   -0.273  1.00 20.57  ? 72  MET A CB  1 
ATOM   565  C CG  . MET A 1 72  ? -10.062 2.828   -1.668  1.00 22.78  ? 72  MET A CG  1 
ATOM   566  S SD  . MET A 1 72  ? -8.915  3.080   -3.068  1.00 25.10  ? 72  MET A SD  1 
ATOM   567  C CE  . MET A 1 72  ? -9.535  1.873   -4.217  1.00 15.05  ? 72  MET A CE  1 
ATOM   568  N N   . ILE A 1 73  ? -7.509  5.178   -0.927  1.00 19.58  ? 73  ILE A N   1 
ATOM   569  C CA  . ILE A 1 73  ? -6.475  5.651   -1.848  1.00 18.48  ? 73  ILE A CA  1 
ATOM   570  C C   . ILE A 1 73  ? -5.634  4.412   -2.176  1.00 17.49  ? 73  ILE A C   1 
ATOM   571  O O   . ILE A 1 73  ? -5.354  3.592   -1.301  1.00 20.62  ? 73  ILE A O   1 
ATOM   572  C CB  . ILE A 1 73  ? -5.596  6.804   -1.271  1.00 16.29  ? 73  ILE A CB  1 
ATOM   573  C CG1 . ILE A 1 73  ? -4.860  6.370   0.006   1.00 17.70  ? 73  ILE A CG1 1 
ATOM   574  C CG2 . ILE A 1 73  ? -6.454  8.048   -1.051  1.00 12.59  ? 73  ILE A CG2 1 
ATOM   575  C CD1 . ILE A 1 73  ? -3.741  7.328   0.406   1.00 16.77  ? 73  ILE A CD1 1 
ATOM   576  N N   . GLN A 1 74  ? -5.280  4.254   -3.448  1.00 18.97  ? 74  GLN A N   1 
ATOM   577  C CA  . GLN A 1 74  ? -4.522  3.088   -3.895  1.00 21.15  ? 74  GLN A CA  1 
ATOM   578  C C   . GLN A 1 74  ? -3.218  3.427   -4.607  1.00 18.89  ? 74  GLN A C   1 
ATOM   579  O O   . GLN A 1 74  ? -3.171  4.341   -5.423  1.00 18.95  ? 74  GLN A O   1 
ATOM   580  C CB  . GLN A 1 74  ? -5.405  2.232   -4.814  1.00 19.62  ? 74  GLN A CB  1 
ATOM   581  C CG  . GLN A 1 74  ? -4.739  0.978   -5.396  1.00 24.19  ? 74  GLN A CG  1 
ATOM   582  C CD  . GLN A 1 74  ? -5.702  0.153   -6.233  1.00 26.13  ? 74  GLN A CD  1 
ATOM   583  O OE1 . GLN A 1 74  ? -6.914  0.331   -6.144  1.00 26.50  ? 74  GLN A OE1 1 
ATOM   584  N NE2 . GLN A 1 74  ? -5.168  -0.751  -7.049  1.00 21.57  ? 74  GLN A NE2 1 
ATOM   585  N N   . GLY A 1 75  ? -2.174  2.658   -4.302  1.00 17.98  ? 75  GLY A N   1 
ATOM   586  C CA  . GLY A 1 75  ? -0.875  2.859   -4.925  1.00 17.32  ? 75  GLY A CA  1 
ATOM   587  C C   . GLY A 1 75  ? -0.123  1.542   -5.017  1.00 18.57  ? 75  GLY A C   1 
ATOM   588  O O   . GLY A 1 75  ? -0.730  0.476   -4.935  1.00 18.57  ? 75  GLY A O   1 
ATOM   589  N N   . GLY A 1 76  ? 1.190   1.608   -5.215  1.00 18.78  ? 76  GLY A N   1 
ATOM   590  C CA  . GLY A 1 76  ? 1.990   0.395   -5.285  1.00 20.86  ? 76  GLY A CA  1 
ATOM   591  C C   . GLY A 1 76  ? 2.354   -0.150  -6.657  1.00 21.39  ? 76  GLY A C   1 
ATOM   592  O O   . GLY A 1 76  ? 3.138   -1.095  -6.758  1.00 20.49  ? 76  GLY A O   1 
ATOM   593  N N   . ASP A 1 77  ? 1.779   0.417   -7.711  1.00 23.11  ? 77  ASP A N   1 
ATOM   594  C CA  . ASP A 1 77  ? 2.080   -0.045  -9.062  1.00 24.69  ? 77  ASP A CA  1 
ATOM   595  C C   . ASP A 1 77  ? 3.355   0.648   -9.559  1.00 24.53  ? 77  ASP A C   1 
ATOM   596  O O   . ASP A 1 77  ? 3.298   1.702   -10.193 1.00 22.01  ? 77  ASP A O   1 
ATOM   597  C CB  . ASP A 1 77  ? 0.904   0.258   -9.991  1.00 23.13  ? 77  ASP A CB  1 
ATOM   598  C CG  . ASP A 1 77  ? 1.075   -0.347  -11.371 1.00 25.36  ? 77  ASP A CG  1 
ATOM   599  O OD1 . ASP A 1 77  ? 2.189   -0.799  -11.717 1.00 25.71  ? 77  ASP A OD1 1 
ATOM   600  O OD2 . ASP A 1 77  ? 0.083   -0.374  -12.118 1.00 25.86  ? 77  ASP A OD2 1 
ATOM   601  N N   . PHE A 1 78  ? 4.502   0.027   -9.301  1.00 21.86  ? 78  PHE A N   1 
ATOM   602  C CA  . PHE A 1 78  ? 5.776   0.605   -9.702  1.00 23.10  ? 78  PHE A CA  1 
ATOM   603  C C   . PHE A 1 78  ? 6.263   0.248   -11.109 1.00 26.26  ? 78  PHE A C   1 
ATOM   604  O O   . PHE A 1 78  ? 7.294   0.760   -11.553 1.00 28.59  ? 78  PHE A O   1 
ATOM   605  C CB  . PHE A 1 78  ? 6.864   0.291   -8.654  1.00 23.02  ? 78  PHE A CB  1 
ATOM   606  C CG  . PHE A 1 78  ? 7.054   -1.181  -8.380  1.00 25.39  ? 78  PHE A CG  1 
ATOM   607  C CD1 . PHE A 1 78  ? 7.797   -1.981  -9.249  1.00 25.53  ? 78  PHE A CD1 1 
ATOM   608  C CD2 . PHE A 1 78  ? 6.494   -1.767  -7.250  1.00 29.04  ? 78  PHE A CD2 1 
ATOM   609  C CE1 . PHE A 1 78  ? 7.975   -3.340  -8.997  1.00 26.77  ? 78  PHE A CE1 1 
ATOM   610  C CE2 . PHE A 1 78  ? 6.667   -3.129  -6.992  1.00 29.96  ? 78  PHE A CE2 1 
ATOM   611  C CZ  . PHE A 1 78  ? 7.408   -3.913  -7.865  1.00 28.33  ? 78  PHE A CZ  1 
ATOM   612  N N   . THR A 1 79  ? 5.540   -0.613  -11.817 1.00 27.24  ? 79  THR A N   1 
ATOM   613  C CA  . THR A 1 79  ? 5.969   -0.988  -13.164 1.00 30.39  ? 79  THR A CA  1 
ATOM   614  C C   . THR A 1 79  ? 5.181   -0.301  -14.281 1.00 32.71  ? 79  THR A C   1 
ATOM   615  O O   . THR A 1 79  ? 5.760   0.104   -15.292 1.00 34.73  ? 79  THR A O   1 
ATOM   616  C CB  . THR A 1 79  ? 5.922   -2.519  -13.382 1.00 28.95  ? 79  THR A CB  1 
ATOM   617  O OG1 . THR A 1 79  ? 4.564   -2.981  -13.342 1.00 28.41  ? 79  THR A OG1 1 
ATOM   618  C CG2 . THR A 1 79  ? 6.727   -3.239  -12.309 1.00 23.78  ? 79  THR A CG2 1 
ATOM   619  N N   . LYS A 1 80  ? 3.871   -0.148  -14.085 1.00 33.20  ? 80  LYS A N   1 
ATOM   620  C CA  . LYS A 1 80  ? 3.005   0.470   -15.089 1.00 32.75  ? 80  LYS A CA  1 
ATOM   621  C C   . LYS A 1 80  ? 2.337   1.758   -14.590 1.00 30.32  ? 80  LYS A C   1 
ATOM   622  O O   . LYS A 1 80  ? 1.875   2.574   -15.393 1.00 30.42  ? 80  LYS A O   1 
ATOM   623  C CB  . LYS A 1 80  ? 1.943   -0.537  -15.555 1.00 34.17  ? 80  LYS A CB  1 
ATOM   624  C CG  . LYS A 1 80  ? 2.488   -1.930  -15.919 1.00 37.53  ? 80  LYS A CG  1 
ATOM   625  C CD  . LYS A 1 80  ? 3.053   -2.024  -17.337 1.00 46.61  ? 80  LYS A CD  1 
ATOM   626  C CE  . LYS A 1 80  ? 1.958   -2.323  -18.371 1.00 55.49  ? 80  LYS A CE  1 
ATOM   627  N NZ  . LYS A 1 80  ? 1.234   -3.619  -18.121 1.00 54.53  ? 80  LYS A NZ  1 
ATOM   628  N N   . GLY A 1 81  ? 2.264   1.914   -13.269 1.00 30.19  ? 81  GLY A N   1 
ATOM   629  C CA  . GLY A 1 81  ? 1.675   3.101   -12.662 1.00 27.34  ? 81  GLY A CA  1 
ATOM   630  C C   . GLY A 1 81  ? 0.228   3.440   -12.970 1.00 25.49  ? 81  GLY A C   1 
ATOM   631  O O   . GLY A 1 81  ? -0.156  4.603   -12.871 1.00 23.94  ? 81  GLY A O   1 
ATOM   632  N N   . ASP A 1 82  ? -0.582  2.434   -13.303 1.00 27.76  ? 82  ASP A N   1 
ATOM   633  C CA  . ASP A 1 82  ? -1.994  2.647   -13.632 1.00 28.26  ? 82  ASP A CA  1 
ATOM   634  C C   . ASP A 1 82  ? -2.931  1.554   -13.111 1.00 26.25  ? 82  ASP A C   1 
ATOM   635  O O   . ASP A 1 82  ? -4.114  1.524   -13.454 1.00 27.16  ? 82  ASP A O   1 
ATOM   636  C CB  . ASP A 1 82  ? -2.172  2.811   -15.147 1.00 29.56  ? 82  ASP A CB  1 
ATOM   637  C CG  . ASP A 1 82  ? -1.708  1.592   -15.938 1.00 34.56  ? 82  ASP A CG  1 
ATOM   638  O OD1 . ASP A 1 82  ? -1.553  0.497   -15.356 1.00 35.60  ? 82  ASP A OD1 1 
ATOM   639  O OD2 . ASP A 1 82  ? -1.502  1.728   -17.162 1.00 39.84  ? 82  ASP A OD2 1 
ATOM   640  N N   . GLY A 1 83  ? -2.389  0.630   -12.324 1.00 22.36  ? 83  GLY A N   1 
ATOM   641  C CA  . GLY A 1 83  ? -3.205  -0.431  -11.761 1.00 23.38  ? 83  GLY A CA  1 
ATOM   642  C C   . GLY A 1 83  ? -3.026  -1.793  -12.394 1.00 25.12  ? 83  GLY A C   1 
ATOM   643  O O   . GLY A 1 83  ? -3.461  -2.801  -11.833 1.00 26.10  ? 83  GLY A O   1 
ATOM   644  N N   . THR A 1 84  ? -2.374  -1.836  -13.553 1.00 26.69  ? 84  THR A N   1 
ATOM   645  C CA  . THR A 1 84  ? -2.164  -3.097  -14.252 1.00 28.90  ? 84  THR A CA  1 
ATOM   646  C C   . THR A 1 84  ? -0.809  -3.748  -13.980 1.00 29.99  ? 84  THR A C   1 
ATOM   647  O O   . THR A 1 84  ? -0.570  -4.876  -14.410 1.00 30.25  ? 84  THR A O   1 
ATOM   648  C CB  . THR A 1 84  ? -2.303  -2.923  -15.777 1.00 30.52  ? 84  THR A CB  1 
ATOM   649  O OG1 . THR A 1 84  ? -1.183  -2.184  -16.279 1.00 29.14  ? 84  THR A OG1 1 
ATOM   650  C CG2 . THR A 1 84  ? -3.596  -2.182  -16.119 1.00 32.88  ? 84  THR A CG2 1 
ATOM   651  N N   . GLY A 1 85  ? 0.069   -3.049  -13.269 1.00 27.85  ? 85  GLY A N   1 
ATOM   652  C CA  . GLY A 1 85  ? 1.384   -3.596  -12.995 1.00 26.45  ? 85  GLY A CA  1 
ATOM   653  C C   . GLY A 1 85  ? 1.679   -3.962  -11.555 1.00 27.42  ? 85  GLY A C   1 
ATOM   654  O O   . GLY A 1 85  ? 0.772   -4.269  -10.779 1.00 27.47  ? 85  GLY A O   1 
ATOM   655  N N   . GLY A 1 86  ? 2.965   -3.907  -11.209 1.00 27.16  ? 86  GLY A N   1 
ATOM   656  C CA  . GLY A 1 86  ? 3.419   -4.244  -9.871  1.00 25.21  ? 86  GLY A CA  1 
ATOM   657  C C   . GLY A 1 86  ? 3.858   -5.696  -9.785  1.00 26.29  ? 86  GLY A C   1 
ATOM   658  O O   . GLY A 1 86  ? 3.449   -6.524  -10.603 1.00 25.54  ? 86  GLY A O   1 
ATOM   659  N N   . GLU A 1 87  ? 4.691   -6.011  -8.795  1.00 23.38  ? 87  GLU A N   1 
ATOM   660  C CA  . GLU A 1 87  ? 5.179   -7.376  -8.598  1.00 20.74  ? 87  GLU A CA  1 
ATOM   661  C C   . GLU A 1 87  ? 5.604   -7.598  -7.147  1.00 20.74  ? 87  GLU A C   1 
ATOM   662  O O   . GLU A 1 87  ? 6.057   -6.668  -6.483  1.00 20.50  ? 87  GLU A O   1 
ATOM   663  C CB  . GLU A 1 87  ? 6.358   -7.665  -9.546  1.00 18.39  ? 87  GLU A CB  1 
ATOM   664  C CG  . GLU A 1 87  ? 6.879   -9.095  -9.456  1.00 20.88  ? 87  GLU A CG  1 
ATOM   665  C CD  . GLU A 1 87  ? 7.878   -9.471  -10.543 1.00 24.19  ? 87  GLU A CD  1 
ATOM   666  O OE1 . GLU A 1 87  ? 8.432   -8.570  -11.203 1.00 27.35  ? 87  GLU A OE1 1 
ATOM   667  O OE2 . GLU A 1 87  ? 8.116   -10.682 -10.727 1.00 22.31  ? 87  GLU A OE2 1 
ATOM   668  N N   . SER A 1 88  ? 5.409   -8.815  -6.642  1.00 19.28  ? 88  SER A N   1 
ATOM   669  C CA  . SER A 1 88  ? 5.805   -9.137  -5.276  1.00 20.36  ? 88  SER A CA  1 
ATOM   670  C C   . SER A 1 88  ? 7.274   -9.546  -5.239  1.00 24.69  ? 88  SER A C   1 
ATOM   671  O O   . SER A 1 88  ? 7.853   -9.913  -6.264  1.00 23.86  ? 88  SER A O   1 
ATOM   672  C CB  . SER A 1 88  ? 4.950   -10.262 -4.704  1.00 19.30  ? 88  SER A CB  1 
ATOM   673  O OG  . SER A 1 88  ? 5.405   -11.534 -5.127  1.00 20.52  ? 88  SER A OG  1 
ATOM   674  N N   . ILE A 1 89  ? 7.866   -9.496  -4.046  1.00 25.53  ? 89  ILE A N   1 
ATOM   675  C CA  . ILE A 1 89  ? 9.267   -9.860  -3.859  1.00 23.39  ? 89  ILE A CA  1 
ATOM   676  C C   . ILE A 1 89  ? 9.499   -11.361 -4.023  1.00 25.10  ? 89  ILE A C   1 
ATOM   677  O O   . ILE A 1 89  ? 10.638  -11.814 -4.119  1.00 25.90  ? 89  ILE A O   1 
ATOM   678  C CB  . ILE A 1 89  ? 9.788   -9.417  -2.470  1.00 22.47  ? 89  ILE A CB  1 
ATOM   679  C CG1 . ILE A 1 89  ? 9.042   -10.149 -1.350  1.00 20.00  ? 89  ILE A CG1 1 
ATOM   680  C CG2 . ILE A 1 89  ? 9.663   -7.906  -2.327  1.00 18.62  ? 89  ILE A CG2 1 
ATOM   681  C CD1 . ILE A 1 89  ? 9.675   -9.975  0.014   1.00 16.79  ? 89  ILE A CD1 1 
ATOM   682  N N   . TYR A 1 90  ? 8.410   -12.120 -4.075  1.00 25.22  ? 90  TYR A N   1 
ATOM   683  C CA  . TYR A 1 90  ? 8.479   -13.569 -4.227  1.00 26.64  ? 90  TYR A CA  1 
ATOM   684  C C   . TYR A 1 90  ? 8.483   -14.012 -5.691  1.00 25.22  ? 90  TYR A C   1 
ATOM   685  O O   . TYR A 1 90  ? 8.661   -15.190 -5.980  1.00 25.63  ? 90  TYR A O   1 
ATOM   686  C CB  . TYR A 1 90  ? 7.299   -14.224 -3.499  1.00 25.05  ? 90  TYR A CB  1 
ATOM   687  C CG  . TYR A 1 90  ? 7.170   -13.777 -2.064  1.00 28.84  ? 90  TYR A CG  1 
ATOM   688  C CD1 . TYR A 1 90  ? 8.166   -14.072 -1.132  1.00 25.77  ? 90  TYR A CD1 1 
ATOM   689  C CD2 . TYR A 1 90  ? 6.073   -13.014 -1.644  1.00 26.55  ? 90  TYR A CD2 1 
ATOM   690  C CE1 . TYR A 1 90  ? 8.078   -13.611 0.185   1.00 28.36  ? 90  TYR A CE1 1 
ATOM   691  C CE2 . TYR A 1 90  ? 5.973   -12.550 -0.329  1.00 24.60  ? 90  TYR A CE2 1 
ATOM   692  C CZ  . TYR A 1 90  ? 6.980   -12.850 0.578   1.00 26.61  ? 90  TYR A CZ  1 
ATOM   693  O OH  . TYR A 1 90  ? 6.913   -12.379 1.869   1.00 22.46  ? 90  TYR A OH  1 
ATOM   694  N N   . GLY A 1 91  ? 8.326   -13.059 -6.604  1.00 24.57  ? 91  GLY A N   1 
ATOM   695  C CA  . GLY A 1 91  ? 8.273   -13.386 -8.016  1.00 23.80  ? 91  GLY A CA  1 
ATOM   696  C C   . GLY A 1 91  ? 6.815   -13.518 -8.417  1.00 23.40  ? 91  GLY A C   1 
ATOM   697  O O   . GLY A 1 91  ? 6.100   -14.389 -7.912  1.00 23.58  ? 91  GLY A O   1 
ATOM   698  N N   . GLY A 1 92  ? 6.364   -12.646 -9.313  1.00 21.97  ? 92  GLY A N   1 
ATOM   699  C CA  . GLY A 1 92  ? 4.974   -12.683 -9.731  1.00 25.86  ? 92  GLY A CA  1 
ATOM   700  C C   . GLY A 1 92  ? 4.066   -12.328 -8.565  1.00 26.29  ? 92  GLY A C   1 
ATOM   701  O O   . GLY A 1 92  ? 4.399   -11.449 -7.764  1.00 25.21  ? 92  GLY A O   1 
ATOM   702  N N   . MET A 1 93  ? 2.938   -13.027 -8.456  1.00 24.94  ? 93  MET A N   1 
ATOM   703  C CA  . MET A 1 93  ? 1.972   -12.792 -7.379  1.00 28.13  ? 93  MET A CA  1 
ATOM   704  C C   . MET A 1 93  ? 2.070   -13.872 -6.318  1.00 26.69  ? 93  MET A C   1 
ATOM   705  O O   . MET A 1 93  ? 2.636   -14.935 -6.562  1.00 28.63  ? 93  MET A O   1 
ATOM   706  C CB  . MET A 1 93  ? 0.544   -12.794 -7.929  1.00 28.95  ? 93  MET A CB  1 
ATOM   707  C CG  . MET A 1 93  ? 0.253   -11.683 -8.904  1.00 33.56  ? 93  MET A CG  1 
ATOM   708  S SD  . MET A 1 93  ? -1.309  -11.977 -9.725  1.00 46.43  ? 93  MET A SD  1 
ATOM   709  C CE  . MET A 1 93  ? -0.836  -13.244 -10.947 1.00 41.76  ? 93  MET A CE  1 
ATOM   710  N N   . PHE A 1 94  ? 1.527   -13.601 -5.134  1.00 21.00  ? 94  PHE A N   1 
ATOM   711  C CA  . PHE A 1 94  ? 1.554   -14.596 -4.079  1.00 17.69  ? 94  PHE A CA  1 
ATOM   712  C C   . PHE A 1 94  ? 0.168   -14.836 -3.504  1.00 19.12  ? 94  PHE A C   1 
ATOM   713  O O   . PHE A 1 94  ? -0.755  -14.040 -3.705  1.00 19.11  ? 94  PHE A O   1 
ATOM   714  C CB  . PHE A 1 94  ? 2.598   -14.264 -2.998  1.00 17.98  ? 94  PHE A CB  1 
ATOM   715  C CG  . PHE A 1 94  ? 2.359   -12.963 -2.264  1.00 19.54  ? 94  PHE A CG  1 
ATOM   716  C CD1 . PHE A 1 94  ? 2.669   -11.741 -2.857  1.00 17.37  ? 94  PHE A CD1 1 
ATOM   717  C CD2 . PHE A 1 94  ? 1.883   -12.968 -0.950  1.00 18.48  ? 94  PHE A CD2 1 
ATOM   718  C CE1 . PHE A 1 94  ? 2.516   -10.540 -2.151  1.00 18.15  ? 94  PHE A CE1 1 
ATOM   719  C CE2 . PHE A 1 94  ? 1.727   -11.776 -0.235  1.00 17.48  ? 94  PHE A CE2 1 
ATOM   720  C CZ  . PHE A 1 94  ? 2.044   -10.562 -0.835  1.00 17.87  ? 94  PHE A CZ  1 
ATOM   721  N N   . ASP A 1 95  ? 0.016   -15.975 -2.845  1.00 18.67  ? 95  ASP A N   1 
ATOM   722  C CA  . ASP A 1 95  ? -1.254  -16.372 -2.261  1.00 20.27  ? 95  ASP A CA  1 
ATOM   723  C C   . ASP A 1 95  ? -1.742  -15.517 -1.120  1.00 21.80  ? 95  ASP A C   1 
ATOM   724  O O   . ASP A 1 95  ? -0.968  -14.840 -0.442  1.00 24.90  ? 95  ASP A O   1 
ATOM   725  C CB  . ASP A 1 95  ? -1.181  -17.812 -1.764  1.00 21.68  ? 95  ASP A CB  1 
ATOM   726  C CG  . ASP A 1 95  ? -1.169  -18.813 -2.885  1.00 25.60  ? 95  ASP A CG  1 
ATOM   727  O OD1 . ASP A 1 95  ? -1.185  -18.407 -4.070  1.00 27.20  ? 95  ASP A OD1 1 
ATOM   728  O OD2 . ASP A 1 95  ? -1.140  -20.019 -2.568  1.00 29.81  ? 95  ASP A OD2 1 
ATOM   729  N N   . ASP A 1 96  ? -3.047  -15.583 -0.894  1.00 21.78  ? 96  ASP A N   1 
ATOM   730  C CA  . ASP A 1 96  ? -3.662  -14.851 0.193   1.00 22.35  ? 96  ASP A CA  1 
ATOM   731  C C   . ASP A 1 96  ? -3.353  -15.613 1.471   1.00 24.09  ? 96  ASP A C   1 
ATOM   732  O O   . ASP A 1 96  ? -3.536  -16.829 1.529   1.00 22.19  ? 96  ASP A O   1 
ATOM   733  C CB  . ASP A 1 96  ? -5.185  -14.799 0.027   1.00 23.30  ? 96  ASP A CB  1 
ATOM   734  C CG  . ASP A 1 96  ? -5.623  -14.040 -1.206  1.00 26.31  ? 96  ASP A CG  1 
ATOM   735  O OD1 . ASP A 1 96  ? -5.140  -12.912 -1.434  1.00 27.04  ? 96  ASP A OD1 1 
ATOM   736  O OD2 . ASP A 1 96  ? -6.479  -14.571 -1.942  1.00 28.31  ? 96  ASP A OD2 1 
ATOM   737  N N   . GLU A 1 97  ? -2.832  -14.912 2.472   1.00 23.42  ? 97  GLU A N   1 
ATOM   738  C CA  . GLU A 1 97  ? -2.571  -15.532 3.763   1.00 24.29  ? 97  GLU A CA  1 
ATOM   739  C C   . GLU A 1 97  ? -3.929  -15.580 4.450   1.00 25.06  ? 97  GLU A C   1 
ATOM   740  O O   . GLU A 1 97  ? -4.891  -14.994 3.955   1.00 24.86  ? 97  GLU A O   1 
ATOM   741  C CB  . GLU A 1 97  ? -1.614  -14.682 4.585   1.00 24.50  ? 97  GLU A CB  1 
ATOM   742  C CG  . GLU A 1 97  ? -0.226  -14.646 4.007   1.00 23.70  ? 97  GLU A CG  1 
ATOM   743  C CD  . GLU A 1 97  ? 0.748   -13.976 4.925   1.00 23.51  ? 97  GLU A CD  1 
ATOM   744  O OE1 . GLU A 1 97  ? 0.795   -12.733 4.923   1.00 24.59  ? 97  GLU A OE1 1 
ATOM   745  O OE2 . GLU A 1 97  ? 1.467   -14.690 5.651   1.00 26.19  ? 97  GLU A OE2 1 
ATOM   746  N N   . GLU A 1 98  ? -4.015  -16.273 5.579   1.00 26.27  ? 98  GLU A N   1 
ATOM   747  C CA  . GLU A 1 98  ? -5.275  -16.372 6.308   1.00 28.62  ? 98  GLU A CA  1 
ATOM   748  C C   . GLU A 1 98  ? -5.816  -14.963 6.582   1.00 29.56  ? 98  GLU A C   1 
ATOM   749  O O   . GLU A 1 98  ? -5.064  -14.074 6.978   1.00 28.93  ? 98  GLU A O   1 
ATOM   750  C CB  . GLU A 1 98  ? -5.052  -17.117 7.618   1.00 32.47  ? 98  GLU A CB  1 
ATOM   751  C CG  . GLU A 1 98  ? -6.308  -17.350 8.435   1.00 38.30  ? 98  GLU A CG  1 
ATOM   752  C CD  . GLU A 1 98  ? -6.020  -17.997 9.776   1.00 42.74  ? 98  GLU A CD  1 
ATOM   753  O OE1 . GLU A 1 98  ? -4.837  -18.302 10.062  1.00 43.61  ? 98  GLU A OE1 1 
ATOM   754  O OE2 . GLU A 1 98  ? -6.982  -18.195 10.548  1.00 46.58  ? 98  GLU A OE2 1 
ATOM   755  N N   . PHE A 1 99  ? -7.111  -14.766 6.337   1.00 29.05  ? 99  PHE A N   1 
ATOM   756  C CA  . PHE A 1 99  ? -7.761  -13.469 6.528   1.00 29.22  ? 99  PHE A CA  1 
ATOM   757  C C   . PHE A 1 99  ? -8.065  -13.130 7.993   1.00 28.19  ? 99  PHE A C   1 
ATOM   758  O O   . PHE A 1 99  ? -9.211  -12.838 8.356   1.00 29.06  ? 99  PHE A O   1 
ATOM   759  C CB  . PHE A 1 99  ? -9.042  -13.395 5.686   1.00 24.43  ? 99  PHE A CB  1 
ATOM   760  C CG  . PHE A 1 99  ? -8.807  -13.517 4.207   1.00 22.53  ? 99  PHE A CG  1 
ATOM   761  C CD1 . PHE A 1 99  ? -8.370  -12.428 3.463   1.00 22.45  ? 99  PHE A CD1 1 
ATOM   762  C CD2 . PHE A 1 99  ? -9.043  -14.719 3.551   1.00 22.74  ? 99  PHE A CD2 1 
ATOM   763  C CE1 . PHE A 1 99  ? -8.176  -12.531 2.084   1.00 19.32  ? 99  PHE A CE1 1 
ATOM   764  C CE2 . PHE A 1 99  ? -8.850  -14.829 2.176   1.00 21.41  ? 99  PHE A CE2 1 
ATOM   765  C CZ  . PHE A 1 99  ? -8.417  -13.732 1.443   1.00 19.02  ? 99  PHE A CZ  1 
ATOM   766  N N   . VAL A 1 100 ? -7.019  -13.115 8.815   1.00 26.49  ? 100 VAL A N   1 
ATOM   767  C CA  . VAL A 1 100 ? -7.157  -12.825 10.237  1.00 25.55  ? 100 VAL A CA  1 
ATOM   768  C C   . VAL A 1 100 ? -7.652  -11.402 10.487  1.00 27.36  ? 100 VAL A C   1 
ATOM   769  O O   . VAL A 1 100 ? -8.734  -11.210 11.049  1.00 28.20  ? 100 VAL A O   1 
ATOM   770  C CB  . VAL A 1 100 ? -5.833  -13.070 10.991  1.00 24.10  ? 100 VAL A CB  1 
ATOM   771  C CG1 . VAL A 1 100 ? -6.024  -12.848 12.472  1.00 25.85  ? 100 VAL A CG1 1 
ATOM   772  C CG2 . VAL A 1 100 ? -5.344  -14.485 10.742  1.00 23.98  ? 100 VAL A CG2 1 
ATOM   773  N N   . MET A 1 101 ? -6.881  -10.412 10.041  1.00 26.57  ? 101 MET A N   1 
ATOM   774  C CA  . MET A 1 101 ? -7.251  -9.008  10.220  1.00 26.39  ? 101 MET A CA  1 
ATOM   775  C C   . MET A 1 101 ? -8.429  -8.601  9.337   1.00 24.79  ? 101 MET A C   1 
ATOM   776  O O   . MET A 1 101 ? -8.572  -9.091  8.213   1.00 24.42  ? 101 MET A O   1 
ATOM   777  C CB  . MET A 1 101 ? -6.046  -8.104  9.962   1.00 28.97  ? 101 MET A CB  1 
ATOM   778  C CG  . MET A 1 101 ? -4.987  -8.171  11.048  1.00 34.30  ? 101 MET A CG  1 
ATOM   779  S SD  . MET A 1 101 ? -3.591  -7.073  10.704  1.00 47.70  ? 101 MET A SD  1 
ATOM   780  C CE  . MET A 1 101 ? -4.274  -5.442  11.153  1.00 40.46  ? 101 MET A CE  1 
ATOM   781  N N   . LYS A 1 102 ? -9.261  -7.695  9.852   1.00 23.51  ? 102 LYS A N   1 
ATOM   782  C CA  . LYS A 1 102 ? -10.455 -7.222  9.143   1.00 23.90  ? 102 LYS A CA  1 
ATOM   783  C C   . LYS A 1 102 ? -10.481 -5.713  8.919   1.00 21.74  ? 102 LYS A C   1 
ATOM   784  O O   . LYS A 1 102 ? -9.703  -4.975  9.523   1.00 20.89  ? 102 LYS A O   1 
ATOM   785  C CB  . LYS A 1 102 ? -11.712 -7.668  9.901   1.00 23.87  ? 102 LYS A CB  1 
ATOM   786  C CG  . LYS A 1 102 ? -11.791 -9.182  10.054  1.00 23.12  ? 102 LYS A CG  1 
ATOM   787  C CD  . LYS A 1 102 ? -12.955 -9.633  10.894  1.00 27.73  ? 102 LYS A CD  1 
ATOM   788  C CE  . LYS A 1 102 ? -12.894 -11.135 11.134  1.00 28.08  ? 102 LYS A CE  1 
ATOM   789  N NZ  . LYS A 1 102 ? -12.979 -11.905 9.862   1.00 31.88  ? 102 LYS A NZ  1 
ATOM   790  N N   . HIS A 1 103 ? -11.337 -5.264  8.004   1.00 20.98  ? 103 HIS A N   1 
ATOM   791  C CA  . HIS A 1 103 ? -11.462 -3.834  7.704   1.00 20.16  ? 103 HIS A CA  1 
ATOM   792  C C   . HIS A 1 103 ? -12.501 -3.255  8.675   1.00 23.12  ? 103 HIS A C   1 
ATOM   793  O O   . HIS A 1 103 ? -13.519 -2.699  8.258   1.00 24.22  ? 103 HIS A O   1 
ATOM   794  C CB  . HIS A 1 103 ? -11.935 -3.619  6.255   1.00 20.22  ? 103 HIS A CB  1 
ATOM   795  C CG  . HIS A 1 103 ? -11.113 -4.338  5.219   1.00 22.45  ? 103 HIS A CG  1 
ATOM   796  N ND1 . HIS A 1 103 ? -11.200 -5.697  5.006   1.00 20.34  ? 103 HIS A ND1 1 
ATOM   797  C CD2 . HIS A 1 103 ? -10.216 -3.874  4.314   1.00 20.65  ? 103 HIS A CD2 1 
ATOM   798  C CE1 . HIS A 1 103 ? -10.393 -6.040  4.018   1.00 20.25  ? 103 HIS A CE1 1 
ATOM   799  N NE2 . HIS A 1 103 ? -9.783  -4.953  3.582   1.00 21.67  ? 103 HIS A NE2 1 
ATOM   800  N N   . ASP A 1 104 ? -12.229 -3.381  9.972   1.00 25.16  ? 104 ASP A N   1 
ATOM   801  C CA  . ASP A 1 104 ? -13.150 -2.926  11.010  1.00 26.44  ? 104 ASP A CA  1 
ATOM   802  C C   . ASP A 1 104 ? -13.013 -1.489  11.493  1.00 26.25  ? 104 ASP A C   1 
ATOM   803  O O   . ASP A 1 104 ? -13.693 -1.075  12.442  1.00 27.01  ? 104 ASP A O   1 
ATOM   804  C CB  . ASP A 1 104 ? -13.119 -3.888  12.200  1.00 27.22  ? 104 ASP A CB  1 
ATOM   805  C CG  . ASP A 1 104 ? -11.723 -4.093  12.761  1.00 30.50  ? 104 ASP A CG  1 
ATOM   806  O OD1 . ASP A 1 104 ? -10.837 -3.234  12.564  1.00 34.52  ? 104 ASP A OD1 1 
ATOM   807  O OD2 . ASP A 1 104 ? -11.516 -5.128  13.428  1.00 39.73  ? 104 ASP A OD2 1 
ATOM   808  N N   . GLU A 1 105 ? -12.134 -0.734  10.846  1.00 24.03  ? 105 GLU A N   1 
ATOM   809  C CA  . GLU A 1 105 ? -11.927 0.664   11.194  1.00 25.34  ? 105 GLU A CA  1 
ATOM   810  C C   . GLU A 1 105 ? -11.191 1.382   10.073  1.00 24.56  ? 105 GLU A C   1 
ATOM   811  O O   . GLU A 1 105 ? -10.574 0.743   9.218   1.00 24.49  ? 105 GLU A O   1 
ATOM   812  C CB  . GLU A 1 105 ? -11.154 0.790   12.508  1.00 26.46  ? 105 GLU A CB  1 
ATOM   813  C CG  . GLU A 1 105 ? -9.773  0.190   12.490  1.00 33.13  ? 105 GLU A CG  1 
ATOM   814  C CD  . GLU A 1 105 ? -9.126  0.188   13.860  1.00 41.97  ? 105 GLU A CD  1 
ATOM   815  O OE1 . GLU A 1 105 ? -9.675  0.814   14.791  1.00 45.47  ? 105 GLU A OE1 1 
ATOM   816  O OE2 . GLU A 1 105 ? -8.064  -0.445  14.006  1.00 42.24  ? 105 GLU A OE2 1 
ATOM   817  N N   . PRO A 1 106 ? -11.292 2.721   10.030  1.00 23.92  ? 106 PRO A N   1 
ATOM   818  C CA  . PRO A 1 106 ? -10.598 3.458   8.969   1.00 22.71  ? 106 PRO A CA  1 
ATOM   819  C C   . PRO A 1 106 ? -9.076  3.397   9.100   1.00 20.86  ? 106 PRO A C   1 
ATOM   820  O O   . PRO A 1 106 ? -8.547  3.012   10.147  1.00 19.52  ? 106 PRO A O   1 
ATOM   821  C CB  . PRO A 1 106 ? -11.139 4.882   9.142   1.00 22.61  ? 106 PRO A CB  1 
ATOM   822  C CG  . PRO A 1 106 ? -11.467 4.962   10.592  1.00 23.66  ? 106 PRO A CG  1 
ATOM   823  C CD  . PRO A 1 106 ? -12.107 3.627   10.863  1.00 22.14  ? 106 PRO A CD  1 
ATOM   824  N N   . PHE A 1 107 ? -8.389  3.722   8.010   1.00 20.07  ? 107 PHE A N   1 
ATOM   825  C CA  . PHE A 1 107 ? -6.924  3.751   7.955   1.00 21.13  ? 107 PHE A CA  1 
ATOM   826  C C   . PHE A 1 107 ? -6.222  2.408   8.133   1.00 20.01  ? 107 PHE A C   1 
ATOM   827  O O   . PHE A 1 107 ? -5.158  2.304   8.732   1.00 22.17  ? 107 PHE A O   1 
ATOM   828  C CB  . PHE A 1 107 ? -6.376  4.818   8.906   1.00 15.85  ? 107 PHE A CB  1 
ATOM   829  C CG  . PHE A 1 107 ? -6.931  6.186   8.641   1.00 18.90  ? 107 PHE A CG  1 
ATOM   830  C CD1 . PHE A 1 107 ? -6.614  6.862   7.465   1.00 17.58  ? 107 PHE A CD1 1 
ATOM   831  C CD2 . PHE A 1 107 ? -7.830  6.771   9.529   1.00 18.84  ? 107 PHE A CD2 1 
ATOM   832  C CE1 . PHE A 1 107 ? -7.191  8.102   7.174   1.00 18.80  ? 107 PHE A CE1 1 
ATOM   833  C CE2 . PHE A 1 107 ? -8.412  8.008   9.247   1.00 20.24  ? 107 PHE A CE2 1 
ATOM   834  C CZ  . PHE A 1 107 ? -8.094  8.673   8.070   1.00 17.80  ? 107 PHE A CZ  1 
ATOM   835  N N   . VAL A 1 108 ? -6.841  1.381   7.580   1.00 20.15  ? 108 VAL A N   1 
ATOM   836  C CA  . VAL A 1 108 ? -6.301  0.039   7.611   1.00 21.63  ? 108 VAL A CA  1 
ATOM   837  C C   . VAL A 1 108 ? -5.560  -0.114  6.267   1.00 19.56  ? 108 VAL A C   1 
ATOM   838  O O   . VAL A 1 108 ? -5.954  0.509   5.274   1.00 19.41  ? 108 VAL A O   1 
ATOM   839  C CB  . VAL A 1 108 ? -7.479  -0.978  7.803   1.00 25.01  ? 108 VAL A CB  1 
ATOM   840  C CG1 . VAL A 1 108 ? -7.638  -1.909  6.616   1.00 18.14  ? 108 VAL A CG1 1 
ATOM   841  C CG2 . VAL A 1 108 ? -7.330  -1.724  9.119   1.00 23.68  ? 108 VAL A CG2 1 
ATOM   842  N N   . VAL A 1 109 ? -4.438  -0.835  6.258   1.00 18.45  ? 109 VAL A N   1 
ATOM   843  C CA  . VAL A 1 109 ? -3.668  -1.045  5.024   1.00 17.94  ? 109 VAL A CA  1 
ATOM   844  C C   . VAL A 1 109 ? -3.961  -2.462  4.539   1.00 18.75  ? 109 VAL A C   1 
ATOM   845  O O   . VAL A 1 109 ? -3.699  -3.443  5.236   1.00 17.14  ? 109 VAL A O   1 
ATOM   846  C CB  . VAL A 1 109 ? -2.144  -0.851  5.237   1.00 16.24  ? 109 VAL A CB  1 
ATOM   847  C CG1 . VAL A 1 109 ? -1.424  -0.799  3.892   1.00 12.44  ? 109 VAL A CG1 1 
ATOM   848  C CG2 . VAL A 1 109 ? -1.880  0.426   6.031   1.00 17.58  ? 109 VAL A CG2 1 
ATOM   849  N N   . SER A 1 110 ? -4.497  -2.559  3.330   1.00 17.63  ? 110 SER A N   1 
ATOM   850  C CA  . SER A 1 110 ? -4.884  -3.840  2.769   1.00 16.81  ? 110 SER A CA  1 
ATOM   851  C C   . SER A 1 110 ? -4.332  -4.069  1.358   1.00 20.10  ? 110 SER A C   1 
ATOM   852  O O   . SER A 1 110 ? -3.950  -3.118  0.663   1.00 20.57  ? 110 SER A O   1 
ATOM   853  C CB  . SER A 1 110 ? -6.413  -3.912  2.773   1.00 13.94  ? 110 SER A CB  1 
ATOM   854  O OG  . SER A 1 110 ? -6.869  -5.194  2.418   1.00 19.40  ? 110 SER A OG  1 
ATOM   855  N N   . MET A 1 111 ? -4.277  -5.334  0.943   1.00 19.37  ? 111 MET A N   1 
ATOM   856  C CA  . MET A 1 111 ? -3.761  -5.676  -0.379  1.00 19.05  ? 111 MET A CA  1 
ATOM   857  C C   . MET A 1 111 ? -4.792  -5.566  -1.488  1.00 18.41  ? 111 MET A C   1 
ATOM   858  O O   . MET A 1 111 ? -5.894  -6.102  -1.379  1.00 18.48  ? 111 MET A O   1 
ATOM   859  C CB  . MET A 1 111 ? -3.195  -7.107  -0.412  1.00 14.95  ? 111 MET A CB  1 
ATOM   860  C CG  . MET A 1 111 ? -1.860  -7.299  0.279   1.00 15.72  ? 111 MET A CG  1 
ATOM   861  S SD  . MET A 1 111 ? -0.583  -6.157  -0.298  1.00 20.45  ? 111 MET A SD  1 
ATOM   862  C CE  . MET A 1 111 ? -0.158  -6.881  -1.883  1.00 20.35  ? 111 MET A CE  1 
ATOM   863  N N   . ALA A 1 112 ? -4.421  -4.872  -2.557  1.00 18.09  ? 112 ALA A N   1 
ATOM   864  C CA  . ALA A 1 112 ? -5.281  -4.758  -3.727  1.00 19.38  ? 112 ALA A CA  1 
ATOM   865  C C   . ALA A 1 112 ? -5.016  -6.055  -4.511  1.00 20.32  ? 112 ALA A C   1 
ATOM   866  O O   . ALA A 1 112 ? -3.936  -6.643  -4.389  1.00 19.41  ? 112 ALA A O   1 
ATOM   867  C CB  . ALA A 1 112 ? -4.886  -3.540  -4.564  1.00 14.12  ? 112 ALA A CB  1 
ATOM   868  N N   . ASN A 1 113 ? -6.019  -6.551  -5.231  1.00 22.11  ? 113 ASN A N   1 
ATOM   869  C CA  . ASN A 1 113 ? -5.841  -7.769  -6.022  1.00 23.03  ? 113 ASN A CA  1 
ATOM   870  C C   . ASN A 1 113 ? -6.770  -7.833  -7.241  1.00 23.85  ? 113 ASN A C   1 
ATOM   871  O O   . ASN A 1 113 ? -7.561  -6.915  -7.478  1.00 20.86  ? 113 ASN A O   1 
ATOM   872  C CB  . ASN A 1 113 ? -5.960  -9.037  -5.143  1.00 22.82  ? 113 ASN A CB  1 
ATOM   873  C CG  . ASN A 1 113 ? -7.307  -9.160  -4.426  1.00 22.90  ? 113 ASN A CG  1 
ATOM   874  O OD1 . ASN A 1 113 ? -7.355  -9.381  -3.215  1.00 26.70  ? 113 ASN A OD1 1 
ATOM   875  N ND2 . ASN A 1 113 ? -8.397  -9.072  -5.176  1.00 20.81  ? 113 ASN A ND2 1 
ATOM   876  N N   . LYS A 1 114 ? -6.626  -8.895  -8.033  1.00 24.71  ? 114 LYS A N   1 
ATOM   877  C CA  . LYS A 1 114 ? -7.435  -9.109  -9.234  1.00 26.65  ? 114 LYS A CA  1 
ATOM   878  C C   . LYS A 1 114 ? -8.115  -10.479 -9.117  1.00 24.70  ? 114 LYS A C   1 
ATOM   879  O O   . LYS A 1 114 ? -8.278  -11.189 -10.106 1.00 27.22  ? 114 LYS A O   1 
ATOM   880  C CB  . LYS A 1 114 ? -6.547  -9.107  -10.489 1.00 31.32  ? 114 LYS A CB  1 
ATOM   881  C CG  . LYS A 1 114 ? -5.533  -7.964  -10.604 1.00 42.57  ? 114 LYS A CG  1 
ATOM   882  C CD  . LYS A 1 114 ? -6.192  -6.602  -10.822 1.00 49.77  ? 114 LYS A CD  1 
ATOM   883  C CE  . LYS A 1 114 ? -5.147  -5.490  -10.943 1.00 49.73  ? 114 LYS A CE  1 
ATOM   884  N NZ  . LYS A 1 114 ? -5.758  -4.138  -10.828 1.00 51.25  ? 114 LYS A NZ  1 
ATOM   885  N N   . GLY A 1 115 ? -8.510  -10.845 -7.904  1.00 22.64  ? 115 GLY A N   1 
ATOM   886  C CA  . GLY A 1 115 ? -9.141  -12.133 -7.677  1.00 22.99  ? 115 GLY A CA  1 
ATOM   887  C C   . GLY A 1 115 ? -8.359  -12.934 -6.648  1.00 24.98  ? 115 GLY A C   1 
ATOM   888  O O   . GLY A 1 115 ? -7.303  -12.493 -6.194  1.00 25.40  ? 115 GLY A O   1 
ATOM   889  N N   . PRO A 1 116 ? -8.844  -14.121 -6.252  1.00 27.24  ? 116 PRO A N   1 
ATOM   890  C CA  . PRO A 1 116 ? -8.129  -14.929 -5.261  1.00 26.56  ? 116 PRO A CA  1 
ATOM   891  C C   . PRO A 1 116 ? -6.668  -15.227 -5.592  1.00 25.04  ? 116 PRO A C   1 
ATOM   892  O O   . PRO A 1 116 ? -6.310  -15.473 -6.748  1.00 24.54  ? 116 PRO A O   1 
ATOM   893  C CB  . PRO A 1 116 ? -8.973  -16.209 -5.170  1.00 26.19  ? 116 PRO A CB  1 
ATOM   894  C CG  . PRO A 1 116 ? -9.798  -16.202 -6.434  1.00 29.83  ? 116 PRO A CG  1 
ATOM   895  C CD  . PRO A 1 116 ? -10.114 -14.763 -6.640  1.00 28.61  ? 116 PRO A CD  1 
ATOM   896  N N   . ASN A 1 117 ? -5.825  -15.116 -4.571  1.00 21.79  ? 117 ASN A N   1 
ATOM   897  C CA  . ASN A 1 117 ? -4.400  -15.392 -4.689  1.00 22.80  ? 117 ASN A CA  1 
ATOM   898  C C   . ASN A 1 117 ? -3.682  -14.618 -5.783  1.00 22.62  ? 117 ASN A C   1 
ATOM   899  O O   . ASN A 1 117 ? -2.918  -15.200 -6.550  1.00 23.03  ? 117 ASN A O   1 
ATOM   900  C CB  . ASN A 1 117 ? -4.188  -16.894 -4.896  1.00 24.00  ? 117 ASN A CB  1 
ATOM   901  C CG  . ASN A 1 117 ? -4.737  -17.719 -3.752  1.00 23.49  ? 117 ASN A CG  1 
ATOM   902  O OD1 . ASN A 1 117 ? -4.437  -17.456 -2.590  1.00 21.04  ? 117 ASN A OD1 1 
ATOM   903  N ND2 . ASN A 1 117 ? -5.559  -18.714 -4.074  1.00 23.61  ? 117 ASN A ND2 1 
ATOM   904  N N   . THR A 1 118 ? -3.910  -13.310 -5.848  1.00 20.83  ? 118 THR A N   1 
ATOM   905  C CA  . THR A 1 118 ? -3.266  -12.482 -6.864  1.00 19.60  ? 118 THR A CA  1 
ATOM   906  C C   . THR A 1 118 ? -2.605  -11.247 -6.263  1.00 22.82  ? 118 THR A C   1 
ATOM   907  O O   . THR A 1 118 ? -2.663  -10.157 -6.847  1.00 24.61  ? 118 THR A O   1 
ATOM   908  C CB  . THR A 1 118 ? -4.259  -12.030 -7.958  1.00 21.07  ? 118 THR A CB  1 
ATOM   909  O OG1 . THR A 1 118 ? -5.351  -11.329 -7.351  1.00 22.72  ? 118 THR A OG1 1 
ATOM   910  C CG2 . THR A 1 118 ? -4.795  -13.227 -8.733  1.00 21.52  ? 118 THR A CG2 1 
ATOM   911  N N   . ASN A 1 119 ? -1.967  -11.423 -5.106  1.00 21.23  ? 119 ASN A N   1 
ATOM   912  C CA  . ASN A 1 119 ? -1.279  -10.322 -4.428  1.00 20.29  ? 119 ASN A CA  1 
ATOM   913  C C   . ASN A 1 119 ? 0.050   -9.994  -5.097  1.00 19.53  ? 119 ASN A C   1 
ATOM   914  O O   . ASN A 1 119 ? 0.859   -10.885 -5.342  1.00 21.23  ? 119 ASN A O   1 
ATOM   915  C CB  . ASN A 1 119 ? -1.016  -10.670 -2.967  1.00 19.42  ? 119 ASN A CB  1 
ATOM   916  C CG  . ASN A 1 119 ? -2.277  -10.947 -2.202  1.00 22.74  ? 119 ASN A CG  1 
ATOM   917  O OD1 . ASN A 1 119 ? -3.050  -10.035 -1.898  1.00 24.92  ? 119 ASN A OD1 1 
ATOM   918  N ND2 . ASN A 1 119 ? -2.507  -12.217 -1.896  1.00 19.09  ? 119 ASN A ND2 1 
ATOM   919  N N   . GLY A 1 120 ? 0.265   -8.712  -5.384  1.00 19.04  ? 120 GLY A N   1 
ATOM   920  C CA  . GLY A 1 120 ? 1.503   -8.273  -6.005  1.00 18.36  ? 120 GLY A CA  1 
ATOM   921  C C   . GLY A 1 120 ? 2.186   -7.221  -5.150  1.00 18.46  ? 120 GLY A C   1 
ATOM   922  O O   . GLY A 1 120 ? 2.757   -7.533  -4.103  1.00 18.57  ? 120 GLY A O   1 
ATOM   923  N N   . SER A 1 121 ? 2.097   -5.965  -5.576  1.00 20.31  ? 121 SER A N   1 
ATOM   924  C CA  . SER A 1 121 ? 2.696   -4.851  -4.844  1.00 18.75  ? 121 SER A CA  1 
ATOM   925  C C   . SER A 1 121 ? 1.689   -3.731  -4.568  1.00 20.22  ? 121 SER A C   1 
ATOM   926  O O   . SER A 1 121 ? 1.982   -2.805  -3.815  1.00 22.98  ? 121 SER A O   1 
ATOM   927  C CB  . SER A 1 121 ? 3.879   -4.277  -5.619  1.00 18.63  ? 121 SER A CB  1 
ATOM   928  O OG  . SER A 1 121 ? 3.467   -3.680  -6.838  1.00 21.93  ? 121 SER A OG  1 
ATOM   929  N N   . GLN A 1 122 ? 0.515   -3.810  -5.189  1.00 18.16  ? 122 GLN A N   1 
ATOM   930  C CA  . GLN A 1 122 ? -0.510  -2.796  -5.016  1.00 15.53  ? 122 GLN A CA  1 
ATOM   931  C C   . GLN A 1 122 ? -1.259  -2.946  -3.706  1.00 15.21  ? 122 GLN A C   1 
ATOM   932  O O   . GLN A 1 122 ? -1.565  -4.052  -3.272  1.00 16.71  ? 122 GLN A O   1 
ATOM   933  C CB  . GLN A 1 122 ? -1.465  -2.794  -6.203  1.00 14.66  ? 122 GLN A CB  1 
ATOM   934  C CG  . GLN A 1 122 ? -0.815  -2.335  -7.497  1.00 15.33  ? 122 GLN A CG  1 
ATOM   935  C CD  . GLN A 1 122 ? -1.808  -2.236  -8.641  1.00 22.51  ? 122 GLN A CD  1 
ATOM   936  O OE1 . GLN A 1 122 ? -2.780  -1.481  -8.573  1.00 21.19  ? 122 GLN A OE1 1 
ATOM   937  N NE2 . GLN A 1 122 ? -1.572  -3.002  -9.698  1.00 19.64  ? 122 GLN A NE2 1 
ATOM   938  N N   . PHE A 1 123 ? -1.551  -1.810  -3.083  1.00 18.05  ? 123 PHE A N   1 
ATOM   939  C CA  . PHE A 1 123 ? -2.233  -1.767  -1.796  1.00 15.80  ? 123 PHE A CA  1 
ATOM   940  C C   . PHE A 1 123 ? -3.169  -0.570  -1.741  1.00 16.13  ? 123 PHE A C   1 
ATOM   941  O O   . PHE A 1 123 ? -3.095  0.334   -2.574  1.00 18.17  ? 123 PHE A O   1 
ATOM   942  C CB  . PHE A 1 123 ? -1.192  -1.607  -0.679  1.00 12.62  ? 123 PHE A CB  1 
ATOM   943  C CG  . PHE A 1 123 ? -0.455  -0.288  -0.722  1.00 16.60  ? 123 PHE A CG  1 
ATOM   944  C CD1 . PHE A 1 123 ? 0.626   -0.105  -1.582  1.00 14.87  ? 123 PHE A CD1 1 
ATOM   945  C CD2 . PHE A 1 123 ? -0.872  0.788   0.071   1.00 16.21  ? 123 PHE A CD2 1 
ATOM   946  C CE1 . PHE A 1 123 ? 1.284   1.125   -1.658  1.00 15.21  ? 123 PHE A CE1 1 
ATOM   947  C CE2 . PHE A 1 123 ? -0.226  2.021   0.006   1.00 15.16  ? 123 PHE A CE2 1 
ATOM   948  C CZ  . PHE A 1 123 ? 0.855   2.193   -0.863  1.00 20.24  ? 123 PHE A CZ  1 
ATOM   949  N N   . PHE A 1 124 ? -4.028  -0.555  -0.729  1.00 18.82  ? 124 PHE A N   1 
ATOM   950  C CA  . PHE A 1 124 ? -4.940  0.561   -0.531  1.00 17.34  ? 124 PHE A CA  1 
ATOM   951  C C   . PHE A 1 124 ? -5.092  0.854   0.953   1.00 17.83  ? 124 PHE A C   1 
ATOM   952  O O   . PHE A 1 124 ? -4.881  -0.022  1.805   1.00 16.56  ? 124 PHE A O   1 
ATOM   953  C CB  . PHE A 1 124 ? -6.312  0.332   -1.206  1.00 15.01  ? 124 PHE A CB  1 
ATOM   954  C CG  . PHE A 1 124 ? -7.101  -0.839  -0.657  1.00 17.99  ? 124 PHE A CG  1 
ATOM   955  C CD1 . PHE A 1 124 ? -6.790  -2.145  -1.025  1.00 16.79  ? 124 PHE A CD1 1 
ATOM   956  C CD2 . PHE A 1 124 ? -8.189  -0.628  0.187   1.00 18.04  ? 124 PHE A CD2 1 
ATOM   957  C CE1 . PHE A 1 124 ? -7.552  -3.222  -0.564  1.00 18.61  ? 124 PHE A CE1 1 
ATOM   958  C CE2 . PHE A 1 124 ? -8.957  -1.698  0.656   1.00 19.06  ? 124 PHE A CE2 1 
ATOM   959  C CZ  . PHE A 1 124 ? -8.639  -2.997  0.279   1.00 17.00  ? 124 PHE A CZ  1 
ATOM   960  N N   . ILE A 1 125 ? -5.357  2.119   1.255   1.00 17.86  ? 125 ILE A N   1 
ATOM   961  C CA  . ILE A 1 125 ? -5.565  2.559   2.626   1.00 19.30  ? 125 ILE A CA  1 
ATOM   962  C C   . ILE A 1 125 ? -7.014  3.066   2.689   1.00 19.23  ? 125 ILE A C   1 
ATOM   963  O O   . ILE A 1 125 ? -7.380  3.986   1.950   1.00 19.52  ? 125 ILE A O   1 
ATOM   964  C CB  . ILE A 1 125 ? -4.586  3.704   3.005   1.00 19.75  ? 125 ILE A CB  1 
ATOM   965  C CG1 . ILE A 1 125 ? -3.130  3.278   2.759   1.00 15.95  ? 125 ILE A CG1 1 
ATOM   966  C CG2 . ILE A 1 125 ? -4.789  4.101   4.466   1.00 17.92  ? 125 ILE A CG2 1 
ATOM   967  C CD1 . ILE A 1 125 ? -2.128  4.430   2.804   1.00 15.25  ? 125 ILE A CD1 1 
ATOM   968  N N   . THR A 1 126 ? -7.841  2.426   3.519   1.00 17.64  ? 126 THR A N   1 
ATOM   969  C CA  . THR A 1 126 ? -9.253  2.806   3.668   1.00 20.14  ? 126 THR A CA  1 
ATOM   970  C C   . THR A 1 126 ? -9.422  4.033   4.569   1.00 21.37  ? 126 THR A C   1 
ATOM   971  O O   . THR A 1 126 ? -8.526  4.377   5.340   1.00 20.89  ? 126 THR A O   1 
ATOM   972  C CB  . THR A 1 126 ? -10.101 1.657   4.271   1.00 21.42  ? 126 THR A CB  1 
ATOM   973  O OG1 . THR A 1 126 ? -9.702  1.424   5.632   1.00 22.13  ? 126 THR A OG1 1 
ATOM   974  C CG2 . THR A 1 126 ? -9.930  0.366   3.457   1.00 18.81  ? 126 THR A CG2 1 
ATOM   975  N N   . THR A 1 127 ? -10.575 4.691   4.467   1.00 21.35  ? 127 THR A N   1 
ATOM   976  C CA  . THR A 1 127 ? -10.857 5.870   5.281   1.00 22.75  ? 127 THR A CA  1 
ATOM   977  C C   . THR A 1 127 ? -12.160 5.733   6.097   1.00 23.57  ? 127 THR A C   1 
ATOM   978  O O   . THR A 1 127 ? -12.602 6.681   6.751   1.00 25.96  ? 127 THR A O   1 
ATOM   979  C CB  . THR A 1 127 ? -10.860 7.162   4.420   1.00 23.17  ? 127 THR A CB  1 
ATOM   980  O OG1 . THR A 1 127 ? -11.832 7.050   3.377   1.00 24.84  ? 127 THR A OG1 1 
ATOM   981  C CG2 . THR A 1 127 ? -9.487  7.394   3.793   1.00 23.43  ? 127 THR A CG2 1 
ATOM   982  N N   . THR A 1 128 ? -12.756 4.540   6.048   1.00 25.36  ? 128 THR A N   1 
ATOM   983  C CA  . THR A 1 128 ? -13.981 4.184   6.789   1.00 25.90  ? 128 THR A CA  1 
ATOM   984  C C   . THR A 1 128 ? -13.990 2.656   6.879   1.00 25.03  ? 128 THR A C   1 
ATOM   985  O O   . THR A 1 128 ? -13.287 1.990   6.111   1.00 21.49  ? 128 THR A O   1 
ATOM   986  C CB  . THR A 1 128 ? -15.306 4.609   6.061   1.00 26.85  ? 128 THR A CB  1 
ATOM   987  O OG1 . THR A 1 128 ? -15.302 4.118   4.714   1.00 34.06  ? 128 THR A OG1 1 
ATOM   988  C CG2 . THR A 1 128 ? -15.499 6.111   6.065   1.00 36.39  ? 128 THR A CG2 1 
ATOM   989  N N   . PRO A 1 129 ? -14.730 2.079   7.852   1.00 26.12  ? 129 PRO A N   1 
ATOM   990  C CA  . PRO A 1 129 ? -14.752 0.609   7.936   1.00 24.10  ? 129 PRO A CA  1 
ATOM   991  C C   . PRO A 1 129 ? -15.349 -0.005  6.658   1.00 21.60  ? 129 PRO A C   1 
ATOM   992  O O   . PRO A 1 129 ? -16.168 0.626   5.983   1.00 20.95  ? 129 PRO A O   1 
ATOM   993  C CB  . PRO A 1 129 ? -15.603 0.336   9.191   1.00 23.68  ? 129 PRO A CB  1 
ATOM   994  C CG  . PRO A 1 129 ? -16.362 1.607   9.418   1.00 24.40  ? 129 PRO A CG  1 
ATOM   995  C CD  . PRO A 1 129 ? -15.407 2.689   9.010   1.00 21.75  ? 129 PRO A CD  1 
ATOM   996  N N   . ALA A 1 130 ? -14.901 -1.211  6.308   1.00 21.09  ? 130 ALA A N   1 
ATOM   997  C CA  . ALA A 1 130 ? -15.369 -1.884  5.097   1.00 19.95  ? 130 ALA A CA  1 
ATOM   998  C C   . ALA A 1 130 ? -15.381 -3.404  5.256   1.00 19.60  ? 130 ALA A C   1 
ATOM   999  O O   . ALA A 1 130 ? -14.681 -4.113  4.533   1.00 19.91  ? 130 ALA A O   1 
ATOM   1000 C CB  . ALA A 1 130 ? -14.485 -1.490  3.916   1.00 17.93  ? 130 ALA A CB  1 
ATOM   1001 N N   . PRO A 1 131 ? -16.220 -3.928  6.168   1.00 18.20  ? 131 PRO A N   1 
ATOM   1002 C CA  . PRO A 1 131 ? -16.324 -5.372  6.422   1.00 20.98  ? 131 PRO A CA  1 
ATOM   1003 C C   . PRO A 1 131 ? -16.657 -6.258  5.214   1.00 21.12  ? 131 PRO A C   1 
ATOM   1004 O O   . PRO A 1 131 ? -16.381 -7.456  5.232   1.00 21.07  ? 131 PRO A O   1 
ATOM   1005 C CB  . PRO A 1 131 ? -17.399 -5.451  7.509   1.00 19.10  ? 131 PRO A CB  1 
ATOM   1006 C CG  . PRO A 1 131 ? -18.223 -4.217  7.278   1.00 18.96  ? 131 PRO A CG  1 
ATOM   1007 C CD  . PRO A 1 131 ? -17.166 -3.186  7.017   1.00 19.81  ? 131 PRO A CD  1 
ATOM   1008 N N   . HIS A 1 132 ? -17.242 -5.672  4.169   1.00 21.09  ? 132 HIS A N   1 
ATOM   1009 C CA  . HIS A 1 132 ? -17.591 -6.431  2.966   1.00 20.00  ? 132 HIS A CA  1 
ATOM   1010 C C   . HIS A 1 132 ? -16.346 -6.857  2.184   1.00 18.52  ? 132 HIS A C   1 
ATOM   1011 O O   . HIS A 1 132 ? -16.419 -7.715  1.308   1.00 18.90  ? 132 HIS A O   1 
ATOM   1012 C CB  . HIS A 1 132 ? -18.554 -5.633  2.067   1.00 18.48  ? 132 HIS A CB  1 
ATOM   1013 C CG  . HIS A 1 132 ? -18.018 -4.306  1.632   1.00 21.27  ? 132 HIS A CG  1 
ATOM   1014 N ND1 . HIS A 1 132 ? -17.632 -4.050  0.334   1.00 21.66  ? 132 HIS A ND1 1 
ATOM   1015 C CD2 . HIS A 1 132 ? -17.803 -3.161  2.322   1.00 19.84  ? 132 HIS A CD2 1 
ATOM   1016 C CE1 . HIS A 1 132 ? -17.199 -2.804  0.245   1.00 23.10  ? 132 HIS A CE1 1 
ATOM   1017 N NE2 . HIS A 1 132 ? -17.292 -2.244  1.437   1.00 25.30  ? 132 HIS A NE2 1 
ATOM   1018 N N   . LEU A 1 133 ? -15.207 -6.249  2.511   1.00 17.70  ? 133 LEU A N   1 
ATOM   1019 C CA  . LEU A 1 133 ? -13.946 -6.574  1.861   1.00 17.59  ? 133 LEU A CA  1 
ATOM   1020 C C   . LEU A 1 133 ? -13.194 -7.672  2.614   1.00 18.53  ? 133 LEU A C   1 
ATOM   1021 O O   . LEU A 1 133 ? -12.182 -8.187  2.125   1.00 17.89  ? 133 LEU A O   1 
ATOM   1022 C CB  . LEU A 1 133 ? -13.075 -5.320  1.699   1.00 17.71  ? 133 LEU A CB  1 
ATOM   1023 C CG  . LEU A 1 133 ? -13.603 -4.276  0.705   1.00 15.41  ? 133 LEU A CG  1 
ATOM   1024 C CD1 . LEU A 1 133 ? -12.622 -3.124  0.606   1.00 15.93  ? 133 LEU A CD1 1 
ATOM   1025 C CD2 . LEU A 1 133 ? -13.817 -4.909  -0.672  1.00 15.45  ? 133 LEU A CD2 1 
ATOM   1026 N N   . ASN A 1 134 ? -13.703 -8.038  3.794   1.00 17.96  ? 134 ASN A N   1 
ATOM   1027 C CA  . ASN A 1 134 ? -13.110 -9.099  4.614   1.00 19.40  ? 134 ASN A CA  1 
ATOM   1028 C C   . ASN A 1 134 ? -13.195 -10.403 3.842   1.00 22.29  ? 134 ASN A C   1 
ATOM   1029 O O   . ASN A 1 134 ? -14.200 -10.668 3.174   1.00 22.21  ? 134 ASN A O   1 
ATOM   1030 C CB  . ASN A 1 134 ? -13.865 -9.280  5.936   1.00 20.50  ? 134 ASN A CB  1 
ATOM   1031 C CG  . ASN A 1 134 ? -13.802 -8.057  6.827   1.00 24.75  ? 134 ASN A CG  1 
ATOM   1032 O OD1 . ASN A 1 134 ? -12.963 -7.174  6.649   1.00 23.58  ? 134 ASN A OD1 1 
ATOM   1033 N ND2 . ASN A 1 134 ? -14.693 -8.005  7.803   1.00 24.54  ? 134 ASN A ND2 1 
ATOM   1034 N N   . ASN A 1 135 ? -12.142 -11.211 3.943   1.00 21.91  ? 135 ASN A N   1 
ATOM   1035 C CA  . ASN A 1 135 ? -12.060 -12.501 3.261   1.00 20.88  ? 135 ASN A CA  1 
ATOM   1036 C C   . ASN A 1 135 ? -11.866 -12.385 1.749   1.00 23.14  ? 135 ASN A C   1 
ATOM   1037 O O   . ASN A 1 135 ? -12.036 -13.362 1.019   1.00 25.67  ? 135 ASN A O   1 
ATOM   1038 C CB  . ASN A 1 135 ? -13.272 -13.376 3.595   1.00 21.81  ? 135 ASN A CB  1 
ATOM   1039 C CG  . ASN A 1 135 ? -13.454 -13.559 5.087   1.00 22.12  ? 135 ASN A CG  1 
ATOM   1040 O OD1 . ASN A 1 135 ? -12.535 -13.974 5.788   1.00 25.73  ? 135 ASN A OD1 1 
ATOM   1041 N ND2 . ASN A 1 135 ? -14.634 -13.217 5.586   1.00 23.38  ? 135 ASN A ND2 1 
ATOM   1042 N N   . ILE A 1 136 ? -11.526 -11.183 1.285   1.00 22.55  ? 136 ILE A N   1 
ATOM   1043 C CA  . ILE A 1 136 ? -11.271 -10.932 -0.133  1.00 21.32  ? 136 ILE A CA  1 
ATOM   1044 C C   . ILE A 1 136 ? -9.901  -10.248 -0.236  1.00 22.09  ? 136 ILE A C   1 
ATOM   1045 O O   . ILE A 1 136 ? -9.078  -10.594 -1.083  1.00 21.97  ? 136 ILE A O   1 
ATOM   1046 C CB  . ILE A 1 136 ? -12.339 -10.006 -0.774  1.00 23.42  ? 136 ILE A CB  1 
ATOM   1047 C CG1 . ILE A 1 136 ? -13.749 -10.540 -0.509  1.00 21.36  ? 136 ILE A CG1 1 
ATOM   1048 C CG2 . ILE A 1 136 ? -12.098 -9.886  -2.281  1.00 18.62  ? 136 ILE A CG2 1 
ATOM   1049 C CD1 . ILE A 1 136 ? -14.844 -9.631  -1.028  1.00 19.43  ? 136 ILE A CD1 1 
ATOM   1050 N N   . HIS A 1 137 ? -9.661  -9.286  0.650   1.00 19.59  ? 137 HIS A N   1 
ATOM   1051 C CA  . HIS A 1 137 ? -8.405  -8.547  0.669   1.00 19.79  ? 137 HIS A CA  1 
ATOM   1052 C C   . HIS A 1 137 ? -7.693  -8.760  1.999   1.00 21.02  ? 137 HIS A C   1 
ATOM   1053 O O   . HIS A 1 137 ? -8.306  -8.642  3.061   1.00 21.71  ? 137 HIS A O   1 
ATOM   1054 C CB  . HIS A 1 137 ? -8.666  -7.056  0.446   1.00 19.26  ? 137 HIS A CB  1 
ATOM   1055 C CG  . HIS A 1 137 ? -9.291  -6.748  -0.880  1.00 22.04  ? 137 HIS A CG  1 
ATOM   1056 N ND1 . HIS A 1 137 ? -8.548  -6.470  -2.005  1.00 21.28  ? 137 HIS A ND1 1 
ATOM   1057 C CD2 . HIS A 1 137 ? -10.589 -6.693  -1.262  1.00 18.82  ? 137 HIS A CD2 1 
ATOM   1058 C CE1 . HIS A 1 137 ? -9.358  -6.256  -3.025  1.00 21.11  ? 137 HIS A CE1 1 
ATOM   1059 N NE2 . HIS A 1 137 ? -10.604 -6.386  -2.602  1.00 17.44  ? 137 HIS A NE2 1 
ATOM   1060 N N   . VAL A 1 138 ? -6.408  -9.099  1.935   1.00 20.53  ? 138 VAL A N   1 
ATOM   1061 C CA  . VAL A 1 138 ? -5.613  -9.329  3.135   1.00 18.15  ? 138 VAL A CA  1 
ATOM   1062 C C   . VAL A 1 138 ? -5.195  -8.017  3.792   1.00 19.60  ? 138 VAL A C   1 
ATOM   1063 O O   . VAL A 1 138 ? -4.512  -7.201  3.175   1.00 18.48  ? 138 VAL A O   1 
ATOM   1064 C CB  . VAL A 1 138 ? -4.335  -10.144 2.823   1.00 19.33  ? 138 VAL A CB  1 
ATOM   1065 C CG1 . VAL A 1 138 ? -3.519  -10.372 4.095   1.00 15.83  ? 138 VAL A CG1 1 
ATOM   1066 C CG2 . VAL A 1 138 ? -4.698  -11.470 2.187   1.00 20.26  ? 138 VAL A CG2 1 
ATOM   1067 N N   . VAL A 1 139 ? -5.653  -7.813  5.027   1.00 19.53  ? 139 VAL A N   1 
ATOM   1068 C CA  . VAL A 1 139 ? -5.319  -6.627  5.812   1.00 17.95  ? 139 VAL A CA  1 
ATOM   1069 C C   . VAL A 1 139 ? -4.036  -6.984  6.550   1.00 18.97  ? 139 VAL A C   1 
ATOM   1070 O O   . VAL A 1 139 ? -3.947  -8.050  7.169   1.00 19.20  ? 139 VAL A O   1 
ATOM   1071 C CB  . VAL A 1 139 ? -6.434  -6.292  6.824   1.00 20.05  ? 139 VAL A CB  1 
ATOM   1072 C CG1 . VAL A 1 139 ? -6.037  -5.096  7.678   1.00 15.85  ? 139 VAL A CG1 1 
ATOM   1073 C CG2 . VAL A 1 139 ? -7.725  -5.999  6.087   1.00 14.50  ? 139 VAL A CG2 1 
ATOM   1074 N N   . PHE A 1 140 ? -3.043  -6.103  6.484   1.00 17.54  ? 140 PHE A N   1 
ATOM   1075 C CA  . PHE A 1 140 ? -1.757  -6.385  7.107   1.00 18.28  ? 140 PHE A CA  1 
ATOM   1076 C C   . PHE A 1 140 ? -1.145  -5.238  7.888   1.00 18.45  ? 140 PHE A C   1 
ATOM   1077 O O   . PHE A 1 140 ? -0.069  -5.393  8.465   1.00 23.56  ? 140 PHE A O   1 
ATOM   1078 C CB  . PHE A 1 140 ? -0.756  -6.830  6.034   1.00 16.17  ? 140 PHE A CB  1 
ATOM   1079 C CG  . PHE A 1 140 ? -0.494  -5.783  4.980   1.00 16.15  ? 140 PHE A CG  1 
ATOM   1080 C CD1 . PHE A 1 140 ? -1.332  -5.668  3.876   1.00 18.29  ? 140 PHE A CD1 1 
ATOM   1081 C CD2 . PHE A 1 140 ? 0.578   -4.901  5.103   1.00 15.46  ? 140 PHE A CD2 1 
ATOM   1082 C CE1 . PHE A 1 140 ? -1.115  -4.698  2.915   1.00 13.99  ? 140 PHE A CE1 1 
ATOM   1083 C CE2 . PHE A 1 140 ? 0.804   -3.928  4.150   1.00 16.79  ? 140 PHE A CE2 1 
ATOM   1084 C CZ  . PHE A 1 140 ? -0.046  -3.824  3.050   1.00 17.02  ? 140 PHE A CZ  1 
ATOM   1085 N N   . GLY A 1 141 ? -1.800  -4.083  7.886   1.00 19.44  ? 141 GLY A N   1 
ATOM   1086 C CA  . GLY A 1 141 ? -1.253  -2.947  8.601   1.00 18.01  ? 141 GLY A CA  1 
ATOM   1087 C C   . GLY A 1 141 ? -2.286  -1.913  8.984   1.00 21.59  ? 141 GLY A C   1 
ATOM   1088 O O   . GLY A 1 141 ? -3.464  -2.051  8.650   1.00 20.51  ? 141 GLY A O   1 
ATOM   1089 N N   . LYS A 1 142 ? -1.826  -0.858  9.655   1.00 22.28  ? 142 LYS A N   1 
ATOM   1090 C CA  . LYS A 1 142 ? -2.687  0.228   10.113  1.00 23.58  ? 142 LYS A CA  1 
ATOM   1091 C C   . LYS A 1 142 ? -1.869  1.519   10.102  1.00 21.32  ? 142 LYS A C   1 
ATOM   1092 O O   . LYS A 1 142 ? -0.682  1.506   10.425  1.00 21.26  ? 142 LYS A O   1 
ATOM   1093 C CB  . LYS A 1 142 ? -3.141  -0.075  11.553  1.00 30.31  ? 142 LYS A CB  1 
ATOM   1094 C CG  . LYS A 1 142 ? -4.612  0.168   11.854  1.00 41.84  ? 142 LYS A CG  1 
ATOM   1095 C CD  . LYS A 1 142 ? -4.914  1.610   12.273  1.00 52.30  ? 142 LYS A CD  1 
ATOM   1096 C CE  . LYS A 1 142 ? -6.413  1.791   12.546  1.00 55.82  ? 142 LYS A CE  1 
ATOM   1097 N NZ  . LYS A 1 142 ? -6.833  3.143   13.045  1.00 59.70  ? 142 LYS A NZ  1 
ATOM   1098 N N   . VAL A 1 143 ? -2.488  2.620   9.691   1.00 19.86  ? 143 VAL A N   1 
ATOM   1099 C CA  . VAL A 1 143 ? -1.811  3.915   9.692   1.00 20.10  ? 143 VAL A CA  1 
ATOM   1100 C C   . VAL A 1 143 ? -1.779  4.385   11.159  1.00 23.47  ? 143 VAL A C   1 
ATOM   1101 O O   . VAL A 1 143 ? -2.801  4.335   11.848  1.00 22.16  ? 143 VAL A O   1 
ATOM   1102 C CB  . VAL A 1 143 ? -2.567  4.954   8.810   1.00 19.39  ? 143 VAL A CB  1 
ATOM   1103 C CG1 . VAL A 1 143 ? -1.957  6.337   8.964   1.00 17.77  ? 143 VAL A CG1 1 
ATOM   1104 C CG2 . VAL A 1 143 ? -2.530  4.534   7.346   1.00 17.46  ? 143 VAL A CG2 1 
ATOM   1105 N N   . VAL A 1 144 ? -0.601  4.780   11.647  1.00 22.28  ? 144 VAL A N   1 
ATOM   1106 C CA  . VAL A 1 144 ? -0.467  5.237   13.031  1.00 23.97  ? 144 VAL A CA  1 
ATOM   1107 C C   . VAL A 1 144 ? -0.287  6.752   13.172  1.00 23.02  ? 144 VAL A C   1 
ATOM   1108 O O   . VAL A 1 144 ? -0.570  7.323   14.224  1.00 22.65  ? 144 VAL A O   1 
ATOM   1109 C CB  . VAL A 1 144 ? 0.655   4.471   13.804  1.00 23.80  ? 144 VAL A CB  1 
ATOM   1110 C CG1 . VAL A 1 144 ? 0.261   3.018   13.964  1.00 26.11  ? 144 VAL A CG1 1 
ATOM   1111 C CG2 . VAL A 1 144 ? 1.987   4.574   13.090  1.00 22.65  ? 144 VAL A CG2 1 
ATOM   1112 N N   . SER A 1 145 ? 0.197   7.394   12.115  1.00 24.05  ? 145 SER A N   1 
ATOM   1113 C CA  . SER A 1 145 ? 0.372   8.841   12.098  1.00 21.90  ? 145 SER A CA  1 
ATOM   1114 C C   . SER A 1 145 ? 0.305   9.273   10.641  1.00 21.89  ? 145 SER A C   1 
ATOM   1115 O O   . SER A 1 145 ? 0.587   8.487   9.736   1.00 22.24  ? 145 SER A O   1 
ATOM   1116 C CB  . SER A 1 145 ? 1.695   9.275   12.740  1.00 22.31  ? 145 SER A CB  1 
ATOM   1117 O OG  . SER A 1 145 ? 2.803   8.932   11.946  1.00 29.30  ? 145 SER A OG  1 
ATOM   1118 N N   . GLY A 1 146 ? -0.097  10.515  10.410  1.00 21.97  ? 146 GLY A N   1 
ATOM   1119 C CA  . GLY A 1 146 ? -0.215  10.996  9.048   1.00 21.77  ? 146 GLY A CA  1 
ATOM   1120 C C   . GLY A 1 146 ? -1.526  10.584  8.391   1.00 20.18  ? 146 GLY A C   1 
ATOM   1121 O O   . GLY A 1 146 ? -1.614  10.499  7.166   1.00 18.70  ? 146 GLY A O   1 
ATOM   1122 N N   . GLN A 1 147 ? -2.551  10.297  9.192   1.00 21.92  ? 147 GLN A N   1 
ATOM   1123 C CA  . GLN A 1 147 ? -3.837  9.935   8.606   1.00 22.50  ? 147 GLN A CA  1 
ATOM   1124 C C   . GLN A 1 147 ? -4.467  11.146  7.910   1.00 22.16  ? 147 GLN A C   1 
ATOM   1125 O O   . GLN A 1 147 ? -5.312  10.980  7.030   1.00 19.59  ? 147 GLN A O   1 
ATOM   1126 C CB  . GLN A 1 147 ? -4.799  9.275   9.613   1.00 23.98  ? 147 GLN A CB  1 
ATOM   1127 C CG  . GLN A 1 147 ? -4.754  9.775   11.024  1.00 27.44  ? 147 GLN A CG  1 
ATOM   1128 C CD  . GLN A 1 147 ? -3.653  9.134   11.841  1.00 23.67  ? 147 GLN A CD  1 
ATOM   1129 O OE1 . GLN A 1 147 ? -3.797  8.019   12.349  1.00 24.93  ? 147 GLN A OE1 1 
ATOM   1130 N NE2 . GLN A 1 147 ? -2.553  9.848   11.996  1.00 24.23  ? 147 GLN A NE2 1 
ATOM   1131 N N   . GLU A 1 148 ? -4.023  12.354  8.268   1.00 19.89  ? 148 GLU A N   1 
ATOM   1132 C CA  . GLU A 1 148 ? -4.525  13.565  7.618   1.00 19.35  ? 148 GLU A CA  1 
ATOM   1133 C C   . GLU A 1 148 ? -3.913  13.741  6.211   1.00 19.03  ? 148 GLU A C   1 
ATOM   1134 O O   . GLU A 1 148 ? -4.526  14.372  5.350   1.00 21.57  ? 148 GLU A O   1 
ATOM   1135 C CB  . GLU A 1 148 ? -4.324  14.817  8.484   1.00 17.92  ? 148 GLU A CB  1 
ATOM   1136 C CG  . GLU A 1 148 ? -2.900  15.327  8.623   1.00 19.52  ? 148 GLU A CG  1 
ATOM   1137 C CD  . GLU A 1 148 ? -2.066  14.547  9.616   1.00 20.19  ? 148 GLU A CD  1 
ATOM   1138 O OE1 . GLU A 1 148 ? -2.575  13.595  10.253  1.00 19.21  ? 148 GLU A OE1 1 
ATOM   1139 O OE2 . GLU A 1 148 ? -0.880  14.903  9.767   1.00 26.18  ? 148 GLU A OE2 1 
ATOM   1140 N N   . VAL A 1 149 ? -2.709  13.212  5.973   1.00 18.46  ? 149 VAL A N   1 
ATOM   1141 C CA  . VAL A 1 149 ? -2.131  13.306  4.627   1.00 20.94  ? 149 VAL A CA  1 
ATOM   1142 C C   . VAL A 1 149 ? -2.852  12.298  3.713   1.00 20.30  ? 149 VAL A C   1 
ATOM   1143 O O   . VAL A 1 149 ? -2.980  12.519  2.509   1.00 23.11  ? 149 VAL A O   1 
ATOM   1144 C CB  . VAL A 1 149 ? -0.548  13.207  4.581   1.00 25.15  ? 149 VAL A CB  1 
ATOM   1145 C CG1 . VAL A 1 149 ? 0.021   12.709  5.883   1.00 21.44  ? 149 VAL A CG1 1 
ATOM   1146 C CG2 . VAL A 1 149 ? -0.064  12.376  3.392   1.00 18.44  ? 149 VAL A CG2 1 
ATOM   1147 N N   . VAL A 1 150 ? -3.382  11.229  4.308   1.00 20.04  ? 150 VAL A N   1 
ATOM   1148 C CA  . VAL A 1 150 ? -4.157  10.241  3.559   1.00 17.17  ? 150 VAL A CA  1 
ATOM   1149 C C   . VAL A 1 150 ? -5.469  10.901  3.087   1.00 16.77  ? 150 VAL A C   1 
ATOM   1150 O O   . VAL A 1 150 ? -5.835  10.780  1.918   1.00 16.99  ? 150 VAL A O   1 
ATOM   1151 C CB  . VAL A 1 150 ? -4.483  8.995   4.422   1.00 15.02  ? 150 VAL A CB  1 
ATOM   1152 C CG1 . VAL A 1 150 ? -5.503  8.100   3.717   1.00 13.64  ? 150 VAL A CG1 1 
ATOM   1153 C CG2 . VAL A 1 150 ? -3.213  8.206   4.706   1.00 17.81  ? 150 VAL A CG2 1 
ATOM   1154 N N   . THR A 1 151 ? -6.154  11.630  3.972   1.00 18.73  ? 151 THR A N   1 
ATOM   1155 C CA  . THR A 1 151 ? -7.413  12.283  3.581   1.00 23.19  ? 151 THR A CA  1 
ATOM   1156 C C   . THR A 1 151 ? -7.188  13.447  2.620   1.00 19.89  ? 151 THR A C   1 
ATOM   1157 O O   . THR A 1 151 ? -8.045  13.755  1.795   1.00 22.99  ? 151 THR A O   1 
ATOM   1158 C CB  . THR A 1 151 ? -8.327  12.689  4.800   1.00 27.02  ? 151 THR A CB  1 
ATOM   1159 O OG1 . THR A 1 151 ? -8.443  14.113  4.912   1.00 34.11  ? 151 THR A OG1 1 
ATOM   1160 C CG2 . THR A 1 151 ? -7.811  12.105  6.085   1.00 19.74  ? 151 THR A CG2 1 
ATOM   1161 N N   . LYS A 1 152 ? -6.016  14.067  2.712   1.00 18.93  ? 152 LYS A N   1 
ATOM   1162 C CA  . LYS A 1 152 ? -5.646  15.159  1.815   1.00 20.08  ? 152 LYS A CA  1 
ATOM   1163 C C   . LYS A 1 152 ? -5.582  14.593  0.383   1.00 21.34  ? 152 LYS A C   1 
ATOM   1164 O O   . LYS A 1 152 ? -6.139  15.171  -0.555  1.00 20.89  ? 152 LYS A O   1 
ATOM   1165 C CB  . LYS A 1 152 ? -4.282  15.713  2.241   1.00 22.85  ? 152 LYS A CB  1 
ATOM   1166 C CG  . LYS A 1 152 ? -3.632  16.703  1.291   1.00 29.22  ? 152 LYS A CG  1 
ATOM   1167 C CD  . LYS A 1 152 ? -4.067  18.117  1.551   1.00 33.38  ? 152 LYS A CD  1 
ATOM   1168 C CE  . LYS A 1 152 ? -2.998  19.095  1.080   1.00 39.26  ? 152 LYS A CE  1 
ATOM   1169 N NZ  . LYS A 1 152 ? -3.379  20.511  1.362   1.00 43.54  ? 152 LYS A NZ  1 
ATOM   1170 N N   . ILE A 1 153 ? -4.920  13.446  0.235   1.00 18.88  ? 153 ILE A N   1 
ATOM   1171 C CA  . ILE A 1 153 ? -4.781  12.770  -1.054  1.00 18.93  ? 153 ILE A CA  1 
ATOM   1172 C C   . ILE A 1 153 ? -6.143  12.285  -1.554  1.00 18.91  ? 153 ILE A C   1 
ATOM   1173 O O   . ILE A 1 153 ? -6.469  12.433  -2.732  1.00 21.77  ? 153 ILE A O   1 
ATOM   1174 C CB  . ILE A 1 153 ? -3.828  11.536  -0.941  1.00 17.98  ? 153 ILE A CB  1 
ATOM   1175 C CG1 . ILE A 1 153 ? -2.402  11.984  -0.618  1.00 16.43  ? 153 ILE A CG1 1 
ATOM   1176 C CG2 . ILE A 1 153 ? -3.832  10.735  -2.232  1.00 15.80  ? 153 ILE A CG2 1 
ATOM   1177 C CD1 . ILE A 1 153 ? -1.486  10.844  -0.235  1.00 16.31  ? 153 ILE A CD1 1 
ATOM   1178 N N   . GLU A 1 154 ? -6.938  11.735  -0.640  1.00 18.83  ? 154 GLU A N   1 
ATOM   1179 C CA  . GLU A 1 154 ? -8.261  11.196  -0.951  1.00 20.33  ? 154 GLU A CA  1 
ATOM   1180 C C   . GLU A 1 154 ? -9.252  12.192  -1.553  1.00 20.78  ? 154 GLU A C   1 
ATOM   1181 O O   . GLU A 1 154 ? -10.084 11.825  -2.391  1.00 22.08  ? 154 GLU A O   1 
ATOM   1182 C CB  . GLU A 1 154 ? -8.858  10.583  0.312   1.00 20.19  ? 154 GLU A CB  1 
ATOM   1183 C CG  . GLU A 1 154 ? -10.222 9.950   0.128   1.00 29.54  ? 154 GLU A CG  1 
ATOM   1184 C CD  . GLU A 1 154 ? -10.943 9.731   1.444   1.00 32.46  ? 154 GLU A CD  1 
ATOM   1185 O OE1 . GLU A 1 154 ? -10.508 10.263  2.491   1.00 40.91  ? 154 GLU A OE1 1 
ATOM   1186 O OE2 . GLU A 1 154 ? -11.962 9.027   1.433   1.00 36.52  ? 154 GLU A OE2 1 
ATOM   1187 N N   . TYR A 1 155 ? -9.167  13.448  -1.130  1.00 19.40  ? 155 TYR A N   1 
ATOM   1188 C CA  . TYR A 1 155 ? -10.092 14.460  -1.626  1.00 22.76  ? 155 TYR A CA  1 
ATOM   1189 C C   . TYR A 1 155 ? -9.613  15.303  -2.795  1.00 21.18  ? 155 TYR A C   1 
ATOM   1190 O O   . TYR A 1 155 ? -10.207 16.334  -3.108  1.00 24.55  ? 155 TYR A O   1 
ATOM   1191 C CB  . TYR A 1 155 ? -10.598 15.330  -0.473  1.00 20.10  ? 155 TYR A CB  1 
ATOM   1192 C CG  . TYR A 1 155 ? -11.602 14.586  0.376   1.00 20.09  ? 155 TYR A CG  1 
ATOM   1193 C CD1 . TYR A 1 155 ? -11.182 13.765  1.417   1.00 21.39  ? 155 TYR A CD1 1 
ATOM   1194 C CD2 . TYR A 1 155 ? -12.964 14.637  0.084   1.00 18.25  ? 155 TYR A CD2 1 
ATOM   1195 C CE1 . TYR A 1 155 ? -12.090 13.003  2.139   1.00 21.73  ? 155 TYR A CE1 1 
ATOM   1196 C CE2 . TYR A 1 155 ? -13.882 13.881  0.803   1.00 18.91  ? 155 TYR A CE2 1 
ATOM   1197 C CZ  . TYR A 1 155 ? -13.436 13.062  1.827   1.00 22.87  ? 155 TYR A CZ  1 
ATOM   1198 O OH  . TYR A 1 155 ? -14.325 12.274  2.525   1.00 24.79  ? 155 TYR A OH  1 
ATOM   1199 N N   . LEU A 1 156 ? -8.558  14.841  -3.457  1.00 23.39  ? 156 LEU A N   1 
ATOM   1200 C CA  . LEU A 1 156 ? -8.006  15.536  -4.617  1.00 24.23  ? 156 LEU A CA  1 
ATOM   1201 C C   . LEU A 1 156 ? -8.924  15.339  -5.819  1.00 25.62  ? 156 LEU A C   1 
ATOM   1202 O O   . LEU A 1 156 ? -9.527  14.274  -5.980  1.00 26.30  ? 156 LEU A O   1 
ATOM   1203 C CB  . LEU A 1 156 ? -6.618  14.991  -4.952  1.00 22.34  ? 156 LEU A CB  1 
ATOM   1204 C CG  . LEU A 1 156 ? -5.462  15.328  -4.012  1.00 22.51  ? 156 LEU A CG  1 
ATOM   1205 C CD1 . LEU A 1 156 ? -4.242  14.512  -4.412  1.00 23.62  ? 156 LEU A CD1 1 
ATOM   1206 C CD2 . LEU A 1 156 ? -5.157  16.814  -4.061  1.00 20.14  ? 156 LEU A CD2 1 
ATOM   1207 N N   . LYS A 1 157 ? -9.003  16.354  -6.674  1.00 27.75  ? 157 LYS A N   1 
ATOM   1208 C CA  . LYS A 1 157 ? -9.842  16.293  -7.868  1.00 29.87  ? 157 LYS A CA  1 
ATOM   1209 C C   . LYS A 1 157 ? -9.365  15.169  -8.789  1.00 29.86  ? 157 LYS A C   1 
ATOM   1210 O O   . LYS A 1 157 ? -8.173  15.057  -9.062  1.00 31.10  ? 157 LYS A O   1 
ATOM   1211 C CB  . LYS A 1 157 ? -9.795  17.630  -8.609  1.00 35.78  ? 157 LYS A CB  1 
ATOM   1212 C CG  . LYS A 1 157 ? -11.015 17.891  -9.473  1.00 44.21  ? 157 LYS A CG  1 
ATOM   1213 C CD  . LYS A 1 157 ? -10.898 19.209  -10.227 1.00 51.97  ? 157 LYS A CD  1 
ATOM   1214 C CE  . LYS A 1 157 ? -12.237 19.623  -10.819 1.00 56.46  ? 157 LYS A CE  1 
ATOM   1215 N NZ  . LYS A 1 157 ? -12.885 18.518  -11.584 1.00 60.87  ? 157 LYS A NZ  1 
ATOM   1216 N N   . THR A 1 158 ? -10.296 14.335  -9.248  1.00 31.40  ? 158 THR A N   1 
ATOM   1217 C CA  . THR A 1 158 ? -9.969  13.215  -10.129 1.00 29.96  ? 158 THR A CA  1 
ATOM   1218 C C   . THR A 1 158 ? -10.718 13.260  -11.458 1.00 32.47  ? 158 THR A C   1 
ATOM   1219 O O   . THR A 1 158 ? -11.655 14.041  -11.633 1.00 33.53  ? 158 THR A O   1 
ATOM   1220 C CB  . THR A 1 158 ? -10.317 11.857  -9.473  1.00 29.49  ? 158 THR A CB  1 
ATOM   1221 O OG1 . THR A 1 158 ? -11.738 11.748  -9.302  1.00 29.00  ? 158 THR A OG1 1 
ATOM   1222 C CG2 . THR A 1 158 ? -9.640  11.720  -8.135  1.00 27.71  ? 158 THR A CG2 1 
ATOM   1223 N N   . ASN A 1 159 ? -10.283 12.424  -12.397 1.00 33.92  ? 159 ASN A N   1 
ATOM   1224 C CA  . ASN A 1 159 ? -10.932 12.315  -13.699 1.00 35.21  ? 159 ASN A CA  1 
ATOM   1225 C C   . ASN A 1 159 ? -11.904 11.130  -13.634 1.00 34.29  ? 159 ASN A C   1 
ATOM   1226 O O   . ASN A 1 159 ? -12.051 10.513  -12.576 1.00 33.17  ? 159 ASN A O   1 
ATOM   1227 C CB  . ASN A 1 159 ? -9.900  12.133  -14.821 1.00 36.92  ? 159 ASN A CB  1 
ATOM   1228 C CG  . ASN A 1 159 ? -9.015  10.910  -14.630 1.00 40.34  ? 159 ASN A CG  1 
ATOM   1229 O OD1 . ASN A 1 159 ? -9.459  9.862   -14.148 1.00 38.47  ? 159 ASN A OD1 1 
ATOM   1230 N ND2 . ASN A 1 159 ? -7.759  11.035  -15.029 1.00 41.85  ? 159 ASN A ND2 1 
ATOM   1231 N N   . SER A 1 160 ? -12.520 10.783  -14.762 1.00 34.84  ? 160 SER A N   1 
ATOM   1232 C CA  . SER A 1 160 ? -13.496 9.687   -14.806 1.00 37.69  ? 160 SER A CA  1 
ATOM   1233 C C   . SER A 1 160 ? -12.970 8.283   -14.468 1.00 39.35  ? 160 SER A C   1 
ATOM   1234 O O   . SER A 1 160 ? -13.756 7.397   -14.115 1.00 38.30  ? 160 SER A O   1 
ATOM   1235 C CB  . SER A 1 160 ? -14.227 9.666   -16.153 1.00 37.43  ? 160 SER A CB  1 
ATOM   1236 O OG  . SER A 1 160 ? -13.356 9.320   -17.213 1.00 41.44  ? 160 SER A OG  1 
ATOM   1237 N N   . LYS A 1 161 ? -11.655 8.088   -14.582 1.00 40.16  ? 161 LYS A N   1 
ATOM   1238 C CA  . LYS A 1 161 ? -11.020 6.802   -14.268 1.00 41.38  ? 161 LYS A CA  1 
ATOM   1239 C C   . LYS A 1 161 ? -10.589 6.782   -12.778 1.00 37.94  ? 161 LYS A C   1 
ATOM   1240 O O   . LYS A 1 161 ? -9.900  5.861   -12.338 1.00 42.40  ? 161 LYS A O   1 
ATOM   1241 C CB  . LYS A 1 161 ? -9.804  6.566   -15.201 1.00 46.03  ? 161 LYS A CB  1 
ATOM   1242 C CG  . LYS A 1 161 ? -9.277  5.105   -15.269 1.00 55.50  ? 161 LYS A CG  1 
ATOM   1243 C CD  . LYS A 1 161 ? -7.972  4.926   -16.117 1.00 55.84  ? 161 LYS A CD  1 
ATOM   1244 C CE  . LYS A 1 161 ? -6.680  5.359   -15.373 1.00 52.20  ? 161 LYS A CE  1 
ATOM   1245 N NZ  . LYS A 1 161 ? -5.403  5.074   -16.116 1.00 29.55  ? 161 LYS A NZ  1 
ATOM   1246 N N   . ASN A 1 162 ? -11.027 7.782   -12.011 1.00 31.27  ? 162 ASN A N   1 
ATOM   1247 C CA  . ASN A 1 162 ? -10.704 7.921   -10.583 1.00 30.37  ? 162 ASN A CA  1 
ATOM   1248 C C   . ASN A 1 162 ? -9.232  8.238   -10.301 1.00 31.24  ? 162 ASN A C   1 
ATOM   1249 O O   . ASN A 1 162 ? -8.765  8.131   -9.160  1.00 26.52  ? 162 ASN A O   1 
ATOM   1250 C CB  . ASN A 1 162 ? -11.128 6.679   -9.790  1.00 31.01  ? 162 ASN A CB  1 
ATOM   1251 C CG  . ASN A 1 162 ? -12.629 6.532   -9.688  1.00 32.45  ? 162 ASN A CG  1 
ATOM   1252 O OD1 . ASN A 1 162 ? -13.352 7.509   -9.471  1.00 30.33  ? 162 ASN A OD1 1 
ATOM   1253 N ND2 . ASN A 1 162 ? -13.108 5.300   -9.819  1.00 29.65  ? 162 ASN A ND2 1 
ATOM   1254 N N   . ARG A 1 163 ? -8.511  8.635   -11.346 1.00 32.12  ? 163 ARG A N   1 
ATOM   1255 C CA  . ARG A 1 163 ? -7.102  8.985   -11.227 1.00 32.71  ? 163 ARG A CA  1 
ATOM   1256 C C   . ARG A 1 163 ? -6.981  10.453  -10.826 1.00 28.62  ? 163 ARG A C   1 
ATOM   1257 O O   . ARG A 1 163 ? -7.637  11.309  -11.412 1.00 30.31  ? 163 ARG A O   1 
ATOM   1258 C CB  . ARG A 1 163 ? -6.389  8.747   -12.564 1.00 34.30  ? 163 ARG A CB  1 
ATOM   1259 C CG  . ARG A 1 163 ? -4.901  9.054   -12.524 1.00 41.13  ? 163 ARG A CG  1 
ATOM   1260 C CD  . ARG A 1 163 ? -4.186  8.723   -13.820 1.00 43.48  ? 163 ARG A CD  1 
ATOM   1261 N NE  . ARG A 1 163 ? -2.753  8.587   -13.577 1.00 48.84  ? 163 ARG A NE  1 
ATOM   1262 C CZ  . ARG A 1 163 ? -2.112  7.424   -13.488 1.00 52.17  ? 163 ARG A CZ  1 
ATOM   1263 N NH1 . ARG A 1 163 ? -2.763  6.281   -13.685 1.00 50.90  ? 163 ARG A NH1 1 
ATOM   1264 N NH2 . ARG A 1 163 ? -0.807  7.405   -13.247 1.00 57.71  ? 163 ARG A NH2 1 
ATOM   1265 N N   . PRO A 1 164 ? -6.164  10.761  -9.799  1.00 28.33  ? 164 PRO A N   1 
ATOM   1266 C CA  . PRO A 1 164 ? -5.996  12.153  -9.365  1.00 26.32  ? 164 PRO A CA  1 
ATOM   1267 C C   . PRO A 1 164 ? -5.394  12.994  -10.492 1.00 27.77  ? 164 PRO A C   1 
ATOM   1268 O O   . PRO A 1 164 ? -4.544  12.513  -11.245 1.00 28.34  ? 164 PRO A O   1 
ATOM   1269 C CB  . PRO A 1 164 ? -5.000  12.037  -8.205  1.00 25.40  ? 164 PRO A CB  1 
ATOM   1270 C CG  . PRO A 1 164 ? -5.196  10.656  -7.702  1.00 23.95  ? 164 PRO A CG  1 
ATOM   1271 C CD  . PRO A 1 164 ? -5.369  9.852   -8.954  1.00 23.64  ? 164 PRO A CD  1 
ATOM   1272 N N   . LEU A 1 165 ? -5.861  14.232  -10.629 1.00 27.45  ? 165 LEU A N   1 
ATOM   1273 C CA  . LEU A 1 165 ? -5.349  15.142  -11.651 1.00 29.55  ? 165 LEU A CA  1 
ATOM   1274 C C   . LEU A 1 165 ? -3.902  15.522  -11.327 1.00 27.36  ? 165 LEU A C   1 
ATOM   1275 O O   . LEU A 1 165 ? -3.053  15.602  -12.220 1.00 28.41  ? 165 LEU A O   1 
ATOM   1276 C CB  . LEU A 1 165 ? -6.234  16.394  -11.723 1.00 31.04  ? 165 LEU A CB  1 
ATOM   1277 C CG  . LEU A 1 165 ? -7.354  16.418  -12.767 1.00 27.96  ? 165 LEU A CG  1 
ATOM   1278 C CD1 . LEU A 1 165 ? -7.884  15.036  -13.058 1.00 32.70  ? 165 LEU A CD1 1 
ATOM   1279 C CD2 . LEU A 1 165 ? -8.460  17.332  -12.306 1.00 31.35  ? 165 LEU A CD2 1 
ATOM   1280 N N   . ALA A 1 166 ? -3.625  15.720  -10.040 1.00 24.27  ? 166 ALA A N   1 
ATOM   1281 C CA  . ALA A 1 166 ? -2.287  16.067  -9.569  1.00 26.71  ? 166 ALA A CA  1 
ATOM   1282 C C   . ALA A 1 166 ? -1.395  14.821  -9.475  1.00 28.00  ? 166 ALA A C   1 
ATOM   1283 O O   . ALA A 1 166 ? -1.892  13.691  -9.429  1.00 28.10  ? 166 ALA A O   1 
ATOM   1284 C CB  . ALA A 1 166 ? -2.389  16.737  -8.207  1.00 24.68  ? 166 ALA A CB  1 
ATOM   1285 N N   . ASP A 1 167 ? -0.080  15.031  -9.478  1.00 29.61  ? 167 ASP A N   1 
ATOM   1286 C CA  . ASP A 1 167 ? 0.887   13.937  -9.359  1.00 31.59  ? 167 ASP A CA  1 
ATOM   1287 C C   . ASP A 1 167 ? 1.122   13.621  -7.891  1.00 27.36  ? 167 ASP A C   1 
ATOM   1288 O O   . ASP A 1 167 ? 1.731   14.414  -7.176  1.00 27.37  ? 167 ASP A O   1 
ATOM   1289 C CB  . ASP A 1 167 ? 2.229   14.320  -9.993  1.00 39.84  ? 167 ASP A CB  1 
ATOM   1290 C CG  . ASP A 1 167 ? 2.351   13.870  -11.435 1.00 49.80  ? 167 ASP A CG  1 
ATOM   1291 O OD1 . ASP A 1 167 ? 2.011   12.702  -11.736 1.00 56.33  ? 167 ASP A OD1 1 
ATOM   1292 O OD2 . ASP A 1 167 ? 2.816   14.679  -12.267 1.00 57.83  ? 167 ASP A OD2 1 
ATOM   1293 N N   . VAL A 1 168 ? 0.624   12.475  -7.442  1.00 22.85  ? 168 VAL A N   1 
ATOM   1294 C CA  . VAL A 1 168 ? 0.796   12.067  -6.051  1.00 23.14  ? 168 VAL A CA  1 
ATOM   1295 C C   . VAL A 1 168 ? 1.941   11.064  -6.062  1.00 21.98  ? 168 VAL A C   1 
ATOM   1296 O O   . VAL A 1 168 ? 1.769   9.915   -6.462  1.00 23.45  ? 168 VAL A O   1 
ATOM   1297 C CB  . VAL A 1 168 ? -0.497  11.441  -5.491  1.00 21.13  ? 168 VAL A CB  1 
ATOM   1298 C CG1 . VAL A 1 168 ? -0.358  11.175  -4.000  1.00 19.58  ? 168 VAL A CG1 1 
ATOM   1299 C CG2 . VAL A 1 168 ? -1.674  12.378  -5.751  1.00 22.05  ? 168 VAL A CG2 1 
ATOM   1300 N N   . VAL A 1 169 ? 3.115   11.519  -5.634  1.00 20.35  ? 169 VAL A N   1 
ATOM   1301 C CA  . VAL A 1 169 ? 4.322   10.699  -5.650  1.00 21.41  ? 169 VAL A CA  1 
ATOM   1302 C C   . VAL A 1 169 ? 4.932   10.347  -4.291  1.00 23.19  ? 169 VAL A C   1 
ATOM   1303 O O   . VAL A 1 169 ? 4.949   11.164  -3.366  1.00 24.01  ? 169 VAL A O   1 
ATOM   1304 C CB  . VAL A 1 169 ? 5.415   11.403  -6.509  1.00 20.02  ? 169 VAL A CB  1 
ATOM   1305 C CG1 . VAL A 1 169 ? 6.709   10.597  -6.534  1.00 21.77  ? 169 VAL A CG1 1 
ATOM   1306 C CG2 . VAL A 1 169 ? 4.912   11.607  -7.910  1.00 17.13  ? 169 VAL A CG2 1 
ATOM   1307 N N   . ILE A 1 170 ? 5.422   9.113   -4.179  1.00 21.77  ? 170 ILE A N   1 
ATOM   1308 C CA  . ILE A 1 170 ? 6.092   8.671   -2.964  1.00 24.36  ? 170 ILE A CA  1 
ATOM   1309 C C   . ILE A 1 170 ? 7.549   9.142   -3.107  1.00 26.67  ? 170 ILE A C   1 
ATOM   1310 O O   . ILE A 1 170 ? 8.361   8.502   -3.785  1.00 28.38  ? 170 ILE A O   1 
ATOM   1311 C CB  . ILE A 1 170 ? 6.039   7.125   -2.793  1.00 26.40  ? 170 ILE A CB  1 
ATOM   1312 C CG1 . ILE A 1 170 ? 4.587   6.656   -2.609  1.00 22.58  ? 170 ILE A CG1 1 
ATOM   1313 C CG2 . ILE A 1 170 ? 6.888   6.692   -1.583  1.00 23.15  ? 170 ILE A CG2 1 
ATOM   1314 C CD1 . ILE A 1 170 ? 4.430   5.146   -2.483  1.00 21.45  ? 170 ILE A CD1 1 
ATOM   1315 N N   . LEU A 1 171 ? 7.840   10.305  -2.527  1.00 26.57  ? 171 LEU A N   1 
ATOM   1316 C CA  . LEU A 1 171 ? 9.170   10.915  -2.570  1.00 25.03  ? 171 LEU A CA  1 
ATOM   1317 C C   . LEU A 1 171 ? 10.184  9.991   -1.902  1.00 23.77  ? 171 LEU A C   1 
ATOM   1318 O O   . LEU A 1 171 ? 11.179  9.606   -2.514  1.00 23.35  ? 171 LEU A O   1 
ATOM   1319 C CB  . LEU A 1 171 ? 9.153   12.258  -1.832  1.00 27.05  ? 171 LEU A CB  1 
ATOM   1320 C CG  . LEU A 1 171 ? 10.061  13.396  -2.306  1.00 27.78  ? 171 LEU A CG  1 
ATOM   1321 C CD1 . LEU A 1 171 ? 10.410  14.258  -1.098  1.00 23.58  ? 171 LEU A CD1 1 
ATOM   1322 C CD2 . LEU A 1 171 ? 11.321  12.881  -2.988  1.00 26.16  ? 171 LEU A CD2 1 
ATOM   1323 N N   . ASN A 1 172 ? 9.932   9.670   -0.634  1.00 20.54  ? 172 ASN A N   1 
ATOM   1324 C CA  . ASN A 1 172 ? 10.795  8.782   0.132   1.00 19.95  ? 172 ASN A CA  1 
ATOM   1325 C C   . ASN A 1 172 ? 9.959   7.684   0.774   1.00 22.74  ? 172 ASN A C   1 
ATOM   1326 O O   . ASN A 1 172 ? 8.755   7.832   0.979   1.00 24.45  ? 172 ASN A O   1 
ATOM   1327 C CB  . ASN A 1 172 ? 11.512  9.540   1.257   1.00 20.90  ? 172 ASN A CB  1 
ATOM   1328 C CG  . ASN A 1 172 ? 12.259  10.765  0.776   1.00 23.56  ? 172 ASN A CG  1 
ATOM   1329 O OD1 . ASN A 1 172 ? 12.956  10.736  -0.241  1.00 27.22  ? 172 ASN A OD1 1 
ATOM   1330 N ND2 . ASN A 1 172 ? 12.132  11.854  1.525   1.00 25.71  ? 172 ASN A ND2 1 
ATOM   1331 N N   . CYS A 1 173 ? 10.621  6.583   1.100   1.00 20.57  ? 173 CYS A N   1 
ATOM   1332 C CA  . CYS A 1 173 ? 9.989   5.456   1.768   1.00 19.15  ? 173 CYS A CA  1 
ATOM   1333 C C   . CYS A 1 173 ? 11.073  4.601   2.398   1.00 17.12  ? 173 CYS A C   1 
ATOM   1334 O O   . CYS A 1 173 ? 12.229  4.640   1.991   1.00 18.57  ? 173 CYS A O   1 
ATOM   1335 C CB  . CYS A 1 173 ? 9.095   4.639   0.814   1.00 21.74  ? 173 CYS A CB  1 
ATOM   1336 S SG  . CYS A 1 173 ? 9.833   4.034   -0.728  1.00 22.62  ? 173 CYS A SG  1 
ATOM   1337 N N   . GLY A 1 174 ? 10.714  3.889   3.447   1.00 16.42  ? 174 GLY A N   1 
ATOM   1338 C CA  . GLY A 1 174 ? 11.686  3.053   4.111   1.00 17.49  ? 174 GLY A CA  1 
ATOM   1339 C C   . GLY A 1 174 ? 11.139  2.584   5.434   1.00 21.09  ? 174 GLY A C   1 
ATOM   1340 O O   . GLY A 1 174 ? 9.938   2.704   5.701   1.00 18.38  ? 174 GLY A O   1 
ATOM   1341 N N   . GLU A 1 175 ? 12.039  2.103   6.284   1.00 20.38  ? 175 GLU A N   1 
ATOM   1342 C CA  . GLU A 1 175 ? 11.664  1.592   7.588   1.00 22.90  ? 175 GLU A CA  1 
ATOM   1343 C C   . GLU A 1 175 ? 11.968  2.575   8.716   1.00 25.28  ? 175 GLU A C   1 
ATOM   1344 O O   . GLU A 1 175 ? 12.849  3.433   8.600   1.00 24.30  ? 175 GLU A O   1 
ATOM   1345 C CB  . GLU A 1 175 ? 12.364  0.255   7.827   1.00 21.62  ? 175 GLU A CB  1 
ATOM   1346 C CG  . GLU A 1 175 ? 11.978  -0.446  9.114   1.00 27.71  ? 175 GLU A CG  1 
ATOM   1347 C CD  . GLU A 1 175 ? 12.653  -1.802  9.278   1.00 33.18  ? 175 GLU A CD  1 
ATOM   1348 O OE1 . GLU A 1 175 ? 13.559  -2.129  8.476   1.00 33.84  ? 175 GLU A OE1 1 
ATOM   1349 O OE2 . GLU A 1 175 ? 12.270  -2.543  10.211  1.00 30.83  ? 175 GLU A OE2 1 
ATOM   1350 N N   . LEU A 1 176 ? 11.195  2.455   9.790   1.00 30.29  ? 176 LEU A N   1 
ATOM   1351 C CA  . LEU A 1 176 ? 11.330  3.292   10.978  1.00 37.03  ? 176 LEU A CA  1 
ATOM   1352 C C   . LEU A 1 176 ? 11.701  2.402   12.166  1.00 40.67  ? 176 LEU A C   1 
ATOM   1353 O O   . LEU A 1 176 ? 11.505  1.187   12.117  1.00 43.45  ? 176 LEU A O   1 
ATOM   1354 C CB  . LEU A 1 176 ? 10.004  4.003   11.248  1.00 33.54  ? 176 LEU A CB  1 
ATOM   1355 C CG  . LEU A 1 176 ? 10.040  5.525   11.255  1.00 32.18  ? 176 LEU A CG  1 
ATOM   1356 C CD1 . LEU A 1 176 ? 10.730  6.038   10.014  1.00 33.44  ? 176 LEU A CD1 1 
ATOM   1357 C CD2 . LEU A 1 176 ? 8.638   6.074   11.360  1.00 30.28  ? 176 LEU A CD2 1 
ATOM   1358 N N   . VAL A 1 177 ? 12.230  2.997   13.232  1.00 47.16  ? 177 VAL A N   1 
ATOM   1359 C CA  . VAL A 1 177 ? 12.608  2.226   14.420  1.00 54.79  ? 177 VAL A CA  1 
ATOM   1360 C C   . VAL A 1 177 ? 11.420  1.798   15.301  1.00 60.09  ? 177 VAL A C   1 
ATOM   1361 O O   . VAL A 1 177 ? 11.671  1.179   16.362  1.00 63.25  ? 177 VAL A O   1 
ATOM   1362 C CB  . VAL A 1 177 ? 13.636  2.987   15.300  1.00 54.39  ? 177 VAL A CB  1 
ATOM   1363 C CG1 . VAL A 1 177 ? 14.902  3.275   14.500  1.00 54.80  ? 177 VAL A CG1 1 
ATOM   1364 C CG2 . VAL A 1 177 ? 13.018  4.265   15.864  1.00 52.30  ? 177 VAL A CG2 1 
ATOM   1365 O OXT . VAL A 1 177 ? 10.251  2.065   14.929  1.00 61.05  ? 177 VAL A OXT 1 
HETATM 1366 O O   . HOH B 2 .   ? 15.865  2.322   1.224   1.00 15.95  ? 178 HOH A O   1 
HETATM 1367 H H1  . HOH B 2 .   ? 15.020  2.238   0.779   1.00 0.00   ? 178 HOH A H1  1 
HETATM 1368 H H2  . HOH B 2 .   ? 15.658  2.783   2.032   1.00 0.00   ? 178 HOH A H2  1 
HETATM 1369 O O   . HOH B 2 .   ? 13.498  6.646   -0.220  1.00 17.14  ? 179 HOH A O   1 
HETATM 1370 H H1  . HOH B 2 .   ? 12.601  6.542   -0.533  1.00 0.00   ? 179 HOH A H1  1 
HETATM 1371 H H2  . HOH B 2 .   ? 13.408  7.091   0.624   1.00 0.00   ? 179 HOH A H2  1 
HETATM 1372 O O   . HOH B 2 .   ? 2.379   -6.899  0.710   1.00 15.90  ? 180 HOH A O   1 
HETATM 1373 H H1  . HOH B 2 .   ? 1.552   -7.266  0.396   1.00 0.00   ? 180 HOH A H1  1 
HETATM 1374 H H2  . HOH B 2 .   ? 2.166   -6.519  1.565   1.00 0.00   ? 180 HOH A H2  1 
HETATM 1375 O O   . HOH B 2 .   ? -5.603  -9.931  -0.894  1.00 15.95  ? 181 HOH A O   1 
HETATM 1376 H H1  . HOH B 2 .   ? -6.515  -9.902  -1.179  1.00 0.00   ? 181 HOH A H1  1 
HETATM 1377 H H2  . HOH B 2 .   ? -5.553  -9.284  -0.192  1.00 0.00   ? 181 HOH A H2  1 
HETATM 1378 O O   . HOH B 2 .   ? 15.690  -11.206 -3.226  1.00 36.35  ? 182 HOH A O   1 
HETATM 1379 H H1  . HOH B 2 .   ? 14.807  -11.386 -3.550  1.00 0.00   ? 182 HOH A H1  1 
HETATM 1380 H H2  . HOH B 2 .   ? 15.557  -10.886 -2.331  1.00 0.00   ? 182 HOH A H2  1 
HETATM 1381 O O   . HOH B 2 .   ? 19.704  -1.693  4.558   1.00 22.81  ? 183 HOH A O   1 
HETATM 1382 H H1  . HOH B 2 .   ? 18.878  -1.776  4.084   1.00 0.00   ? 183 HOH A H1  1 
HETATM 1383 H H2  . HOH B 2 .   ? 19.502  -1.117  5.298   1.00 0.00   ? 183 HOH A H2  1 
HETATM 1384 O O   . HOH B 2 .   ? -1.400  -12.408 1.351   1.00 24.44  ? 184 HOH A O   1 
HETATM 1385 H H1  . HOH B 2 .   ? -2.185  -12.450 0.807   1.00 0.00   ? 184 HOH A H1  1 
HETATM 1386 H H2  . HOH B 2 .   ? -1.687  -11.977 2.156   1.00 0.00   ? 184 HOH A H2  1 
HETATM 1387 O O   . HOH B 2 .   ? -4.576  -10.712 8.301   1.00 23.63  ? 185 HOH A O   1 
HETATM 1388 H H1  . HOH B 2 .   ? -5.463  -10.805 7.948   1.00 0.00   ? 185 HOH A H1  1 
HETATM 1389 H H2  . HOH B 2 .   ? -4.709  -10.441 9.207   1.00 0.00   ? 185 HOH A H2  1 
HETATM 1390 O O   . HOH B 2 .   ? -2.026  11.299  -11.229 1.00 32.05  ? 186 HOH A O   1 
HETATM 1391 H H1  . HOH B 2 .   ? -2.849  10.978  -11.604 1.00 0.00   ? 186 HOH A H1  1 
HETATM 1392 H H2  . HOH B 2 .   ? -2.254  11.600  -10.346 1.00 0.00   ? 186 HOH A H2  1 
HETATM 1393 O O   . HOH B 2 .   ? 13.462  3.149   -7.259  1.00 37.41  ? 187 HOH A O   1 
HETATM 1394 H H1  . HOH B 2 .   ? 12.715  3.154   -7.856  1.00 0.00   ? 187 HOH A H1  1 
HETATM 1395 H H2  . HOH B 2 .   ? 13.248  3.805   -6.594  1.00 0.00   ? 187 HOH A H2  1 
HETATM 1396 O O   . HOH B 2 .   ? -1.318  -6.352  -5.243  1.00 20.51  ? 188 HOH A O   1 
HETATM 1397 H H1  . HOH B 2 .   ? -2.160  -6.260  -5.689  1.00 0.00   ? 188 HOH A H1  1 
HETATM 1398 H H2  . HOH B 2 .   ? -1.471  -6.013  -4.363  1.00 0.00   ? 188 HOH A H2  1 
HETATM 1399 O O   . HOH B 2 .   ? 0.967   -16.139 1.070   1.00 24.82  ? 189 HOH A O   1 
HETATM 1400 H H1  . HOH B 2 .   ? 0.036   -16.311 0.937   1.00 0.00   ? 189 HOH A H1  1 
HETATM 1401 H H2  . HOH B 2 .   ? 0.999   -15.591 1.851   1.00 0.00   ? 189 HOH A H2  1 
HETATM 1402 O O   . HOH B 2 .   ? -9.943  -9.560  5.280   1.00 17.39  ? 190 HOH A O   1 
HETATM 1403 H H1  . HOH B 2 .   ? -10.638 -10.186 5.085   1.00 0.00   ? 190 HOH A H1  1 
HETATM 1404 H H2  . HOH B 2 .   ? -10.175 -9.218  6.139   1.00 0.00   ? 190 HOH A H2  1 
HETATM 1405 O O   . HOH B 2 .   ? -11.453 -0.279  6.768   1.00 16.80  ? 191 HOH A O   1 
HETATM 1406 H H1  . HOH B 2 .   ? -12.210 -0.510  6.225   1.00 0.00   ? 191 HOH A H1  1 
HETATM 1407 H H2  . HOH B 2 .   ? -11.838 0.057   7.571   1.00 0.00   ? 191 HOH A H2  1 
HETATM 1408 O O   . HOH B 2 .   ? 2.864   4.333   -9.708  1.00 29.41  ? 192 HOH A O   1 
HETATM 1409 H H1  . HOH B 2 .   ? 2.048   4.253   -10.203 1.00 0.00   ? 192 HOH A H1  1 
HETATM 1410 H H2  . HOH B 2 .   ? 2.581   4.446   -8.801  1.00 0.00   ? 192 HOH A H2  1 
HETATM 1411 O O   . HOH B 2 .   ? -8.935  -17.328 5.854   1.00 37.85  ? 193 HOH A O   1 
HETATM 1412 H H1  . HOH B 2 .   ? -9.760  -17.152 5.402   1.00 0.00   ? 193 HOH A H1  1 
HETATM 1413 H H2  . HOH B 2 .   ? -8.898  -16.668 6.549   1.00 0.00   ? 193 HOH A H2  1 
HETATM 1414 O O   . HOH B 2 .   ? -7.464  -15.795 -9.054  1.00 31.01  ? 194 HOH A O   1 
HETATM 1415 H H1  . HOH B 2 .   ? -8.237  -15.989 -9.582  1.00 0.00   ? 194 HOH A H1  1 
HETATM 1416 H H2  . HOH B 2 .   ? -7.788  -15.216 -8.364  1.00 0.00   ? 194 HOH A H2  1 
HETATM 1417 O O   . HOH B 2 .   ? 13.302  9.674   8.219   1.00 30.76  ? 195 HOH A O   1 
HETATM 1418 H H1  . HOH B 2 .   ? 12.447  9.468   7.845   1.00 0.00   ? 195 HOH A H1  1 
HETATM 1419 H H2  . HOH B 2 .   ? 13.108  10.281  8.928   1.00 0.00   ? 195 HOH A H2  1 
HETATM 1420 O O   . HOH B 2 .   ? -8.583  -12.730 -2.663  1.00 20.64  ? 196 HOH A O   1 
HETATM 1421 H H1  . HOH B 2 .   ? -9.497  -12.737 -2.938  1.00 0.00   ? 196 HOH A H1  1 
HETATM 1422 H H2  . HOH B 2 .   ? -8.624  -12.764 -1.710  1.00 0.00   ? 196 HOH A H2  1 
HETATM 1423 O O   . HOH B 2 .   ? 2.718   3.853   -4.968  1.00 22.65  ? 197 HOH A O   1 
HETATM 1424 H H1  . HOH B 2 .   ? 1.879   3.632   -5.368  1.00 0.00   ? 197 HOH A H1  1 
HETATM 1425 H H2  . HOH B 2 .   ? 2.479   4.195   -4.111  1.00 0.00   ? 197 HOH A H2  1 
HETATM 1426 O O   . HOH B 2 .   ? 0.581   3.033   -8.402  1.00 19.98  ? 198 HOH A O   1 
HETATM 1427 H H1  . HOH B 2 .   ? -0.018  2.843   -9.122  1.00 0.00   ? 198 HOH A H1  1 
HETATM 1428 H H2  . HOH B 2 .   ? 0.010   3.252   -7.670  1.00 0.00   ? 198 HOH A H2  1 
HETATM 1429 O O   . HOH B 2 .   ? -5.505  -12.118 -3.945  1.00 18.08  ? 199 HOH A O   1 
HETATM 1430 H H1  . HOH B 2 .   ? -6.386  -12.424 -4.157  1.00 0.00   ? 199 HOH A H1  1 
HETATM 1431 H H2  . HOH B 2 .   ? -5.629  -11.502 -3.227  1.00 0.00   ? 199 HOH A H2  1 
HETATM 1432 O O   . HOH B 2 .   ? -2.857  -12.784 7.738   1.00 24.20  ? 200 HOH A O   1 
HETATM 1433 H H1  . HOH B 2 .   ? -3.609  -12.377 7.306   1.00 0.00   ? 200 HOH A H1  1 
HETATM 1434 H H2  . HOH B 2 .   ? -2.858  -12.420 8.625   1.00 0.00   ? 200 HOH A H2  1 
HETATM 1435 O O   . HOH B 2 .   ? 10.223  -10.764 -7.640  1.00 22.07  ? 201 HOH A O   1 
HETATM 1436 H H1  . HOH B 2 .   ? 9.375   -10.683 -8.077  1.00 0.00   ? 201 HOH A H1  1 
HETATM 1437 H H2  . HOH B 2 .   ? 10.129  -10.271 -6.825  1.00 0.00   ? 201 HOH A H2  1 
HETATM 1438 O O   . HOH B 2 .   ? -6.576  -17.389 3.385   1.00 31.01  ? 202 HOH A O   1 
HETATM 1439 H H1  . HOH B 2 .   ? -7.310  -17.493 2.778   1.00 0.00   ? 202 HOH A H1  1 
HETATM 1440 H H2  . HOH B 2 .   ? -6.897  -16.757 4.029   1.00 0.00   ? 202 HOH A H2  1 
HETATM 1441 O O   . HOH B 2 .   ? -1.723  -17.423 6.821   1.00 25.65  ? 203 HOH A O   1 
HETATM 1442 H H1  . HOH B 2 .   ? -2.586  -17.759 6.579   1.00 0.00   ? 203 HOH A H1  1 
HETATM 1443 H H2  . HOH B 2 .   ? -1.829  -17.105 7.717   1.00 0.00   ? 203 HOH A H2  1 
HETATM 1444 O O   . HOH B 2 .   ? -9.247  -6.939  12.625  1.00 31.06  ? 204 HOH A O   1 
HETATM 1445 H H1  . HOH B 2 .   ? -10.150 -6.946  12.304  1.00 0.00   ? 204 HOH A H1  1 
HETATM 1446 H H2  . HOH B 2 .   ? -9.288  -6.479  13.465  1.00 0.00   ? 204 HOH A H2  1 
HETATM 1447 O O   . HOH B 2 .   ? -5.691  16.161  -8.051  1.00 26.12  ? 205 HOH A O   1 
HETATM 1448 H H1  . HOH B 2 .   ? -6.461  16.402  -8.563  1.00 0.00   ? 205 HOH A H1  1 
HETATM 1449 H H2  . HOH B 2 .   ? -5.727  16.727  -7.279  1.00 0.00   ? 205 HOH A H2  1 
HETATM 1450 O O   . HOH B 2 .   ? 1.101   -16.943 7.209   1.00 42.34  ? 206 HOH A O   1 
HETATM 1451 H H1  . HOH B 2 .   ? 0.720   -16.886 6.331   1.00 0.00   ? 206 HOH A H1  1 
HETATM 1452 H H2  . HOH B 2 .   ? 1.149   -16.036 7.515   1.00 0.00   ? 206 HOH A H2  1 
HETATM 1453 O O   . HOH B 2 .   ? -7.407  17.452  -1.066  1.00 26.44  ? 207 HOH A O   1 
HETATM 1454 H H1  . HOH B 2 .   ? -8.294  17.379  -1.420  1.00 0.00   ? 207 HOH A H1  1 
HETATM 1455 H H2  . HOH B 2 .   ? -7.515  17.906  -0.230  1.00 0.00   ? 207 HOH A H2  1 
HETATM 1456 O O   . HOH B 2 .   ? 4.444   15.073  -6.464  1.00 26.86  ? 208 HOH A O   1 
HETATM 1457 H H1  . HOH B 2 .   ? 3.766   15.062  -7.138  1.00 0.00   ? 208 HOH A H1  1 
HETATM 1458 H H2  . HOH B 2 .   ? 4.160   15.756  -5.853  1.00 0.00   ? 208 HOH A H2  1 
HETATM 1459 O O   . HOH B 2 .   ? 11.423  -14.273 -15.234 1.00 28.08  ? 209 HOH A O   1 
HETATM 1460 H H1  . HOH B 2 .   ? 10.595  -14.467 -15.677 1.00 0.00   ? 209 HOH A H1  1 
HETATM 1461 H H2  . HOH B 2 .   ? 11.200  -14.182 -14.305 1.00 0.00   ? 209 HOH A H2  1 
HETATM 1462 O O   . HOH B 2 .   ? 4.819   -16.688 -10.018 1.00 47.86  ? 210 HOH A O   1 
HETATM 1463 H H1  . HOH B 2 .   ? 3.881   -16.853 -10.061 1.00 0.00   ? 210 HOH A H1  1 
HETATM 1464 H H2  . HOH B 2 .   ? 4.940   -16.400 -9.116  1.00 0.00   ? 210 HOH A H2  1 
HETATM 1465 O O   . HOH B 2 .   ? -0.789  10.336  -8.969  1.00 26.32  ? 211 HOH A O   1 
HETATM 1466 H H1  . HOH B 2 .   ? -1.639  10.317  -9.408  1.00 0.00   ? 211 HOH A H1  1 
HETATM 1467 H H2  . HOH B 2 .   ? -0.916  10.917  -8.216  1.00 0.00   ? 211 HOH A H2  1 
HETATM 1468 O O   . HOH B 2 .   ? 2.461   -14.999 -10.521 1.00 24.20  ? 212 HOH A O   1 
HETATM 1469 H H1  . HOH B 2 .   ? 1.688   -15.067 -11.083 1.00 0.00   ? 212 HOH A H1  1 
HETATM 1470 H H2  . HOH B 2 .   ? 2.130   -14.577 -9.735  1.00 0.00   ? 212 HOH A H2  1 
HETATM 1471 O O   . HOH B 2 .   ? 15.586  5.328   -6.569  1.00 43.26  ? 213 HOH A O   1 
HETATM 1472 H H1  . HOH B 2 .   ? 14.848  5.017   -7.089  1.00 0.00   ? 213 HOH A H1  1 
HETATM 1473 H H2  . HOH B 2 .   ? 15.200  5.535   -5.718  1.00 0.00   ? 213 HOH A H2  1 
HETATM 1474 O O   . HOH B 2 .   ? -9.623  -17.816 -9.329  1.00 41.76  ? 214 HOH A O   1 
HETATM 1475 H H1  . HOH B 2 .   ? -10.433 -17.968 -9.815  1.00 0.00   ? 214 HOH A H1  1 
HETATM 1476 H H2  . HOH B 2 .   ? -9.803  -17.021 -8.833  1.00 0.00   ? 214 HOH A H2  1 
HETATM 1477 O O   . HOH B 2 .   ? -14.732 -6.062  9.757   1.00 32.30  ? 215 HOH A O   1 
HETATM 1478 H H1  . HOH B 2 .   ? -15.646 -6.165  9.493   1.00 0.00   ? 215 HOH A H1  1 
HETATM 1479 H H2  . HOH B 2 .   ? -14.777 -5.611  10.600  1.00 0.00   ? 215 HOH A H2  1 
HETATM 1480 O O   . HOH B 2 .   ? 18.600  0.906   5.309   1.00 18.86  ? 216 HOH A O   1 
HETATM 1481 H H1  . HOH B 2 .   ? 17.733  0.885   4.907   1.00 0.00   ? 216 HOH A H1  1 
HETATM 1482 H H2  . HOH B 2 .   ? 18.481  1.417   6.110   1.00 0.00   ? 216 HOH A H2  1 
HETATM 1483 O O   . HOH B 2 .   ? -7.792  18.946  -5.414  1.00 29.39  ? 217 HOH A O   1 
HETATM 1484 H H1  . HOH B 2 .   ? -8.626  18.765  -5.848  1.00 0.00   ? 217 HOH A H1  1 
HETATM 1485 H H2  . HOH B 2 .   ? -8.039  19.394  -4.604  1.00 0.00   ? 217 HOH A H2  1 
HETATM 1486 O O   . HOH B 2 .   ? -6.314  0.568   -10.263 1.00 33.00  ? 218 HOH A O   1 
HETATM 1487 H H1  . HOH B 2 .   ? -7.135  0.233   -10.624 1.00 0.00   ? 218 HOH A H1  1 
HETATM 1488 H H2  . HOH B 2 .   ? -6.537  0.801   -9.364  1.00 0.00   ? 218 HOH A H2  1 
HETATM 1489 O O   . HOH B 2 .   ? -17.884 0.732   3.783   1.00 21.67  ? 219 HOH A O   1 
HETATM 1490 H H1  . HOH B 2 .   ? -18.728 0.751   3.329   1.00 0.00   ? 219 HOH A H1  1 
HETATM 1491 H H2  . HOH B 2 .   ? -18.032 1.221   4.591   1.00 0.00   ? 219 HOH A H2  1 
HETATM 1492 O O   . HOH B 2 .   ? 3.319   14.671  8.153   1.00 33.97  ? 220 HOH A O   1 
HETATM 1493 H H1  . HOH B 2 .   ? 2.485   14.341  7.817   1.00 0.00   ? 220 HOH A H1  1 
HETATM 1494 H H2  . HOH B 2 .   ? 3.140   14.905  9.066   1.00 0.00   ? 220 HOH A H2  1 
HETATM 1495 O O   . HOH B 2 .   ? -6.832  -10.196 6.328   1.00 20.31  ? 221 HOH A O   1 
HETATM 1496 H H1  . HOH B 2 .   ? -7.726  -10.150 5.987   1.00 0.00   ? 221 HOH A H1  1 
HETATM 1497 H H2  . HOH B 2 .   ? -6.827  -9.605  7.082   1.00 0.00   ? 221 HOH A H2  1 
HETATM 1498 O O   . HOH B 2 .   ? 12.573  -11.145 2.338   1.00 42.90  ? 222 HOH A O   1 
HETATM 1499 H H1  . HOH B 2 .   ? 11.669  -11.219 2.034   1.00 0.00   ? 222 HOH A H1  1 
HETATM 1500 H H2  . HOH B 2 .   ? 12.491  -10.741 3.199   1.00 0.00   ? 222 HOH A H2  1 
HETATM 1501 O O   . HOH B 2 .   ? 15.020  -10.016 -6.686  1.00 41.95  ? 223 HOH A O   1 
HETATM 1502 H H1  . HOH B 2 .   ? 14.188  -10.309 -7.053  1.00 0.00   ? 223 HOH A H1  1 
HETATM 1503 H H2  . HOH B 2 .   ? 14.822  -9.863  -5.764  1.00 0.00   ? 223 HOH A H2  1 
HETATM 1504 O O   . HOH B 2 .   ? -16.713 -0.599  12.617  1.00 33.76  ? 224 HOH A O   1 
HETATM 1505 H H1  . HOH B 2 .   ? -17.594 -0.558  12.244  1.00 0.00   ? 224 HOH A H1  1 
HETATM 1506 H H2  . HOH B 2 .   ? -16.784 -0.090  13.422  1.00 0.00   ? 224 HOH A H2  1 
HETATM 1507 O O   . HOH B 2 .   ? 2.718   -17.959 -2.615  1.00 29.85  ? 225 HOH A O   1 
HETATM 1508 H H1  . HOH B 2 .   ? 1.856   -18.221 -2.944  1.00 0.00   ? 225 HOH A H1  1 
HETATM 1509 H H2  . HOH B 2 .   ? 2.586   -17.733 -1.691  1.00 0.00   ? 225 HOH A H2  1 
HETATM 1510 O O   . HOH B 2 .   ? 1.527   -18.671 4.384   1.00 37.71  ? 226 HOH A O   1 
HETATM 1511 H H1  . HOH B 2 .   ? 0.664   -18.875 4.019   1.00 0.00   ? 226 HOH A H1  1 
HETATM 1512 H H2  . HOH B 2 .   ? 1.343   -18.368 5.273   1.00 0.00   ? 226 HOH A H2  1 
HETATM 1513 O O   . HOH B 2 .   ? 13.888  3.822   -0.154  1.00 23.48  ? 227 HOH A O   1 
HETATM 1514 H H1  . HOH B 2 .   ? 12.966  3.722   -0.385  1.00 0.00   ? 227 HOH A H1  1 
HETATM 1515 H H2  . HOH B 2 .   ? 13.876  4.249   0.700   1.00 0.00   ? 227 HOH A H2  1 
HETATM 1516 O O   . HOH B 2 .   ? 12.395  -11.461 -6.122  1.00 35.32  ? 228 HOH A O   1 
HETATM 1517 H H1  . HOH B 2 .   ? 11.552  -11.445 -6.585  1.00 0.00   ? 228 HOH A H1  1 
HETATM 1518 H H2  . HOH B 2 .   ? 12.337  -10.765 -5.462  1.00 0.00   ? 228 HOH A H2  1 
HETATM 1519 O O   . HOH B 2 .   ? -19.252 -1.998  4.540   1.00 32.89  ? 229 HOH A O   1 
HETATM 1520 H H1  . HOH B 2 .   ? -20.055 -1.932  4.023   1.00 0.00   ? 229 HOH A H1  1 
HETATM 1521 H H2  . HOH B 2 .   ? -19.325 -1.301  5.190   1.00 0.00   ? 229 HOH A H2  1 
HETATM 1522 O O   . HOH B 2 .   ? 0.470   -5.488  -8.092  1.00 23.63  ? 230 HOH A O   1 
HETATM 1523 H H1  . HOH B 2 .   ? -0.381  -5.702  -8.468  1.00 0.00   ? 230 HOH A H1  1 
HETATM 1524 H H2  . HOH B 2 .   ? 0.262   -5.207  -7.200  1.00 0.00   ? 230 HOH A H2  1 
HETATM 1525 O O   . HOH B 2 .   ? 3.375   11.321  10.123  1.00 30.07  ? 231 HOH A O   1 
HETATM 1526 H H1  . HOH B 2 .   ? 2.484   11.286  9.768   1.00 0.00   ? 231 HOH A H1  1 
HETATM 1527 H H2  . HOH B 2 .   ? 3.298   11.832  10.932  1.00 0.00   ? 231 HOH A H2  1 
HETATM 1528 O O   . HOH B 2 .   ? -12.124 0.114   -7.985  1.00 28.42  ? 232 HOH A O   1 
HETATM 1529 H H1  . HOH B 2 .   ? -13.027 0.059   -8.296  1.00 0.00   ? 232 HOH A H1  1 
HETATM 1530 H H2  . HOH B 2 .   ? -12.181 0.622   -7.175  1.00 0.00   ? 232 HOH A H2  1 
HETATM 1531 O O   . HOH B 2 .   ? -17.052 -4.750  11.116  1.00 34.95  ? 233 HOH A O   1 
HETATM 1532 H H1  . HOH B 2 .   ? -17.945 -4.829  10.775  1.00 0.00   ? 233 HOH A H1  1 
HETATM 1533 H H2  . HOH B 2 .   ? -17.129 -4.178  11.879  1.00 0.00   ? 233 HOH A H2  1 
HETATM 1534 O O   . HOH B 2 .   ? -7.450  3.999   -11.736 1.00 31.24  ? 234 HOH A O   1 
HETATM 1535 H H1  . HOH B 2 .   ? -8.267  3.752   -12.165 1.00 0.00   ? 234 HOH A H1  1 
HETATM 1536 H H2  . HOH B 2 .   ? -7.720  4.293   -10.868 1.00 0.00   ? 234 HOH A H2  1 
HETATM 1537 O O   . HOH B 2 .   ? 14.334  7.570   2.289   1.00 30.20  ? 235 HOH A O   1 
HETATM 1538 H H1  . HOH B 2 .   ? 13.551  7.703   1.752   1.00 0.00   ? 235 HOH A H1  1 
HETATM 1539 H H2  . HOH B 2 .   ? 14.314  8.284   2.930   1.00 0.00   ? 235 HOH A H2  1 
HETATM 1540 O O   . HOH B 2 .   ? 12.819  -4.771  -2.583  1.00 24.30  ? 236 HOH A O   1 
HETATM 1541 H H1  . HOH B 2 .   ? 11.873  -4.926  -2.600  1.00 0.00   ? 236 HOH A H1  1 
HETATM 1542 H H2  . HOH B 2 .   ? 12.992  -4.459  -1.696  1.00 0.00   ? 236 HOH A H2  1 
HETATM 1543 O O   . HOH B 2 .   ? -13.416 9.982   4.477   1.00 27.14  ? 237 HOH A O   1 
HETATM 1544 H H1  . HOH B 2 .   ? -14.162 10.219  3.927   1.00 0.00   ? 237 HOH A H1  1 
HETATM 1545 H H2  . HOH B 2 .   ? -13.385 10.669  5.141   1.00 0.00   ? 237 HOH A H2  1 
HETATM 1546 O O   . HOH B 2 .   ? -5.385  19.685  -0.829  1.00 37.42  ? 238 HOH A O   1 
HETATM 1547 H H1  . HOH B 2 .   ? -6.254  19.552  -1.209  1.00 0.00   ? 238 HOH A H1  1 
HETATM 1548 H H2  . HOH B 2 .   ? -5.542  20.164  -0.015  1.00 0.00   ? 238 HOH A H2  1 
HETATM 1549 O O   . HOH B 2 .   ? 8.164   14.083  -5.790  1.00 32.04  ? 239 HOH A O   1 
HETATM 1550 H H1  . HOH B 2 .   ? 7.309   14.186  -6.213  1.00 0.00   ? 239 HOH A H1  1 
HETATM 1551 H H2  . HOH B 2 .   ? 8.152   14.692  -5.051  1.00 0.00   ? 239 HOH A H2  1 
HETATM 1552 O O   . HOH B 2 .   ? -2.684  -6.093  -8.001  1.00 50.41  ? 240 HOH A O   1 
HETATM 1553 H H1  . HOH B 2 .   ? -3.531  -5.838  -8.374  1.00 0.00   ? 240 HOH A H1  1 
HETATM 1554 H H2  . HOH B 2 .   ? -2.543  -5.505  -7.257  1.00 0.00   ? 240 HOH A H2  1 
HETATM 1555 O O   . HOH B 2 .   ? -5.545  5.483   12.801  1.00 33.46  ? 241 HOH A O   1 
HETATM 1556 H H1  . HOH B 2 .   ? -6.402  5.464   12.369  1.00 0.00   ? 241 HOH A H1  1 
HETATM 1557 H H2  . HOH B 2 .   ? -5.693  5.970   13.612  1.00 0.00   ? 241 HOH A H2  1 
HETATM 1558 O O   . HOH B 2 .   ? 9.835   16.842  -5.015  1.00 43.34  ? 242 HOH A O   1 
HETATM 1559 H H1  . HOH B 2 .   ? 8.952   16.530  -5.208  1.00 0.00   ? 242 HOH A H1  1 
HETATM 1560 H H2  . HOH B 2 .   ? 9.820   17.043  -4.079  1.00 0.00   ? 242 HOH A H2  1 
HETATM 1561 O O   . HOH B 2 .   ? -13.050 14.985  -8.115  1.00 37.43  ? 243 HOH A O   1 
HETATM 1562 H H1  . HOH B 2 .   ? -13.853 14.688  -8.544  1.00 0.00   ? 243 HOH A H1  1 
HETATM 1563 H H2  . HOH B 2 .   ? -13.329 15.207  -7.227  1.00 0.00   ? 243 HOH A H2  1 
HETATM 1564 O O   . HOH B 2 .   ? -7.499  -18.317 0.857   1.00 52.12  ? 244 HOH A O   1 
HETATM 1565 H H1  . HOH B 2 .   ? -8.334  -18.313 0.388   1.00 0.00   ? 244 HOH A H1  1 
HETATM 1566 H H2  . HOH B 2 .   ? -7.655  -17.775 1.629   1.00 0.00   ? 244 HOH A H2  1 
HETATM 1567 O O   . HOH B 2 .   ? -4.759  -18.510 -0.233  1.00 39.69  ? 245 HOH A O   1 
HETATM 1568 H H1  . HOH B 2 .   ? -5.585  -18.751 -0.657  1.00 0.00   ? 245 HOH A H1  1 
HETATM 1569 H H2  . HOH B 2 .   ? -5.012  -18.290 0.662   1.00 0.00   ? 245 HOH A H2  1 
HETATM 1570 O O   . HOH B 2 .   ? 1.468   6.986   17.114  1.00 85.37  ? 246 HOH A O   1 
HETATM 1571 H H1  . HOH B 2 .   ? 0.818   7.195   16.442  1.00 0.00   ? 246 HOH A H1  1 
HETATM 1572 H H2  . HOH B 2 .   ? 1.522   7.783   17.639  1.00 0.00   ? 246 HOH A H2  1 
HETATM 1573 O O   . HOH B 2 .   ? -6.000  -19.265 -7.011  1.00 43.00  ? 247 HOH A O   1 
HETATM 1574 H H1  . HOH B 2 .   ? -6.844  -19.332 -7.460  1.00 0.00   ? 247 HOH A H1  1 
HETATM 1575 H H2  . HOH B 2 .   ? -6.184  -18.740 -6.234  1.00 0.00   ? 247 HOH A H2  1 
HETATM 1576 O O   . HOH B 2 .   ? -1.861  -19.045 2.829   1.00 48.93  ? 248 HOH A O   1 
HETATM 1577 H H1  . HOH B 2 .   ? -2.600  -19.006 2.219   1.00 0.00   ? 248 HOH A H1  1 
HETATM 1578 H H2  . HOH B 2 .   ? -2.057  -18.383 3.493   1.00 0.00   ? 248 HOH A H2  1 
HETATM 1579 O O   . HOH B 2 .   ? 14.148  -2.758  12.602  1.00 48.17  ? 249 HOH A O   1 
HETATM 1580 H H1  . HOH B 2 .   ? 13.401  -3.185  12.183  1.00 0.00   ? 249 HOH A H1  1 
HETATM 1581 H H2  . HOH B 2 .   ? 13.910  -2.718  13.528  1.00 0.00   ? 249 HOH A H2  1 
HETATM 1582 O O   . HOH B 2 .   ? -5.967  -1.439  15.757  1.00 45.85  ? 250 HOH A O   1 
HETATM 1583 H H1  . HOH B 2 .   ? -6.811  -1.711  15.397  1.00 0.00   ? 250 HOH A H1  1 
HETATM 1584 H H2  . HOH B 2 .   ? -6.186  -0.856  16.483  1.00 0.00   ? 250 HOH A H2  1 
HETATM 1585 O O   . HOH B 2 .   ? -7.745  -4.326  11.298  1.00 38.12  ? 251 HOH A O   1 
HETATM 1586 H H1  . HOH B 2 .   ? -8.679  -4.528  11.332  1.00 0.00   ? 251 HOH A H1  1 
HETATM 1587 H H2  . HOH B 2 .   ? -7.543  -3.948  12.153  1.00 0.00   ? 251 HOH A H2  1 
HETATM 1588 O O   . HOH B 2 .   ? -0.412  -16.555 -6.121  1.00 29.81  ? 252 HOH A O   1 
HETATM 1589 H H1  . HOH B 2 .   ? -1.115  -16.751 -6.742  1.00 0.00   ? 252 HOH A H1  1 
HETATM 1590 H H2  . HOH B 2 .   ? -0.757  -15.836 -5.594  1.00 0.00   ? 252 HOH A H2  1 
HETATM 1591 O O   . HOH B 2 .   ? -5.879  18.870  -7.455  1.00 46.79  ? 253 HOH A O   1 
HETATM 1592 H H1  . HOH B 2 .   ? -6.802  18.849  -7.703  1.00 0.00   ? 253 HOH A H1  1 
HETATM 1593 H H2  . HOH B 2 .   ? -5.873  19.316  -6.610  1.00 0.00   ? 253 HOH A H2  1 
HETATM 1594 O O   . HOH B 2 .   ? -2.475  17.412  5.592   1.00 48.13  ? 254 HOH A O   1 
HETATM 1595 H H1  . HOH B 2 .   ? -3.188  16.950  5.151   1.00 0.00   ? 254 HOH A H1  1 
HETATM 1596 H H2  . HOH B 2 .   ? -2.803  17.573  6.475   1.00 0.00   ? 254 HOH A H2  1 
HETATM 1597 O O   . HOH B 2 .   ? -8.168  -16.583 -1.387  1.00 34.38  ? 255 HOH A O   1 
HETATM 1598 H H1  . HOH B 2 .   ? -9.021  -16.786 -1.767  1.00 0.00   ? 255 HOH A H1  1 
HETATM 1599 H H2  . HOH B 2 .   ? -8.377  -16.260 -0.512  1.00 0.00   ? 255 HOH A H2  1 
HETATM 1600 O O   . HOH B 2 .   ? 9.456   -13.344 -17.443 1.00 44.59  ? 256 HOH A O   1 
HETATM 1601 H H1  . HOH B 2 .   ? 8.659   -13.185 -17.947 1.00 0.00   ? 256 HOH A H1  1 
HETATM 1602 H H2  . HOH B 2 .   ? 9.430   -12.690 -16.739 1.00 0.00   ? 256 HOH A H2  1 
HETATM 1603 O O   . HOH B 2 .   ? 7.058   -10.370 8.220   1.00 34.91  ? 257 HOH A O   1 
HETATM 1604 H H1  . HOH B 2 .   ? 6.216   -10.032 7.911   1.00 0.00   ? 257 HOH A H1  1 
HETATM 1605 H H2  . HOH B 2 .   ? 7.115   -10.083 9.132   1.00 0.00   ? 257 HOH A H2  1 
HETATM 1606 O O   . HOH B 2 .   ? -11.183 -13.139 -3.798  1.00 33.54  ? 258 HOH A O   1 
HETATM 1607 H H1  . HOH B 2 .   ? -12.078 -13.133 -4.141  1.00 0.00   ? 258 HOH A H1  1 
HETATM 1608 H H2  . HOH B 2 .   ? -11.250 -12.693 -2.955  1.00 0.00   ? 258 HOH A H2  1 
HETATM 1609 O O   . HOH B 2 .   ? 14.383  11.738  -4.315  1.00 98.75  ? 259 HOH A O   1 
HETATM 1610 H H1  . HOH B 2 .   ? 13.510  11.628  -4.697  1.00 0.00   ? 259 HOH A H1  1 
HETATM 1611 H H2  . HOH B 2 .   ? 14.234  12.172  -3.476  1.00 0.00   ? 259 HOH A H2  1 
HETATM 1612 O O   . HOH B 2 .   ? -10.508 10.540  5.339   1.00 36.72  ? 260 HOH A O   1 
HETATM 1613 H H1  . HOH B 2 .   ? -11.396 10.539  4.981   1.00 0.00   ? 260 HOH A H1  1 
HETATM 1614 H H2  . HOH B 2 .   ? -10.592 11.000  6.171   1.00 0.00   ? 260 HOH A H2  1 
HETATM 1615 O O   . HOH B 2 .   ? -8.834  -19.704 -6.946  1.00 52.37  ? 261 HOH A O   1 
HETATM 1616 H H1  . HOH B 2 .   ? -9.576  -19.683 -7.553  1.00 0.00   ? 261 HOH A H1  1 
HETATM 1617 H H2  . HOH B 2 .   ? -9.031  -19.030 -6.296  1.00 0.00   ? 261 HOH A H2  1 
HETATM 1618 O O   . HOH B 2 .   ? 0.584   20.850  -4.682  1.00 46.48  ? 262 HOH A O   1 
HETATM 1619 H H1  . HOH B 2 .   ? -0.341  20.900  -4.922  1.00 0.00   ? 262 HOH A H1  1 
HETATM 1620 H H2  . HOH B 2 .   ? 0.651   21.347  -3.865  1.00 0.00   ? 262 HOH A H2  1 
HETATM 1621 O O   . HOH B 2 .   ? 7.588   3.924   -10.093 1.00 37.56  ? 263 HOH A O   1 
HETATM 1622 H H1  . HOH B 2 .   ? 6.803   3.485   -10.418 1.00 0.00   ? 263 HOH A H1  1 
HETATM 1623 H H2  . HOH B 2 .   ? 7.483   3.924   -9.142  1.00 0.00   ? 263 HOH A H2  1 
HETATM 1624 O O   . HOH B 2 .   ? 13.253  14.577  1.138   1.00 47.65  ? 264 HOH A O   1 
HETATM 1625 H H1  . HOH B 2 .   ? 12.382  14.363  0.802   1.00 0.00   ? 264 HOH A H1  1 
HETATM 1626 H H2  . HOH B 2 .   ? 13.089  14.963  1.998   1.00 0.00   ? 264 HOH A H2  1 
HETATM 1627 O O   . HOH B 2 .   ? 10.511  10.237  -6.161  1.00 37.32  ? 265 HOH A O   1 
HETATM 1628 H H1  . HOH B 2 .   ? 10.021  10.537  -6.925  1.00 0.00   ? 265 HOH A H1  1 
HETATM 1629 H H2  . HOH B 2 .   ? 10.652  11.059  -5.696  1.00 0.00   ? 265 HOH A H2  1 
HETATM 1630 O O   . HOH B 2 .   ? 0.045   17.297  8.517   1.00 41.94  ? 266 HOH A O   1 
HETATM 1631 H H1  . HOH B 2 .   ? -0.877  17.271  8.257   1.00 0.00   ? 266 HOH A H1  1 
HETATM 1632 H H2  . HOH B 2 .   ? 0.043   17.733  9.370   1.00 0.00   ? 266 HOH A H2  1 
HETATM 1633 O O   . HOH B 2 .   ? 1.479   -17.816 -7.966  1.00 69.18  ? 267 HOH A O   1 
HETATM 1634 H H1  . HOH B 2 .   ? 0.696   -17.697 -8.506  1.00 0.00   ? 267 HOH A H1  1 
HETATM 1635 H H2  . HOH B 2 .   ? 1.419   -17.128 -7.302  1.00 0.00   ? 267 HOH A H2  1 
HETATM 1636 O O   . HOH B 2 .   ? -21.845 -2.064  5.761   1.00 60.63  ? 268 HOH A O   1 
HETATM 1637 H H1  . HOH B 2 .   ? -22.758 -2.356  5.712   1.00 0.00   ? 268 HOH A H1  1 
HETATM 1638 H H2  . HOH B 2 .   ? -21.683 -1.920  6.695   1.00 0.00   ? 268 HOH A H2  1 
HETATM 1639 O O   . HOH B 2 .   ? 4.213   22.280  0.960   1.00 72.59  ? 269 HOH A O   1 
HETATM 1640 H H1  . HOH B 2 .   ? 3.297   22.044  0.818   1.00 0.00   ? 269 HOH A H1  1 
HETATM 1641 H H2  . HOH B 2 .   ? 4.261   22.519  1.887   1.00 0.00   ? 269 HOH A H2  1 
HETATM 1642 O O   . HOH B 2 .   ? -17.648 -2.112  10.587  1.00 34.56  ? 270 HOH A O   1 
HETATM 1643 H H1  . HOH B 2 .   ? -18.472 -2.191  10.107  1.00 0.00   ? 270 HOH A H1  1 
HETATM 1644 H H2  . HOH B 2 .   ? -17.875 -1.629  11.385  1.00 0.00   ? 270 HOH A H2  1 
HETATM 1645 O O   . HOH B 2 .   ? -0.867  20.396  -2.183  1.00 54.04  ? 271 HOH A O   1 
HETATM 1646 H H1  . HOH B 2 .   ? -1.688  20.373  -2.674  1.00 0.00   ? 271 HOH A H1  1 
HETATM 1647 H H2  . HOH B 2 .   ? -1.038  20.985  -1.446  1.00 0.00   ? 271 HOH A H2  1 
HETATM 1648 O O   . HOH B 2 .   ? -16.206 -10.786 8.611   1.00 40.65  ? 272 HOH A O   1 
HETATM 1649 H H1  . HOH B 2 .   ? -17.057 -10.639 8.205   1.00 0.00   ? 272 HOH A H1  1 
HETATM 1650 H H2  . HOH B 2 .   ? -16.214 -10.184 9.351   1.00 0.00   ? 272 HOH A H2  1 
HETATM 1651 O O   . HOH B 2 .   ? 12.904  5.763   13.189  1.00 40.72  ? 273 HOH A O   1 
HETATM 1652 H H1  . HOH B 2 .   ? 11.961  5.924   13.144  1.00 0.00   ? 273 HOH A H1  1 
HETATM 1653 H H2  . HOH B 2 .   ? 13.192  6.235   13.970  1.00 0.00   ? 273 HOH A H2  1 
HETATM 1654 O O   . HOH B 2 .   ? 0.720   18.760  -0.583  1.00 36.29  ? 274 HOH A O   1 
HETATM 1655 H H1  . HOH B 2 .   ? -0.176  18.845  -0.910  1.00 0.00   ? 274 HOH A H1  1 
HETATM 1656 H H2  . HOH B 2 .   ? 0.729   19.285  0.216   1.00 0.00   ? 274 HOH A H2  1 
HETATM 1657 O O   . HOH B 2 .   ? 12.800  14.684  -6.201  1.00 52.66  ? 275 HOH A O   1 
HETATM 1658 H H1  . HOH B 2 .   ? 12.070  14.172  -6.548  1.00 0.00   ? 275 HOH A H1  1 
HETATM 1659 H H2  . HOH B 2 .   ? 12.656  14.678  -5.254  1.00 0.00   ? 275 HOH A H2  1 
HETATM 1660 O O   . HOH B 2 .   ? 10.314  1.216   -8.662  1.00 42.16  ? 276 HOH A O   1 
HETATM 1661 H H1  . HOH B 2 .   ? 9.557   1.451   -9.198  1.00 0.00   ? 276 HOH A H1  1 
HETATM 1662 H H2  . HOH B 2 .   ? 10.376  1.923   -8.021  1.00 0.00   ? 276 HOH A H2  1 
HETATM 1663 O O   . HOH B 2 .   ? -15.879 12.600  -6.594  1.00 50.19  ? 277 HOH A O   1 
HETATM 1664 H H1  . HOH B 2 .   ? -16.676 12.530  -7.118  1.00 0.00   ? 277 HOH A H1  1 
HETATM 1665 H H2  . HOH B 2 .   ? -16.128 13.160  -5.859  1.00 0.00   ? 277 HOH A H2  1 
HETATM 1666 O O   . HOH B 2 .   ? 2.234   14.016  13.214  1.00 61.81  ? 278 HOH A O   1 
HETATM 1667 H H1  . HOH B 2 .   ? 1.547   13.799  12.582  1.00 0.00   ? 278 HOH A H1  1 
HETATM 1668 H H2  . HOH B 2 .   ? 1.774   14.424  13.947  1.00 0.00   ? 278 HOH A H2  1 
HETATM 1669 O O   . HOH B 2 .   ? -0.659  12.202  12.653  1.00 35.73  ? 279 HOH A O   1 
HETATM 1670 H H1  . HOH B 2 .   ? -1.564  12.076  12.365  1.00 0.00   ? 279 HOH A H1  1 
HETATM 1671 H H2  . HOH B 2 .   ? -0.735  12.582  13.530  1.00 0.00   ? 279 HOH A H2  1 
HETATM 1672 O O   . HOH B 2 .   ? 8.813   9.692   11.120  1.00 49.12  ? 280 HOH A O   1 
HETATM 1673 H H1  . HOH B 2 .   ? 7.900   9.846   10.877  1.00 0.00   ? 280 HOH A H1  1 
HETATM 1674 H H2  . HOH B 2 .   ? 8.971   10.291  11.850  1.00 0.00   ? 280 HOH A H2  1 
HETATM 1675 O O   . HOH B 2 .   ? 5.471   15.376  -9.176  1.00 36.63  ? 281 HOH A O   1 
HETATM 1676 H H1  . HOH B 2 .   ? 4.723   14.866  -9.481  1.00 0.00   ? 281 HOH A H1  1 
HETATM 1677 H H2  . HOH B 2 .   ? 5.322   15.487  -8.237  1.00 0.00   ? 281 HOH A H2  1 
HETATM 1678 O O   . HOH B 2 .   ? -3.644  -21.676 0.234   1.00 94.42  ? 282 HOH A O   1 
HETATM 1679 H H1  . HOH B 2 .   ? -4.565  -21.750 -0.009  1.00 0.00   ? 282 HOH A H1  1 
HETATM 1680 H H2  . HOH B 2 .   ? -3.663  -21.271 1.101   1.00 0.00   ? 282 HOH A H2  1 
HETATM 1681 O O   . HOH B 2 .   ? 1.464   13.515  10.240  1.00 59.87  ? 283 HOH A O   1 
HETATM 1682 H H1  . HOH B 2 .   ? 0.556   13.218  10.210  1.00 0.00   ? 283 HOH A H1  1 
HETATM 1683 H H2  . HOH B 2 .   ? 1.577   13.830  11.134  1.00 0.00   ? 283 HOH A H2  1 
HETATM 1684 O O   . HOH B 2 .   ? -10.507 -6.751  -8.202  1.00 24.02  ? 284 HOH A O   1 
HETATM 1685 H H1  . HOH B 2 .   ? -11.386 -6.442  -8.421  1.00 0.00   ? 284 HOH A H1  1 
HETATM 1686 H H2  . HOH B 2 .   ? -10.331 -6.356  -7.353  1.00 0.00   ? 284 HOH A H2  1 
HETATM 1687 O O   . HOH B 2 .   ? 15.568  4.808   3.400   1.00 36.71  ? 285 HOH A O   1 
HETATM 1688 H H1  . HOH B 2 .   ? 14.767  4.483   2.987   1.00 0.00   ? 285 HOH A H1  1 
HETATM 1689 H H2  . HOH B 2 .   ? 15.301  5.051   4.289   1.00 0.00   ? 285 HOH A H2  1 
HETATM 1690 O O   . HOH B 2 .   ? -14.559 -14.093 11.841  1.00 97.33  ? 286 HOH A O   1 
HETATM 1691 H H1  . HOH B 2 .   ? -15.459 -13.884 11.593  1.00 0.00   ? 286 HOH A H1  1 
HETATM 1692 H H2  . HOH B 2 .   ? -14.388 -13.538 12.602  1.00 0.00   ? 286 HOH A H2  1 
HETATM 1693 O O   . HOH B 2 .   ? -11.277 12.777  -4.653  1.00 31.93  ? 287 HOH A O   1 
HETATM 1694 H H1  . HOH B 2 .   ? -12.106 12.668  -5.114  1.00 0.00   ? 287 HOH A H1  1 
HETATM 1695 H H2  . HOH B 2 .   ? -11.505 13.269  -3.865  1.00 0.00   ? 287 HOH A H2  1 
HETATM 1696 O O   . HOH B 2 .   ? 8.404   13.320  10.472  1.00 64.17  ? 288 HOH A O   1 
HETATM 1697 H H1  . HOH B 2 .   ? 7.455   13.260  10.372  1.00 0.00   ? 288 HOH A H1  1 
HETATM 1698 H H2  . HOH B 2 .   ? 8.519   13.693  11.348  1.00 0.00   ? 288 HOH A H2  1 
HETATM 1699 O O   . HOH B 2 .   ? -2.297  -20.276 -6.100  1.00 46.54  ? 289 HOH A O   1 
HETATM 1700 H H1  . HOH B 2 .   ? -3.214  -20.419 -6.348  1.00 0.00   ? 289 HOH A H1  1 
HETATM 1701 H H2  . HOH B 2 .   ? -2.328  -20.073 -5.164  1.00 0.00   ? 289 HOH A H2  1 
HETATM 1702 O O   . HOH B 2 .   ? 15.770  -13.165 -6.050  1.00 46.31  ? 290 HOH A O   1 
HETATM 1703 H H1  . HOH B 2 .   ? 14.853  -13.297 -6.270  1.00 0.00   ? 290 HOH A H1  1 
HETATM 1704 H H2  . HOH B 2 .   ? 15.723  -12.835 -5.157  1.00 0.00   ? 290 HOH A H2  1 
HETATM 1705 O O   . HOH B 2 .   ? 5.827   7.670   -11.269 1.00 72.74  ? 291 HOH A O   1 
HETATM 1706 H H1  . HOH B 2 .   ? 4.943   7.719   -11.633 1.00 0.00   ? 291 HOH A H1  1 
HETATM 1707 H H2  . HOH B 2 .   ? 5.785   8.186   -10.465 1.00 0.00   ? 291 HOH A H2  1 
HETATM 1708 O O   . HOH B 2 .   ? -1.432  -0.234  14.980  1.00 36.89  ? 292 HOH A O   1 
HETATM 1709 H H1  . HOH B 2 .   ? -2.344  -0.337  14.707  1.00 0.00   ? 292 HOH A H1  1 
HETATM 1710 H H2  . HOH B 2 .   ? -1.484  0.121   15.867  1.00 0.00   ? 292 HOH A H2  1 
HETATM 1711 O O   . HOH B 2 .   ? -19.646 -1.036  9.004   1.00 49.47  ? 293 HOH A O   1 
HETATM 1712 H H1  . HOH B 2 .   ? -20.367 -0.891  8.391   1.00 0.00   ? 293 HOH A H1  1 
HETATM 1713 H H2  . HOH B 2 .   ? -19.691 -0.297  9.612   1.00 0.00   ? 293 HOH A H2  1 
HETATM 1714 O O   . HOH B 2 .   ? 4.770   -20.108 1.053   1.00 56.04  ? 294 HOH A O   1 
HETATM 1715 H H1  . HOH B 2 .   ? 3.899   -19.844 0.755   1.00 0.00   ? 294 HOH A H1  1 
HETATM 1716 H H2  . HOH B 2 .   ? 4.985   -19.498 1.761   1.00 0.00   ? 294 HOH A H2  1 
HETATM 1717 O O   . HOH B 2 .   ? -3.740  19.844  -10.753 1.00 55.60  ? 295 HOH A O   1 
HETATM 1718 H H1  . HOH B 2 .   ? -4.605  19.841  -11.160 1.00 0.00   ? 295 HOH A H1  1 
HETATM 1719 H H2  . HOH B 2 .   ? -3.850  20.371  -9.961  1.00 0.00   ? 295 HOH A H2  1 
HETATM 1720 O O   . HOH B 2 .   ? 7.682   -15.904 -10.779 1.00 62.27  ? 296 HOH A O   1 
HETATM 1721 H H1  . HOH B 2 .   ? 6.742   -15.861 -10.963 1.00 0.00   ? 296 HOH A H1  1 
HETATM 1722 H H2  . HOH B 2 .   ? 7.775   -15.511 -9.912  1.00 0.00   ? 296 HOH A H2  1 
HETATM 1723 O O   . HOH B 2 .   ? -12.660 8.072   -19.934 1.00 70.33  ? 297 HOH A O   1 
HETATM 1724 H H1  . HOH B 2 .   ? -13.047 7.997   -20.808 1.00 0.00   ? 297 HOH A H1  1 
HETATM 1725 H H2  . HOH B 2 .   ? -12.059 8.833   -19.965 1.00 0.00   ? 297 HOH A H2  1 
HETATM 1726 O O   . HOH B 2 .   ? 5.779   3.224   -14.124 1.00 52.18  ? 298 HOH A O   1 
HETATM 1727 H H1  . HOH B 2 .   ? 4.881   3.189   -14.455 1.00 0.00   ? 298 HOH A H1  1 
HETATM 1728 H H2  . HOH B 2 .   ? 5.715   3.716   -13.306 1.00 0.00   ? 298 HOH A H2  1 
HETATM 1729 O O   . HOH B 2 .   ? 10.542  -1.631  15.176  1.00 80.73  ? 299 HOH A O   1 
HETATM 1730 H H1  . HOH B 2 .   ? 9.892   -2.261  14.859  1.00 0.00   ? 299 HOH A H1  1 
HETATM 1731 H H2  . HOH B 2 .   ? 10.599  -1.813  16.113  1.00 0.00   ? 299 HOH A H2  1 
HETATM 1732 O O   . HOH B 2 .   ? 15.913  0.189   4.770   1.00 44.47  ? 300 HOH A O   1 
HETATM 1733 H H1  . HOH B 2 .   ? 15.247  0.650   4.263   1.00 0.00   ? 300 HOH A H1  1 
HETATM 1734 H H2  . HOH B 2 .   ? 16.087  0.764   5.513   1.00 0.00   ? 300 HOH A H2  1 
HETATM 1735 O O   . HOH B 2 .   ? 13.049  -12.518 -0.640  1.00 49.45  ? 301 HOH A O   1 
HETATM 1736 H H1  . HOH B 2 .   ? 12.224  -12.805 -1.031  1.00 0.00   ? 301 HOH A H1  1 
HETATM 1737 H H2  . HOH B 2 .   ? 12.816  -12.280 0.260   1.00 0.00   ? 301 HOH A H2  1 
HETATM 1738 O O   . HOH B 2 .   ? -18.616 10.896  -9.054  1.00 70.52  ? 302 HOH A O   1 
HETATM 1739 H H1  . HOH B 2 .   ? -19.483 10.797  -9.447  1.00 0.00   ? 302 HOH A H1  1 
HETATM 1740 H H2  . HOH B 2 .   ? -18.793 11.387  -8.254  1.00 0.00   ? 302 HOH A H2  1 
HETATM 1741 O O   . HOH B 2 .   ? -3.483  19.635  -5.437  1.00 48.36  ? 303 HOH A O   1 
HETATM 1742 H H1  . HOH B 2 .   ? -4.344  19.756  -5.841  1.00 0.00   ? 303 HOH A H1  1 
HETATM 1743 H H2  . HOH B 2 .   ? -3.489  20.237  -4.695  1.00 0.00   ? 303 HOH A H2  1 
HETATM 1744 O O   . HOH B 2 .   ? 10.342  8.412   14.404  1.00 61.45  ? 304 HOH A O   1 
HETATM 1745 H H1  . HOH B 2 .   ? 9.750   8.626   13.681  1.00 0.00   ? 304 HOH A H1  1 
HETATM 1746 H H2  . HOH B 2 .   ? 10.460  9.245   14.860  1.00 0.00   ? 304 HOH A H2  1 
HETATM 1747 O O   . HOH B 2 .   ? -19.119 -6.753  10.787  1.00 29.60  ? 305 HOH A O   1 
HETATM 1748 H H1  . HOH B 2 .   ? -19.989 -6.745  10.387  1.00 0.00   ? 305 HOH A H1  1 
HETATM 1749 H H2  . HOH B 2 .   ? -19.218 -6.274  11.611  1.00 0.00   ? 305 HOH A H2  1 
HETATM 1750 O O   . HOH B 2 .   ? -21.050 -5.094  5.811   1.00 46.76  ? 306 HOH A O   1 
HETATM 1751 H H1  . HOH B 2 .   ? -21.944 -5.069  5.473   1.00 0.00   ? 306 HOH A H1  1 
HETATM 1752 H H2  . HOH B 2 .   ? -21.106 -4.618  6.638   1.00 0.00   ? 306 HOH A H2  1 
HETATM 1753 O O   . HOH B 2 .   ? 9.728   -8.491  7.522   1.00 45.60  ? 307 HOH A O   1 
HETATM 1754 H H1  . HOH B 2 .   ? 8.832   -8.702  7.265   1.00 0.00   ? 307 HOH A H1  1 
HETATM 1755 H H2  . HOH B 2 .   ? 9.650   -8.184  8.427   1.00 0.00   ? 307 HOH A H2  1 
HETATM 1756 O O   . HOH B 2 .   ? 8.418   -16.696 -15.474 1.00 92.33  ? 308 HOH A O   1 
HETATM 1757 H H1  . HOH B 2 .   ? 7.875   -17.435 -15.745 1.00 0.00   ? 308 HOH A H1  1 
HETATM 1758 H H2  . HOH B 2 .   ? 8.664   -16.901 -14.569 1.00 0.00   ? 308 HOH A H2  1 
HETATM 1759 O O   . HOH B 2 .   ? -2.886  -16.574 -9.084  1.00 40.04  ? 309 HOH A O   1 
HETATM 1760 H H1  . HOH B 2 .   ? -3.650  -16.753 -9.635  1.00 0.00   ? 309 HOH A H1  1 
HETATM 1761 H H2  . HOH B 2 .   ? -3.233  -16.131 -8.308  1.00 0.00   ? 309 HOH A H2  1 
HETATM 1762 O O   . HOH B 2 .   ? -21.338 12.352  -8.054  1.00 59.18  ? 310 HOH A O   1 
HETATM 1763 H H1  . HOH B 2 .   ? -22.259 12.409  -8.314  1.00 0.00   ? 310 HOH A H1  1 
HETATM 1764 H H2  . HOH B 2 .   ? -21.283 12.845  -7.235  1.00 0.00   ? 310 HOH A H2  1 
HETATM 1765 O O   . HOH B 2 .   ? -21.228 -4.843  8.932   1.00 55.67  ? 311 HOH A O   1 
HETATM 1766 H H1  . HOH B 2 .   ? -22.071 -4.906  8.483   1.00 0.00   ? 311 HOH A H1  1 
HETATM 1767 H H2  . HOH B 2 .   ? -21.418 -4.351  9.731   1.00 0.00   ? 311 HOH A H2  1 
HETATM 1768 O O   . HOH B 2 .   ? 4.674   -5.051  -15.137 1.00 44.44  ? 312 HOH A O   1 
HETATM 1769 H H1  . HOH B 2 .   ? 3.875   -5.180  -15.646 1.00 0.00   ? 312 HOH A H1  1 
HETATM 1770 H H2  . HOH B 2 .   ? 4.356   -4.983  -14.241 1.00 0.00   ? 312 HOH A H2  1 
HETATM 1771 O O   . HOH B 2 .   ? 6.092   -19.205 3.463   1.00 55.72  ? 313 HOH A O   1 
HETATM 1772 H H1  . HOH B 2 .   ? 5.368   -19.767 3.191   1.00 0.00   ? 313 HOH A H1  1 
HETATM 1773 H H2  . HOH B 2 .   ? 6.078   -19.237 4.419   1.00 0.00   ? 313 HOH A H2  1 
HETATM 1774 O O   . HOH B 2 .   ? 14.551  3.046   -10.360 1.00 52.27  ? 314 HOH A O   1 
HETATM 1775 H H1  . HOH B 2 .   ? 13.670  3.316   -10.616 1.00 0.00   ? 314 HOH A H1  1 
HETATM 1776 H H2  . HOH B 2 .   ? 14.741  3.588   -9.595  1.00 0.00   ? 314 HOH A H2  1 
HETATM 1777 O O   . HOH B 2 .   ? 7.996   9.737   -10.136 1.00 51.79  ? 315 HOH A O   1 
HETATM 1778 H H1  . HOH B 2 .   ? 7.094   9.611   -10.428 1.00 0.00   ? 315 HOH A H1  1 
HETATM 1779 H H2  . HOH B 2 .   ? 7.908   10.119  -9.266  1.00 0.00   ? 315 HOH A H2  1 
HETATM 1780 O O   . HOH B 2 .   ? 1.007   -21.341 -4.051  1.00 66.72  ? 316 HOH A O   1 
HETATM 1781 H H1  . HOH B 2 .   ? 0.118   -21.591 -4.298  1.00 0.00   ? 316 HOH A H1  1 
HETATM 1782 H H2  . HOH B 2 .   ? 0.941   -21.101 -3.127  1.00 0.00   ? 316 HOH A H2  1 
HETATM 1783 O O   . HOH B 2 .   ? 13.552  15.690  -1.657  1.00 81.86  ? 317 HOH A O   1 
HETATM 1784 H H1  . HOH B 2 .   ? 12.682  15.334  -1.844  1.00 0.00   ? 317 HOH A H1  1 
HETATM 1785 H H2  . HOH B 2 .   ? 13.573  15.779  -0.702  1.00 0.00   ? 317 HOH A H2  1 
HETATM 1786 O O   . HOH B 2 .   ? -18.972 3.683   3.741   1.00 33.71  ? 318 HOH A O   1 
HETATM 1787 H H1  . HOH B 2 .   ? -19.803 3.641   3.260   1.00 0.00   ? 318 HOH A H1  1 
HETATM 1788 H H2  . HOH B 2 .   ? -19.136 4.251   4.500   1.00 0.00   ? 318 HOH A H2  1 
HETATM 1789 O O   . HOH B 2 .   ? -19.459 2.002   9.323   1.00 49.30  ? 319 HOH A O   1 
HETATM 1790 H H1  . HOH B 2 .   ? -20.252 1.772   8.842   1.00 0.00   ? 319 HOH A H1  1 
HETATM 1791 H H2  . HOH B 2 .   ? -19.774 2.330   10.166  1.00 0.00   ? 319 HOH A H2  1 
HETATM 1792 O O   . HOH B 2 .   ? -18.310 6.839   3.144   1.00 53.84  ? 320 HOH A O   1 
HETATM 1793 H H1  . HOH B 2 .   ? -18.721 6.233   2.529   1.00 0.00   ? 320 HOH A H1  1 
HETATM 1794 H H2  . HOH B 2 .   ? -18.487 6.451   4.002   1.00 0.00   ? 320 HOH A H2  1 
HETATM 1795 O O   . HOH B 2 .   ? -5.951  8.483   -16.581 1.00 75.00  ? 321 HOH A O   1 
HETATM 1796 H H1  . HOH B 2 .   ? -6.791  8.433   -17.038 1.00 0.00   ? 321 HOH A H1  1 
HETATM 1797 H H2  . HOH B 2 .   ? -6.137  9.048   -15.834 1.00 0.00   ? 321 HOH A H2  1 
HETATM 1798 O O   . HOH B 2 .   ? 2.058   11.597  15.389  1.00 99.74  ? 322 HOH A O   1 
HETATM 1799 H H1  . HOH B 2 .   ? 1.328   11.752  14.790  1.00 0.00   ? 322 HOH A H1  1 
HETATM 1800 H H2  . HOH B 2 .   ? 2.021   12.328  16.004  1.00 0.00   ? 322 HOH A H2  1 
HETATM 1801 O O   . HOH B 2 .   ? -4.119  -15.367 -11.799 1.00 57.93  ? 323 HOH A O   1 
HETATM 1802 H H1  . HOH B 2 .   ? -4.932  -15.859 -11.925 1.00 0.00   ? 323 HOH A H1  1 
HETATM 1803 H H2  . HOH B 2 .   ? -4.003  -15.333 -10.847 1.00 0.00   ? 323 HOH A H2  1 
HETATM 1804 O O   . HOH B 2 .   ? -6.810  -11.778 -12.285 1.00 53.87  ? 324 HOH A O   1 
HETATM 1805 H H1  . HOH B 2 .   ? -7.758  -11.678 -12.390 1.00 0.00   ? 324 HOH A H1  1 
HETATM 1806 H H2  . HOH B 2 .   ? -6.643  -11.634 -11.352 1.00 0.00   ? 324 HOH A H2  1 
HETATM 1807 O O   . HOH B 2 .   ? 2.371   20.208  5.261   1.00 80.14  ? 325 HOH A O   1 
HETATM 1808 H H1  . HOH B 2 .   ? 1.615   20.419  4.713   1.00 0.00   ? 325 HOH A H1  1 
HETATM 1809 H H2  . HOH B 2 .   ? 2.269   20.760  6.035   1.00 0.00   ? 325 HOH A H2  1 
HETATM 1810 O O   . HOH B 2 .   ? -1.191  -16.107 10.610  1.00 71.27  ? 326 HOH A O   1 
HETATM 1811 H H1  . HOH B 2 .   ? -1.908  -16.336 11.211  1.00 0.00   ? 326 HOH A H1  1 
HETATM 1812 H H2  . HOH B 2 .   ? -1.070  -15.158 10.700  1.00 0.00   ? 326 HOH A H2  1 
HETATM 1813 O O   . HOH B 2 .   ? 10.462  -1.252  11.703  1.00 36.03  ? 327 HOH A O   1 
HETATM 1814 H H1  . HOH B 2 .   ? 11.223  -1.798  11.917  1.00 0.00   ? 327 HOH A H1  1 
HETATM 1815 H H2  . HOH B 2 .   ? 10.549  -0.470  12.245  1.00 0.00   ? 327 HOH A H2  1 
HETATM 1816 O O   . HOH B 2 .   ? 2.063   2.507   -18.502 1.00 65.76  ? 328 HOH A O   1 
HETATM 1817 H H1  . HOH B 2 .   ? 2.727   1.871   -18.775 1.00 0.00   ? 328 HOH A H1  1 
HETATM 1818 H H2  . HOH B 2 .   ? 2.554   3.301   -18.288 1.00 0.00   ? 328 HOH A H2  1 
HETATM 1819 O O   . HOH B 2 .   ? 9.191   4.805   14.875  1.00 77.76  ? 329 HOH A O   1 
HETATM 1820 H H1  . HOH B 2 .   ? 8.562   5.511   14.726  1.00 0.00   ? 329 HOH A H1  1 
HETATM 1821 H H2  . HOH B 2 .   ? 9.633   5.050   15.691  1.00 0.00   ? 329 HOH A H2  1 
HETATM 1822 O O   . HOH B 2 .   ? -1.483  -6.887  -11.926 1.00 67.86  ? 330 HOH A O   1 
HETATM 1823 H H1  . HOH B 2 .   ? -1.426  -5.991  -12.266 1.00 0.00   ? 330 HOH A H1  1 
HETATM 1824 H H2  . HOH B 2 .   ? -2.288  -6.925  -11.405 1.00 0.00   ? 330 HOH A H2  1 
HETATM 1825 O O   . HOH B 2 .   ? 5.333   13.050  -11.038 1.00 69.47  ? 331 HOH A O   1 
HETATM 1826 H H1  . HOH B 2 .   ? 4.786   13.463  -11.707 1.00 0.00   ? 331 HOH A H1  1 
HETATM 1827 H H2  . HOH B 2 .   ? 5.348   13.685  -10.319 1.00 0.00   ? 331 HOH A H2  1 
# 
